data_9J6E
#
_entry.id   9J6E
#
_cell.length_a   59.681
_cell.length_b   126.691
_cell.length_c   84.856
_cell.angle_alpha   90.00
_cell.angle_beta   102.91
_cell.angle_gamma   90.00
#
_symmetry.space_group_name_H-M   'P 1 21 1'
#
loop_
_entity.id
_entity.type
_entity.pdbx_description
1 polymer '3-oxopimeloyl-[acyl-carrier-protein] synthase'
2 non-polymer 'COENZYME A'
3 water water
#
_entity_poly.entity_id   1
_entity_poly.type   'polypeptide(L)'
_entity_poly.pdbx_seq_one_letter_code
;MQTRSSRMAGFGHAVPARCVDNAEIEASLGLEAGWIERRTGIRSRYWAEAGDTLSGLAERAGRMALEDAKINADDIALTL
LATSTPDHLLPPSAPLLAHRLGLTRSGAIDLAGA(A1ECI)SGFLYALTLADGFVRTYGRAVLVVAANILSRRINPAERA
SAVLFADAAGAVVLTPCPEVKRGVLSADLVADGSGYDLIQIAAGGSSQPFSAGMIAEDALMTMRDGREVFSRAVALMTNT
SQRVLHEAELTAADISRFVPHQANARMSDAVCGNLGIEREKTVRTIGSFGNSSAATIPLSLSITNAERPLAGGETLLLTA
AGAGMTGGAVVYRV
;
_entity_poly.pdbx_strand_id   A,B,C,D
#
loop_
_chem_comp.id
_chem_comp.type
_chem_comp.name
_chem_comp.formula
COA non-polymer 'COENZYME A' 'C21 H36 N7 O16 P3 S'
#
# COMPACT_ATOMS: atom_id res chain seq x y z
N GLN A 2 -10.33 35.37 6.30
CA GLN A 2 -10.23 34.79 7.63
C GLN A 2 -10.47 33.26 7.65
N THR A 3 -11.33 32.76 6.77
CA THR A 3 -11.46 31.31 6.62
C THR A 3 -10.21 30.75 5.97
N ARG A 4 -9.57 29.75 6.58
CA ARG A 4 -8.48 29.06 5.90
C ARG A 4 -8.68 27.56 5.77
N SER A 5 -9.77 27.00 6.28
CA SER A 5 -9.98 25.57 6.07
C SER A 5 -11.45 25.27 6.33
N SER A 6 -11.84 24.05 6.01
CA SER A 6 -13.20 23.62 6.21
C SER A 6 -13.19 22.47 7.19
N ARG A 7 -14.26 22.32 7.93
CA ARG A 7 -14.34 21.16 8.80
C ARG A 7 -15.65 20.47 8.55
N MET A 8 -15.61 19.15 8.69
CA MET A 8 -16.81 18.34 8.56
C MET A 8 -17.53 18.44 9.89
N ALA A 9 -18.51 19.33 9.95
CA ALA A 9 -19.18 19.65 11.21
C ALA A 9 -20.32 18.70 11.54
N GLY A 10 -20.76 17.88 10.58
CA GLY A 10 -21.87 16.98 10.82
C GLY A 10 -21.97 15.88 9.78
N PHE A 11 -22.51 14.72 10.16
CA PHE A 11 -22.52 13.53 9.31
C PHE A 11 -23.92 12.93 9.31
N GLY A 12 -24.24 12.26 8.22
CA GLY A 12 -25.51 11.58 8.12
C GLY A 12 -25.48 10.54 7.01
N HIS A 13 -26.37 9.57 7.13
CA HIS A 13 -26.52 8.55 6.10
C HIS A 13 -27.94 7.98 6.19
N ALA A 14 -28.38 7.40 5.08
CA ALA A 14 -29.69 6.78 5.01
C ALA A 14 -29.65 5.65 3.99
N VAL A 15 -30.54 4.67 4.17
CA VAL A 15 -30.74 3.57 3.22
C VAL A 15 -32.23 3.27 3.12
N PRO A 16 -32.66 2.66 2.02
CA PRO A 16 -34.04 2.20 1.92
C PRO A 16 -34.28 0.99 2.80
N ALA A 17 -35.54 0.57 2.89
CA ALA A 17 -35.97 -0.42 3.88
C ALA A 17 -35.80 -1.86 3.42
N ARG A 18 -35.71 -2.13 2.13
CA ARG A 18 -35.61 -3.52 1.66
C ARG A 18 -34.19 -4.02 1.88
N CYS A 19 -34.03 -4.96 2.80
CA CYS A 19 -32.75 -5.60 3.01
C CYS A 19 -32.71 -6.82 2.10
N VAL A 20 -31.61 -6.99 1.37
CA VAL A 20 -31.45 -8.06 0.39
C VAL A 20 -30.25 -8.92 0.82
N ASP A 21 -30.51 -10.09 1.38
CA ASP A 21 -29.39 -10.97 1.73
C ASP A 21 -28.75 -11.54 0.49
N ASN A 22 -27.50 -12.01 0.65
CA ASN A 22 -26.80 -12.66 -0.44
C ASN A 22 -27.62 -13.82 -0.99
N ALA A 23 -28.33 -14.52 -0.11
CA ALA A 23 -29.00 -15.76 -0.50
C ALA A 23 -30.04 -15.51 -1.60
N GLU A 24 -30.78 -14.40 -1.49
CA GLU A 24 -31.80 -14.09 -2.50
C GLU A 24 -31.19 -13.84 -3.87
N ILE A 25 -30.06 -13.13 -3.92
CA ILE A 25 -29.43 -12.87 -5.21
C ILE A 25 -28.76 -14.13 -5.74
N GLU A 26 -28.18 -14.93 -4.85
CA GLU A 26 -27.54 -16.17 -5.27
C GLU A 26 -28.55 -17.12 -5.92
N ALA A 27 -29.72 -17.28 -5.31
CA ALA A 27 -30.78 -18.10 -5.90
C ALA A 27 -31.10 -17.60 -7.30
N SER A 28 -31.36 -16.30 -7.42
CA SER A 28 -31.56 -15.64 -8.71
C SER A 28 -30.52 -16.03 -9.74
N LEU A 29 -29.26 -16.10 -9.35
CA LEU A 29 -28.21 -16.31 -10.32
C LEU A 29 -27.80 -17.76 -10.44
N GLY A 30 -28.50 -18.65 -9.72
CA GLY A 30 -28.13 -20.05 -9.59
C GLY A 30 -26.72 -20.24 -9.08
N LEU A 31 -26.43 -19.59 -7.95
CA LEU A 31 -25.12 -19.62 -7.32
C LEU A 31 -25.20 -20.33 -5.99
N GLU A 32 -24.08 -20.99 -5.72
CA GLU A 32 -23.97 -21.80 -4.50
C GLU A 32 -23.90 -20.86 -3.31
N ALA A 33 -24.25 -21.39 -2.14
CA ALA A 33 -24.32 -20.49 -0.98
C ALA A 33 -22.92 -19.99 -0.61
N GLY A 34 -22.86 -18.76 -0.09
CA GLY A 34 -21.58 -18.15 0.25
C GLY A 34 -20.81 -17.58 -0.91
N TRP A 35 -21.31 -17.74 -2.14
CA TRP A 35 -20.58 -17.33 -3.33
C TRP A 35 -20.27 -15.83 -3.31
N ILE A 36 -21.29 -15.02 -3.00
CA ILE A 36 -21.09 -13.57 -3.05
C ILE A 36 -20.13 -13.12 -1.97
N GLU A 37 -20.32 -13.61 -0.73
CA GLU A 37 -19.45 -13.16 0.34
C GLU A 37 -18.00 -13.56 0.09
N ARG A 38 -17.76 -14.80 -0.34
CA ARG A 38 -16.41 -15.22 -0.73
C ARG A 38 -15.72 -14.17 -1.61
N ARG A 39 -16.43 -13.71 -2.65
CA ARG A 39 -15.79 -12.95 -3.71
C ARG A 39 -15.88 -11.45 -3.53
N THR A 40 -16.77 -10.96 -2.68
CA THR A 40 -16.96 -9.53 -2.51
C THR A 40 -16.99 -9.07 -1.07
N GLY A 41 -17.18 -9.97 -0.10
CA GLY A 41 -17.32 -9.54 1.28
C GLY A 41 -18.66 -8.92 1.61
N ILE A 42 -19.54 -8.73 0.64
CA ILE A 42 -20.89 -8.30 0.95
C ILE A 42 -21.65 -9.46 1.57
N ARG A 43 -22.44 -9.14 2.57
CA ARG A 43 -23.38 -10.10 3.17
C ARG A 43 -24.81 -9.69 2.81
N SER A 44 -25.08 -8.40 2.79
CA SER A 44 -26.40 -7.89 2.43
C SER A 44 -26.24 -6.43 2.02
N ARG A 45 -27.32 -5.91 1.45
CA ARG A 45 -27.35 -4.58 0.84
C ARG A 45 -28.78 -4.07 0.94
N TYR A 46 -28.96 -2.76 0.81
CA TYR A 46 -30.29 -2.17 0.81
C TYR A 46 -30.67 -1.73 -0.59
N TRP A 47 -31.88 -2.11 -1.01
CA TRP A 47 -32.43 -1.69 -2.28
C TRP A 47 -33.67 -0.83 -2.04
N ALA A 48 -33.94 0.07 -3.00
CA ALA A 48 -35.15 0.89 -2.94
C ALA A 48 -36.39 0.05 -3.20
N GLU A 49 -37.50 0.48 -2.59
CA GLU A 49 -38.81 -0.05 -2.90
C GLU A 49 -39.52 0.88 -3.87
N ALA A 50 -40.65 0.40 -4.41
CA ALA A 50 -41.42 1.19 -5.34
C ALA A 50 -41.92 2.46 -4.65
N GLY A 51 -41.74 3.60 -5.32
CA GLY A 51 -42.14 4.86 -4.75
C GLY A 51 -41.05 5.61 -4.01
N ASP A 52 -39.99 4.91 -3.57
CA ASP A 52 -38.85 5.61 -3.00
C ASP A 52 -38.21 6.52 -4.05
N THR A 53 -37.66 7.64 -3.60
CA THR A 53 -37.04 8.57 -4.54
C THR A 53 -35.62 8.92 -4.10
N LEU A 54 -34.77 9.19 -5.09
CA LEU A 54 -33.40 9.59 -4.81
C LEU A 54 -33.36 10.82 -3.92
N SER A 55 -34.16 11.83 -4.25
CA SER A 55 -34.16 13.06 -3.47
C SER A 55 -34.65 12.83 -2.05
N GLY A 56 -35.64 11.96 -1.87
CA GLY A 56 -36.07 11.61 -0.53
C GLY A 56 -35.00 10.88 0.26
N LEU A 57 -34.33 9.92 -0.39
CA LEU A 57 -33.21 9.26 0.28
C LEU A 57 -32.13 10.28 0.66
N ALA A 58 -31.72 11.12 -0.31
CA ALA A 58 -30.71 12.14 -0.04
C ALA A 58 -31.15 13.08 1.08
N GLU A 59 -32.44 13.39 1.13
CA GLU A 59 -32.94 14.31 2.16
C GLU A 59 -32.78 13.73 3.55
N ARG A 60 -33.02 12.42 3.71
CA ARG A 60 -32.86 11.83 5.04
C ARG A 60 -31.41 11.90 5.50
N ALA A 61 -30.46 11.61 4.61
CA ALA A 61 -29.06 11.76 4.99
C ALA A 61 -28.71 13.21 5.23
N GLY A 62 -29.16 14.11 4.36
CA GLY A 62 -28.85 15.52 4.52
C GLY A 62 -29.34 16.06 5.85
N ARG A 63 -30.57 15.72 6.23
CA ARG A 63 -31.14 16.24 7.47
C ARG A 63 -30.42 15.69 8.70
N MET A 64 -30.06 14.41 8.67
CA MET A 64 -29.27 13.85 9.77
C MET A 64 -27.95 14.60 9.90
N ALA A 65 -27.36 14.99 8.77
CA ALA A 65 -26.10 15.72 8.80
C ALA A 65 -26.27 17.14 9.32
N LEU A 66 -27.35 17.82 8.91
CA LEU A 66 -27.62 19.16 9.40
C LEU A 66 -27.89 19.14 10.90
N GLU A 67 -28.72 18.19 11.34
CA GLU A 67 -29.01 18.08 12.76
C GLU A 67 -27.76 17.71 13.57
N ASP A 68 -26.94 16.79 13.07
CA ASP A 68 -25.69 16.47 13.74
C ASP A 68 -24.77 17.68 13.85
N ALA A 69 -24.83 18.57 12.86
CA ALA A 69 -24.01 19.77 12.88
C ALA A 69 -24.59 20.87 13.76
N LYS A 70 -25.86 20.71 14.20
CA LYS A 70 -26.56 21.74 14.97
C LYS A 70 -26.44 23.10 14.27
N ILE A 71 -26.65 23.09 12.95
CA ILE A 71 -26.38 24.24 12.11
C ILE A 71 -27.71 24.80 11.64
N ASN A 72 -27.84 26.12 11.72
CA ASN A 72 -29.06 26.79 11.27
C ASN A 72 -29.15 26.73 9.74
N ALA A 73 -30.35 26.42 9.23
CA ALA A 73 -30.49 26.18 7.79
C ALA A 73 -30.05 27.37 6.96
N ASP A 74 -30.14 28.59 7.49
CA ASP A 74 -29.69 29.76 6.75
C ASP A 74 -28.19 29.73 6.46
N ASP A 75 -27.42 28.96 7.22
CA ASP A 75 -25.97 28.98 7.03
C ASP A 75 -25.54 28.19 5.79
N ILE A 76 -26.40 27.33 5.24
CA ILE A 76 -26.01 26.50 4.09
C ILE A 76 -26.13 27.37 2.83
N ALA A 77 -24.99 27.73 2.27
CA ALA A 77 -24.97 28.58 1.10
C ALA A 77 -24.95 27.79 -0.20
N LEU A 78 -24.66 26.48 -0.15
CA LEU A 78 -24.51 25.69 -1.36
C LEU A 78 -24.72 24.22 -1.03
N THR A 79 -25.54 23.56 -1.83
CA THR A 79 -25.81 22.13 -1.72
C THR A 79 -25.24 21.43 -2.94
N LEU A 80 -24.33 20.49 -2.72
CA LEU A 80 -23.75 19.65 -3.78
C LEU A 80 -24.28 18.23 -3.61
N LEU A 81 -24.95 17.72 -4.65
CA LEU A 81 -25.49 16.37 -4.66
C LEU A 81 -24.74 15.54 -5.70
N ALA A 82 -23.84 14.69 -5.25
CA ALA A 82 -23.17 13.75 -6.13
C ALA A 82 -24.07 12.54 -6.31
N THR A 83 -24.67 12.41 -7.49
CA THR A 83 -25.49 11.26 -7.80
C THR A 83 -25.29 10.88 -9.26
N SER A 84 -25.48 9.60 -9.55
CA SER A 84 -25.61 9.09 -10.91
C SER A 84 -27.07 8.84 -11.26
N THR A 85 -27.98 8.97 -10.30
CA THR A 85 -29.37 8.51 -10.46
C THR A 85 -30.37 9.58 -10.02
N PRO A 86 -30.28 10.79 -10.58
CA PRO A 86 -31.25 11.83 -10.20
C PRO A 86 -32.69 11.41 -10.45
N ASP A 87 -33.60 12.05 -9.70
CA ASP A 87 -35.04 11.78 -9.82
C ASP A 87 -35.48 11.84 -11.28
N HIS A 88 -35.02 12.88 -12.00
CA HIS A 88 -35.41 13.14 -13.38
C HIS A 88 -34.18 13.54 -14.17
N LEU A 89 -34.23 13.28 -15.48
CA LEU A 89 -33.18 13.73 -16.38
C LEU A 89 -33.14 15.25 -16.50
N LEU A 90 -34.17 15.92 -16.02
CA LEU A 90 -34.30 17.37 -15.99
C LEU A 90 -35.51 17.67 -15.12
N PRO A 91 -35.42 18.59 -14.16
CA PRO A 91 -34.19 19.30 -13.78
C PRO A 91 -33.25 18.43 -12.88
N PRO A 92 -32.07 18.94 -12.53
CA PRO A 92 -31.26 18.26 -11.52
C PRO A 92 -32.02 18.06 -10.22
N SER A 93 -31.58 17.07 -9.43
CA SER A 93 -32.28 16.80 -8.19
C SER A 93 -31.85 17.71 -7.04
N ALA A 94 -30.67 18.33 -7.14
CA ALA A 94 -30.16 19.13 -6.03
C ALA A 94 -31.07 20.28 -5.63
N PRO A 95 -31.66 21.07 -6.55
CA PRO A 95 -32.57 22.13 -6.08
C PRO A 95 -33.76 21.61 -5.28
N LEU A 96 -34.33 20.47 -5.68
CA LEU A 96 -35.42 19.89 -4.92
C LEU A 96 -34.95 19.46 -3.53
N LEU A 97 -33.80 18.81 -3.46
CA LEU A 97 -33.24 18.40 -2.17
C LEU A 97 -33.06 19.59 -1.23
N ALA A 98 -32.47 20.67 -1.72
CA ALA A 98 -32.25 21.84 -0.88
C ALA A 98 -33.58 22.46 -0.45
N HIS A 99 -34.56 22.45 -1.36
CA HIS A 99 -35.89 22.95 -1.04
C HIS A 99 -36.56 22.10 0.03
N ARG A 100 -36.51 20.77 -0.10
CA ARG A 100 -37.15 19.92 0.90
C ARG A 100 -36.45 19.97 2.25
N LEU A 101 -35.17 20.34 2.28
CA LEU A 101 -34.46 20.48 3.55
C LEU A 101 -34.59 21.87 4.15
N GLY A 102 -35.31 22.78 3.49
CA GLY A 102 -35.50 24.12 4.02
C GLY A 102 -34.32 25.05 3.91
N LEU A 103 -33.41 24.80 2.95
CA LEU A 103 -32.18 25.60 2.83
C LEU A 103 -32.47 26.74 1.86
N THR A 104 -33.11 27.79 2.39
CA THR A 104 -33.64 28.82 1.52
C THR A 104 -32.56 29.77 1.01
N ARG A 105 -31.34 29.71 1.52
CA ARG A 105 -30.26 30.54 0.99
C ARG A 105 -29.25 29.74 0.19
N SER A 106 -29.56 28.49 -0.14
CA SER A 106 -28.55 27.60 -0.70
C SER A 106 -28.73 27.49 -2.21
N GLY A 107 -27.64 27.63 -2.94
CA GLY A 107 -27.59 27.15 -4.31
C GLY A 107 -27.62 25.64 -4.31
N ALA A 108 -27.63 25.06 -5.52
CA ALA A 108 -27.73 23.61 -5.63
C ALA A 108 -27.37 23.13 -7.02
N ILE A 109 -26.56 22.09 -7.11
CA ILE A 109 -26.19 21.50 -8.40
C ILE A 109 -25.83 20.03 -8.16
N ASP A 110 -26.12 19.21 -9.17
CA ASP A 110 -25.75 17.80 -9.16
C ASP A 110 -24.35 17.66 -9.75
N LEU A 111 -23.51 16.83 -9.11
CA LEU A 111 -22.27 16.37 -9.71
C LEU A 111 -22.39 14.91 -10.11
N ALA A 112 -21.91 14.58 -11.31
CA ALA A 112 -21.98 13.22 -11.83
C ALA A 112 -20.54 12.74 -12.03
N GLY A 113 -20.03 11.96 -11.08
CA GLY A 113 -18.67 11.48 -11.16
C GLY A 113 -18.56 10.00 -10.87
N ALA A 114 -19.68 9.30 -10.98
CA ALA A 114 -19.77 7.88 -10.61
C ALA A 114 -19.31 7.65 -9.16
N A1ECI A 115 -18.61 6.54 -8.92
CA A1ECI A 115 -18.12 6.27 -7.56
C6 A1ECI A 115 -17.08 7.28 -7.02
O A1ECI A 115 -16.76 7.23 -5.82
CB A1ECI A 115 -17.53 4.86 -7.49
SG A1ECI A 115 -18.68 3.56 -8.12
C1 A1ECI A 115 -22.13 4.30 -10.50
C2 A1ECI A 115 -22.08 2.80 -10.87
C3 A1ECI A 115 -20.64 2.40 -11.26
C4 A1ECI A 115 -19.74 2.15 -10.03
C5 A1ECI A 115 -18.72 3.30 -9.72
O1 A1ECI A 115 -23.22 4.92 -10.64
O2 A1ECI A 115 -21.10 4.84 -10.07
O3 A1ECI A 115 -18.10 3.87 -10.62
N SER A 116 -16.56 8.17 -7.86
CA SER A 116 -15.60 9.19 -7.40
C SER A 116 -16.31 10.49 -7.01
N GLY A 117 -17.62 10.51 -7.24
CA GLY A 117 -18.37 11.75 -7.18
C GLY A 117 -18.21 12.47 -5.86
N PHE A 118 -18.20 11.74 -4.74
CA PHE A 118 -18.13 12.40 -3.46
C PHE A 118 -16.78 13.08 -3.25
N LEU A 119 -15.71 12.50 -3.77
CA LEU A 119 -14.42 13.11 -3.52
C LEU A 119 -14.26 14.37 -4.38
N TYR A 120 -14.81 14.36 -5.59
CA TYR A 120 -14.86 15.59 -6.38
C TYR A 120 -15.73 16.62 -5.69
N ALA A 121 -16.92 16.20 -5.24
CA ALA A 121 -17.79 17.12 -4.51
C ALA A 121 -17.07 17.70 -3.30
N LEU A 122 -16.40 16.83 -2.52
CA LEU A 122 -15.72 17.28 -1.31
C LEU A 122 -14.62 18.28 -1.64
N THR A 123 -13.83 18.00 -2.68
CA THR A 123 -12.72 18.87 -3.03
C THR A 123 -13.22 20.25 -3.47
N LEU A 124 -14.25 20.27 -4.33
CA LEU A 124 -14.74 21.54 -4.85
C LEU A 124 -15.50 22.32 -3.78
N ALA A 125 -16.16 21.62 -2.86
CA ALA A 125 -16.88 22.29 -1.79
C ALA A 125 -15.91 22.93 -0.82
N ASP A 126 -14.83 22.22 -0.49
CA ASP A 126 -13.76 22.80 0.32
C ASP A 126 -13.22 24.08 -0.32
N GLY A 127 -13.06 24.09 -1.64
CA GLY A 127 -12.67 25.32 -2.32
C GLY A 127 -13.71 26.42 -2.16
N PHE A 128 -14.99 26.06 -2.27
CA PHE A 128 -16.05 27.05 -2.06
C PHE A 128 -16.02 27.59 -0.64
N VAL A 129 -15.92 26.69 0.35
CA VAL A 129 -15.93 27.12 1.75
C VAL A 129 -14.78 28.09 2.02
N ARG A 130 -13.58 27.78 1.53
CA ARG A 130 -12.44 28.63 1.83
C ARG A 130 -12.44 29.94 1.05
N THR A 131 -13.12 29.96 -0.09
CA THR A 131 -13.16 31.16 -0.92
C THR A 131 -14.23 32.13 -0.44
N TYR A 132 -15.42 31.65 -0.10
CA TYR A 132 -16.50 32.54 0.29
C TYR A 132 -16.79 32.55 1.78
N GLY A 133 -16.20 31.64 2.54
CA GLY A 133 -16.40 31.64 3.97
C GLY A 133 -17.81 31.29 4.38
N ARG A 134 -18.41 30.29 3.73
CA ARG A 134 -19.79 29.91 4.01
C ARG A 134 -19.90 28.39 3.97
N ALA A 135 -20.88 27.86 4.69
CA ALA A 135 -21.07 26.44 4.82
C ALA A 135 -21.70 25.81 3.58
N VAL A 136 -21.35 24.53 3.34
CA VAL A 136 -21.79 23.76 2.19
C VAL A 136 -22.30 22.40 2.67
N LEU A 137 -23.43 21.97 2.13
CA LEU A 137 -23.94 20.63 2.37
C LEU A 137 -23.55 19.77 1.18
N VAL A 138 -22.83 18.68 1.43
CA VAL A 138 -22.40 17.75 0.39
C VAL A 138 -23.13 16.43 0.64
N VAL A 139 -24.00 16.05 -0.29
CA VAL A 139 -24.70 14.78 -0.21
C VAL A 139 -24.25 13.93 -1.39
N ALA A 140 -24.11 12.63 -1.16
CA ALA A 140 -23.93 11.67 -2.23
C ALA A 140 -25.01 10.61 -2.08
N ALA A 141 -25.70 10.29 -3.17
CA ALA A 141 -26.78 9.31 -3.05
C ALA A 141 -26.97 8.63 -4.39
N ASN A 142 -27.39 7.37 -4.33
CA ASN A 142 -27.68 6.65 -5.57
C ASN A 142 -28.72 5.58 -5.28
N ILE A 143 -29.59 5.37 -6.27
CA ILE A 143 -30.45 4.21 -6.32
C ILE A 143 -29.98 3.42 -7.53
N LEU A 144 -28.91 2.65 -7.37
CA LEU A 144 -28.38 1.85 -8.47
C LEU A 144 -29.26 0.65 -8.77
N SER A 145 -30.07 0.20 -7.82
CA SER A 145 -30.83 -1.03 -8.00
C SER A 145 -31.75 -0.94 -9.22
N ARG A 146 -32.33 0.23 -9.50
CA ARG A 146 -33.20 0.37 -10.68
C ARG A 146 -32.42 0.34 -11.98
N ARG A 147 -31.10 0.42 -11.93
CA ARG A 147 -30.24 0.31 -13.10
C ARG A 147 -29.49 -1.01 -13.18
N ILE A 148 -29.62 -1.89 -12.18
CA ILE A 148 -28.91 -3.16 -12.19
C ILE A 148 -29.48 -4.04 -13.30
N ASN A 149 -28.59 -4.61 -14.10
CA ASN A 149 -29.00 -5.70 -14.99
C ASN A 149 -29.02 -6.96 -14.15
N PRO A 150 -30.20 -7.52 -13.83
CA PRO A 150 -30.25 -8.66 -12.90
C PRO A 150 -29.52 -9.88 -13.40
N ALA A 151 -29.36 -10.03 -14.72
CA ALA A 151 -28.68 -11.20 -15.25
C ALA A 151 -27.16 -11.10 -15.17
N GLU A 152 -26.59 -9.90 -15.00
CA GLU A 152 -25.15 -9.73 -15.06
C GLU A 152 -24.58 -9.94 -13.67
N ARG A 153 -23.99 -11.11 -13.46
CA ARG A 153 -23.53 -11.51 -12.13
C ARG A 153 -22.56 -10.50 -11.55
N ALA A 154 -21.63 -9.99 -12.37
CA ALA A 154 -20.57 -9.14 -11.85
C ALA A 154 -21.10 -7.87 -11.20
N SER A 155 -22.18 -7.29 -11.74
CA SER A 155 -22.73 -6.05 -11.19
C SER A 155 -23.91 -6.29 -10.26
N ALA A 156 -24.74 -7.31 -10.52
CA ALA A 156 -25.95 -7.51 -9.72
C ALA A 156 -25.64 -7.89 -8.28
N VAL A 157 -24.48 -8.48 -8.01
CA VAL A 157 -24.15 -8.90 -6.65
C VAL A 157 -23.54 -7.78 -5.82
N LEU A 158 -23.17 -6.67 -6.43
CA LEU A 158 -22.41 -5.61 -5.77
C LEU A 158 -23.25 -4.39 -5.42
N PHE A 159 -24.08 -3.94 -6.35
CA PHE A 159 -24.58 -2.58 -6.30
C PHE A 159 -25.76 -2.45 -5.35
N ALA A 160 -25.91 -1.26 -4.78
CA ALA A 160 -26.82 -1.07 -3.66
C ALA A 160 -27.25 0.40 -3.62
N ASP A 161 -28.18 0.70 -2.73
CA ASP A 161 -28.78 2.03 -2.63
C ASP A 161 -28.46 2.62 -1.28
N ALA A 162 -28.02 3.88 -1.26
CA ALA A 162 -27.68 4.55 -0.01
C ALA A 162 -27.47 6.04 -0.28
N ALA A 163 -27.47 6.81 0.81
CA ALA A 163 -27.09 8.22 0.79
C ALA A 163 -26.17 8.52 1.96
N GLY A 164 -25.22 9.42 1.73
CA GLY A 164 -24.36 9.92 2.79
C GLY A 164 -24.15 11.41 2.64
N ALA A 165 -24.01 12.10 3.77
CA ALA A 165 -24.03 13.56 3.79
C ALA A 165 -23.02 14.09 4.78
N VAL A 166 -22.43 15.24 4.44
CA VAL A 166 -21.45 15.92 5.29
C VAL A 166 -21.71 17.41 5.22
N VAL A 167 -21.81 18.06 6.39
CA VAL A 167 -21.85 19.51 6.47
C VAL A 167 -20.44 20.05 6.62
N LEU A 168 -19.99 20.82 5.63
CA LEU A 168 -18.68 21.48 5.67
C LEU A 168 -18.87 22.93 6.14
N THR A 169 -18.24 23.28 7.27
CA THR A 169 -18.36 24.65 7.76
C THR A 169 -17.02 25.37 7.70
N PRO A 170 -17.05 26.69 7.53
CA PRO A 170 -15.79 27.46 7.49
C PRO A 170 -15.08 27.46 8.84
N CYS A 171 -13.77 27.31 8.76
CA CYS A 171 -12.93 27.25 9.93
C CYS A 171 -11.79 28.26 9.77
N PRO A 172 -11.48 29.02 10.82
CA PRO A 172 -10.40 30.02 10.70
C PRO A 172 -9.00 29.44 10.65
N GLU A 173 -8.76 28.26 11.20
CA GLU A 173 -7.37 27.89 11.44
C GLU A 173 -6.78 27.08 10.30
N VAL A 174 -5.44 27.07 10.27
CA VAL A 174 -4.64 26.44 9.21
C VAL A 174 -4.17 25.06 9.65
N LYS A 175 -3.52 24.33 8.74
CA LYS A 175 -2.90 23.04 9.06
C LYS A 175 -3.92 22.00 9.53
N ARG A 176 -5.14 22.10 9.05
CA ARG A 176 -6.17 21.12 9.34
C ARG A 176 -7.16 21.11 8.18
N GLY A 177 -8.21 20.30 8.31
CA GLY A 177 -9.15 20.17 7.20
C GLY A 177 -8.54 19.41 6.05
N VAL A 178 -8.83 19.87 4.83
CA VAL A 178 -8.30 19.21 3.64
C VAL A 178 -6.82 19.59 3.50
N LEU A 179 -5.94 18.62 3.75
CA LEU A 179 -4.51 18.84 3.66
C LEU A 179 -3.96 18.66 2.26
N SER A 180 -4.54 17.77 1.48
CA SER A 180 -4.15 17.57 0.11
C SER A 180 -5.28 16.84 -0.59
N ALA A 181 -5.34 17.01 -1.90
CA ALA A 181 -6.35 16.36 -2.73
C ALA A 181 -5.72 16.08 -4.08
N ASP A 182 -6.15 14.98 -4.69
CA ASP A 182 -5.68 14.65 -6.03
C ASP A 182 -6.82 14.00 -6.80
N LEU A 183 -7.20 14.64 -7.91
CA LEU A 183 -8.34 14.24 -8.73
C LEU A 183 -7.84 13.82 -10.11
N VAL A 184 -8.24 12.63 -10.54
CA VAL A 184 -7.69 12.05 -11.77
C VAL A 184 -8.85 11.52 -12.60
N ALA A 185 -8.57 11.39 -13.89
CA ALA A 185 -9.49 10.78 -14.84
C ALA A 185 -8.66 10.02 -15.86
N ASP A 186 -9.23 8.93 -16.37
CA ASP A 186 -8.57 8.11 -17.41
C ASP A 186 -9.65 7.61 -18.37
N GLY A 187 -9.93 8.40 -19.41
CA GLY A 187 -10.99 8.10 -20.34
C GLY A 187 -10.74 6.92 -21.26
N SER A 188 -9.53 6.36 -21.26
CA SER A 188 -9.30 5.16 -22.05
C SER A 188 -10.09 3.96 -21.53
N GLY A 189 -10.62 4.03 -20.32
CA GLY A 189 -11.44 2.94 -19.83
C GLY A 189 -12.91 3.28 -19.82
N TYR A 190 -13.29 4.30 -20.59
CA TYR A 190 -14.66 4.85 -20.53
C TYR A 190 -15.71 3.78 -20.80
N ASP A 191 -15.47 2.87 -21.74
CA ASP A 191 -16.48 1.87 -22.08
C ASP A 191 -16.60 0.73 -21.07
N LEU A 192 -15.70 0.61 -20.08
CA LEU A 192 -15.69 -0.55 -19.20
C LEU A 192 -16.94 -0.64 -18.31
N ILE A 193 -17.52 0.49 -17.92
CA ILE A 193 -18.70 0.50 -17.05
C ILE A 193 -19.66 1.52 -17.65
N GLN A 194 -20.79 1.06 -18.17
CA GLN A 194 -21.57 1.89 -19.11
C GLN A 194 -23.04 1.51 -19.08
N ILE A 195 -23.87 2.50 -19.42
CA ILE A 195 -25.26 2.30 -19.78
C ILE A 195 -25.41 2.77 -21.22
N ALA A 196 -25.93 1.90 -22.07
CA ALA A 196 -25.89 2.16 -23.51
C ALA A 196 -26.86 3.28 -23.90
N ALA A 197 -28.10 3.18 -23.44
CA ALA A 197 -29.16 4.04 -23.91
C ALA A 197 -29.47 5.11 -22.88
N GLY A 198 -29.91 6.27 -23.38
CA GLY A 198 -30.32 7.29 -22.45
C GLY A 198 -29.71 8.66 -22.48
N GLY A 199 -28.40 8.70 -22.66
CA GLY A 199 -27.79 9.96 -22.92
C GLY A 199 -28.19 10.42 -24.31
N SER A 200 -27.41 11.35 -24.82
CA SER A 200 -27.64 11.92 -26.12
C SER A 200 -27.09 11.04 -27.24
N SER A 201 -26.28 10.04 -26.89
CA SER A 201 -25.72 9.15 -27.90
C SER A 201 -26.76 8.15 -28.39
N GLN A 202 -27.61 7.65 -27.49
CA GLN A 202 -28.72 6.76 -27.87
C GLN A 202 -29.90 7.09 -26.99
N PRO A 203 -30.69 8.09 -27.37
CA PRO A 203 -31.83 8.49 -26.56
C PRO A 203 -32.87 7.37 -26.47
N PHE A 204 -33.57 7.36 -25.35
CA PHE A 204 -34.50 6.29 -25.06
C PHE A 204 -35.68 6.33 -26.03
N SER A 205 -36.11 5.16 -26.49
CA SER A 205 -37.15 5.10 -27.52
C SER A 205 -38.08 3.93 -27.26
N ALA A 206 -39.31 4.05 -27.78
CA ALA A 206 -40.22 2.92 -27.80
C ALA A 206 -39.58 1.74 -28.50
N GLY A 207 -39.86 0.54 -28.01
CA GLY A 207 -39.33 -0.66 -28.62
C GLY A 207 -37.85 -0.89 -28.48
N MET A 208 -37.19 -0.24 -27.54
CA MET A 208 -35.78 -0.56 -27.54
C MET A 208 -35.44 -1.67 -26.56
N ILE A 209 -34.27 -2.28 -26.79
CA ILE A 209 -33.84 -3.42 -25.99
C ILE A 209 -33.76 -2.99 -24.52
N ALA A 210 -34.59 -3.62 -23.67
CA ALA A 210 -34.70 -3.28 -22.26
C ALA A 210 -33.33 -3.23 -21.57
N GLU A 211 -32.48 -4.14 -21.96
CA GLU A 211 -31.12 -4.31 -21.46
C GLU A 211 -30.27 -3.03 -21.59
N ASP A 212 -30.57 -2.25 -22.62
CA ASP A 212 -29.75 -1.08 -22.94
C ASP A 212 -29.93 0.02 -21.93
N ALA A 213 -30.94 -0.09 -21.08
CA ALA A 213 -31.18 0.92 -20.05
C ALA A 213 -30.48 0.58 -18.74
N LEU A 214 -29.79 -0.55 -18.66
CA LEU A 214 -29.22 -1.03 -17.41
C LEU A 214 -27.69 -1.02 -17.50
N MET A 215 -27.06 -0.99 -16.33
CA MET A 215 -25.61 -0.94 -16.28
C MET A 215 -25.00 -2.23 -16.83
N THR A 216 -23.83 -2.09 -17.46
CA THR A 216 -22.99 -3.25 -17.71
C THR A 216 -21.54 -2.96 -17.32
N MET A 217 -20.91 -3.92 -16.67
CA MET A 217 -19.46 -3.90 -16.48
C MET A 217 -18.89 -4.91 -17.45
N ARG A 218 -18.17 -4.43 -18.46
CA ARG A 218 -17.78 -5.23 -19.61
C ARG A 218 -16.60 -6.14 -19.33
N ASP A 219 -15.77 -5.83 -18.34
CA ASP A 219 -14.56 -6.61 -18.06
C ASP A 219 -14.21 -6.34 -16.59
N GLY A 220 -14.82 -7.13 -15.70
CA GLY A 220 -14.61 -6.92 -14.28
C GLY A 220 -13.16 -7.00 -13.85
N ARG A 221 -12.40 -7.93 -14.45
CA ARG A 221 -10.99 -8.05 -14.09
C ARG A 221 -10.24 -6.78 -14.46
N GLU A 222 -10.54 -6.19 -15.61
CA GLU A 222 -9.85 -4.98 -16.03
C GLU A 222 -10.28 -3.79 -15.18
N VAL A 223 -11.56 -3.72 -14.81
CA VAL A 223 -12.01 -2.69 -13.90
C VAL A 223 -11.26 -2.78 -12.57
N PHE A 224 -11.24 -3.99 -11.99
CA PHE A 224 -10.54 -4.22 -10.72
C PHE A 224 -9.13 -3.66 -10.75
N SER A 225 -8.34 -4.01 -11.77
CA SER A 225 -6.95 -3.57 -11.79
C SER A 225 -6.85 -2.05 -11.94
N ARG A 226 -7.62 -1.48 -12.86
CA ARG A 226 -7.56 -0.04 -13.12
C ARG A 226 -7.98 0.77 -11.90
N ALA A 227 -9.00 0.30 -11.17
CA ALA A 227 -9.47 1.05 -10.02
C ALA A 227 -8.49 0.93 -8.86
N VAL A 228 -7.92 -0.26 -8.67
CA VAL A 228 -6.91 -0.44 -7.62
C VAL A 228 -5.72 0.47 -7.88
N ALA A 229 -5.28 0.57 -9.13
CA ALA A 229 -4.15 1.43 -9.46
C ALA A 229 -4.47 2.90 -9.18
N LEU A 230 -5.66 3.36 -9.58
CA LEU A 230 -6.00 4.77 -9.43
C LEU A 230 -6.14 5.15 -7.96
N MET A 231 -6.81 4.31 -7.17
CA MET A 231 -6.90 4.59 -5.75
C MET A 231 -5.53 4.55 -5.08
N THR A 232 -4.69 3.59 -5.47
CA THR A 232 -3.37 3.49 -4.88
C THR A 232 -2.53 4.73 -5.22
N ASN A 233 -2.53 5.13 -6.49
CA ASN A 233 -1.63 6.18 -6.93
C ASN A 233 -2.07 7.54 -6.43
N THR A 234 -3.37 7.81 -6.44
CA THR A 234 -3.86 9.07 -5.87
C THR A 234 -3.57 9.14 -4.37
N SER A 235 -3.79 8.02 -3.67
CA SER A 235 -3.53 7.96 -2.23
C SER A 235 -2.07 8.25 -1.89
N GLN A 236 -1.15 7.62 -2.63
CA GLN A 236 0.26 7.88 -2.37
C GLN A 236 0.61 9.35 -2.59
N ARG A 237 0.05 9.98 -3.62
CA ARG A 237 0.50 11.34 -3.84
C ARG A 237 -0.13 12.33 -2.87
N VAL A 238 -1.34 12.10 -2.38
CA VAL A 238 -1.86 13.02 -1.35
C VAL A 238 -1.09 12.83 -0.03
N LEU A 239 -0.72 11.59 0.30
CA LEU A 239 0.12 11.37 1.47
C LEU A 239 1.44 12.11 1.34
N HIS A 240 2.11 11.95 0.19
CA HIS A 240 3.36 12.66 -0.06
C HIS A 240 3.18 14.18 0.03
N GLU A 241 2.09 14.72 -0.56
CA GLU A 241 1.87 16.17 -0.51
C GLU A 241 1.62 16.65 0.91
N ALA A 242 0.84 15.90 1.70
CA ALA A 242 0.63 16.24 3.10
C ALA A 242 1.83 15.90 3.98
N GLU A 243 2.90 15.36 3.41
CA GLU A 243 4.07 14.91 4.16
C GLU A 243 3.66 14.00 5.32
N LEU A 244 2.81 13.03 5.02
CA LEU A 244 2.40 12.00 5.98
C LEU A 244 2.72 10.63 5.40
N THR A 245 2.97 9.68 6.28
CA THR A 245 3.01 8.27 5.92
C THR A 245 1.67 7.62 6.25
N ALA A 246 1.44 6.44 5.66
CA ALA A 246 0.24 5.70 5.99
C ALA A 246 0.14 5.46 7.49
N ALA A 247 1.28 5.31 8.17
CA ALA A 247 1.28 5.10 9.62
C ALA A 247 0.72 6.28 10.39
N ASP A 248 0.69 7.48 9.80
CA ASP A 248 0.11 8.63 10.46
C ASP A 248 -1.41 8.71 10.31
N ILE A 249 -1.98 7.87 9.46
CA ILE A 249 -3.40 7.91 9.14
C ILE A 249 -4.17 7.20 10.24
N SER A 250 -5.11 7.90 10.86
CA SER A 250 -5.91 7.30 11.92
C SER A 250 -6.96 6.35 11.35
N ARG A 251 -7.70 6.80 10.33
CA ARG A 251 -8.74 5.98 9.70
C ARG A 251 -8.63 6.10 8.19
N PHE A 252 -8.67 4.95 7.51
CA PHE A 252 -8.61 4.86 6.06
C PHE A 252 -10.03 4.59 5.57
N VAL A 253 -10.54 5.47 4.70
CA VAL A 253 -11.94 5.30 4.30
C VAL A 253 -12.05 5.22 2.78
N PRO A 254 -11.78 4.05 2.20
CA PRO A 254 -11.85 3.93 0.74
C PRO A 254 -13.28 3.73 0.27
N HIS A 255 -13.51 4.07 -1.01
CA HIS A 255 -14.74 3.67 -1.66
C HIS A 255 -14.97 2.18 -1.44
N GLN A 256 -16.21 1.82 -1.13
CA GLN A 256 -16.58 0.43 -0.82
C GLN A 256 -17.02 -0.30 -2.10
N ALA A 257 -16.04 -0.56 -2.97
CA ALA A 257 -16.36 -1.20 -4.24
C ALA A 257 -16.56 -2.69 -4.08
N ASN A 258 -15.68 -3.32 -3.30
CA ASN A 258 -15.47 -4.75 -3.23
C ASN A 258 -14.44 -4.97 -2.15
N ALA A 259 -14.73 -5.82 -1.16
CA ALA A 259 -13.78 -6.02 -0.07
C ALA A 259 -12.42 -6.47 -0.58
N ARG A 260 -12.39 -7.34 -1.59
CA ARG A 260 -11.10 -7.72 -2.19
C ARG A 260 -10.37 -6.51 -2.77
N MET A 261 -11.12 -5.57 -3.36
CA MET A 261 -10.48 -4.35 -3.86
C MET A 261 -10.02 -3.45 -2.72
N SER A 262 -10.84 -3.30 -1.69
CA SER A 262 -10.41 -2.61 -0.50
C SER A 262 -9.15 -3.25 0.10
N ASP A 263 -9.11 -4.60 0.12
CA ASP A 263 -7.91 -5.28 0.61
C ASP A 263 -6.69 -4.98 -0.26
N ALA A 264 -6.87 -4.96 -1.58
CA ALA A 264 -5.73 -4.73 -2.46
C ALA A 264 -5.17 -3.32 -2.31
N VAL A 265 -6.04 -2.31 -2.14
CA VAL A 265 -5.56 -0.93 -1.96
C VAL A 265 -4.83 -0.79 -0.62
N CYS A 266 -5.45 -1.25 0.48
CA CYS A 266 -4.75 -1.32 1.75
C CYS A 266 -3.39 -1.98 1.61
N GLY A 267 -3.34 -3.11 0.89
CA GLY A 267 -2.10 -3.85 0.79
C GLY A 267 -1.01 -3.08 0.07
N ASN A 268 -1.37 -2.42 -1.04
CA ASN A 268 -0.40 -1.60 -1.76
C ASN A 268 0.15 -0.48 -0.89
N LEU A 269 -0.72 0.15 -0.11
CA LEU A 269 -0.33 1.33 0.64
C LEU A 269 0.26 1.03 2.01
N GLY A 270 0.21 -0.22 2.46
CA GLY A 270 0.75 -0.56 3.77
C GLY A 270 -0.14 -0.11 4.91
N ILE A 271 -1.45 -0.30 4.77
CA ILE A 271 -2.43 0.18 5.74
C ILE A 271 -3.10 -1.03 6.39
N GLU A 272 -3.26 -0.97 7.71
CA GLU A 272 -3.70 -2.14 8.45
C GLU A 272 -5.18 -2.31 8.17
N ARG A 273 -5.62 -3.55 8.05
CA ARG A 273 -7.06 -3.77 7.93
C ARG A 273 -7.81 -3.14 9.11
N GLU A 274 -7.16 -3.11 10.27
CA GLU A 274 -7.79 -2.61 11.48
C GLU A 274 -8.00 -1.10 11.46
N LYS A 275 -7.24 -0.36 10.64
CA LYS A 275 -7.47 1.07 10.46
C LYS A 275 -8.48 1.41 9.38
N THR A 276 -8.97 0.42 8.65
CA THR A 276 -9.81 0.66 7.49
C THR A 276 -11.28 0.59 7.91
N VAL A 277 -12.03 1.62 7.55
CA VAL A 277 -13.48 1.58 7.71
C VAL A 277 -14.05 0.69 6.61
N ARG A 278 -14.88 -0.28 7.01
CA ARG A 278 -15.40 -1.30 6.11
C ARG A 278 -16.90 -1.43 6.37
N THR A 279 -17.72 -0.84 5.49
CA THR A 279 -19.15 -0.92 5.58
C THR A 279 -19.78 -1.77 4.48
N ILE A 280 -18.97 -2.35 3.59
CA ILE A 280 -19.53 -3.03 2.43
C ILE A 280 -20.29 -4.29 2.81
N GLY A 281 -20.02 -4.85 3.99
CA GLY A 281 -20.66 -6.08 4.40
C GLY A 281 -22.15 -5.95 4.59
N SER A 282 -22.61 -4.78 5.03
CA SER A 282 -24.03 -4.53 5.28
C SER A 282 -24.67 -3.58 4.29
N PHE A 283 -23.88 -2.78 3.58
CA PHE A 283 -24.43 -1.72 2.76
C PHE A 283 -24.09 -1.83 1.29
N GLY A 284 -23.22 -2.75 0.91
CA GLY A 284 -22.93 -2.96 -0.50
C GLY A 284 -22.20 -1.79 -1.14
N ASN A 285 -22.24 -1.79 -2.47
CA ASN A 285 -21.56 -0.79 -3.30
C ASN A 285 -22.61 0.19 -3.81
N SER A 286 -22.66 1.37 -3.18
CA SER A 286 -23.63 2.40 -3.55
C SER A 286 -22.95 3.57 -4.27
N SER A 287 -21.81 3.32 -4.92
CA SER A 287 -21.12 4.30 -5.74
C SER A 287 -20.76 5.49 -4.84
N ALA A 288 -21.02 6.73 -5.26
CA ALA A 288 -20.50 7.89 -4.55
C ALA A 288 -20.98 7.99 -3.12
N ALA A 289 -22.05 7.27 -2.74
CA ALA A 289 -22.52 7.35 -1.37
C ALA A 289 -21.64 6.60 -0.38
N THR A 290 -20.76 5.70 -0.82
CA THR A 290 -20.10 4.80 0.14
C THR A 290 -19.23 5.57 1.13
N ILE A 291 -18.40 6.50 0.65
CA ILE A 291 -17.47 7.17 1.55
C ILE A 291 -18.18 8.01 2.62
N PRO A 292 -19.10 8.93 2.27
CA PRO A 292 -19.81 9.65 3.34
C PRO A 292 -20.70 8.75 4.19
N LEU A 293 -21.21 7.65 3.62
CA LEU A 293 -21.92 6.70 4.47
C LEU A 293 -20.96 6.07 5.47
N SER A 294 -19.74 5.74 5.05
CA SER A 294 -18.76 5.14 5.95
C SER A 294 -18.28 6.15 6.98
N LEU A 295 -18.11 7.41 6.57
CA LEU A 295 -17.72 8.46 7.51
C LEU A 295 -18.75 8.61 8.61
N SER A 296 -20.04 8.58 8.26
CA SER A 296 -21.08 8.70 9.26
C SER A 296 -21.09 7.48 10.17
N ILE A 297 -20.94 6.28 9.59
CA ILE A 297 -20.88 5.06 10.41
C ILE A 297 -19.69 5.11 11.36
N THR A 298 -18.49 5.36 10.84
CA THR A 298 -17.31 5.35 11.71
C THR A 298 -17.40 6.44 12.78
N ASN A 299 -17.98 7.60 12.44
CA ASN A 299 -18.15 8.65 13.45
C ASN A 299 -19.19 8.26 14.50
N ALA A 300 -20.19 7.47 14.13
CA ALA A 300 -21.17 7.04 15.12
C ALA A 300 -20.57 6.02 16.07
N GLU A 301 -19.74 5.11 15.55
CA GLU A 301 -19.08 4.12 16.40
C GLU A 301 -18.06 4.78 17.32
N ARG A 302 -17.37 5.81 16.83
CA ARG A 302 -16.29 6.45 17.59
C ARG A 302 -16.10 7.87 17.08
N PRO A 303 -16.55 8.88 17.82
CA PRO A 303 -16.51 10.25 17.30
C PRO A 303 -15.14 10.65 16.80
N LEU A 304 -15.11 11.29 15.63
CA LEU A 304 -13.87 11.81 15.11
C LEU A 304 -13.29 12.80 16.10
N ALA A 305 -12.04 12.57 16.50
CA ALA A 305 -11.38 13.39 17.50
C ALA A 305 -10.45 14.38 16.80
N GLY A 306 -10.36 15.59 17.36
CA GLY A 306 -9.46 16.58 16.83
C GLY A 306 -8.04 16.07 16.72
N GLY A 307 -7.38 16.29 15.60
CA GLY A 307 -6.04 15.77 15.38
C GLY A 307 -6.00 14.52 14.54
N GLU A 308 -7.10 13.76 14.47
CA GLU A 308 -7.17 12.55 13.66
C GLU A 308 -7.00 12.91 12.19
N THR A 309 -6.38 12.01 11.45
CA THR A 309 -6.11 12.22 10.03
C THR A 309 -6.81 11.13 9.24
N LEU A 310 -7.62 11.53 8.25
CA LEU A 310 -8.43 10.62 7.46
C LEU A 310 -7.87 10.57 6.05
N LEU A 311 -7.73 9.37 5.50
CA LEU A 311 -7.37 9.19 4.10
C LEU A 311 -8.57 8.61 3.37
N LEU A 312 -9.08 9.36 2.41
CA LEU A 312 -10.23 8.99 1.60
C LEU A 312 -9.76 8.72 0.18
N THR A 313 -10.28 7.67 -0.44
CA THR A 313 -9.93 7.43 -1.84
C THR A 313 -11.04 6.64 -2.51
N ALA A 314 -11.23 6.91 -3.81
CA ALA A 314 -12.24 6.29 -4.64
C ALA A 314 -11.77 6.23 -6.08
N ALA A 315 -12.34 5.28 -6.83
CA ALA A 315 -12.17 5.22 -8.28
C ALA A 315 -13.51 4.79 -8.87
N GLY A 316 -13.75 5.11 -10.14
CA GLY A 316 -15.00 4.66 -10.69
C GLY A 316 -15.08 4.68 -12.21
N ALA A 317 -16.30 4.49 -12.70
CA ALA A 317 -16.56 4.55 -14.14
C ALA A 317 -16.05 5.87 -14.70
N GLY A 318 -15.45 5.81 -15.88
CA GLY A 318 -14.94 7.04 -16.45
C GLY A 318 -13.76 6.86 -17.37
N MET A 319 -12.62 6.37 -16.86
CA MET A 319 -12.41 6.13 -15.44
C MET A 319 -12.21 7.47 -14.70
N THR A 320 -12.64 7.49 -13.45
CA THR A 320 -12.41 8.59 -12.53
C THR A 320 -11.77 8.03 -11.27
N GLY A 321 -11.10 8.91 -10.53
CA GLY A 321 -10.57 8.54 -9.23
C GLY A 321 -10.13 9.77 -8.47
N GLY A 322 -9.86 9.59 -7.18
CA GLY A 322 -9.41 10.69 -6.37
C GLY A 322 -8.97 10.22 -5.01
N ALA A 323 -8.21 11.09 -4.33
CA ALA A 323 -7.85 10.87 -2.95
C ALA A 323 -7.86 12.20 -2.20
N VAL A 324 -8.22 12.16 -0.91
CA VAL A 324 -8.25 13.33 -0.04
C VAL A 324 -7.66 12.96 1.31
N VAL A 325 -6.76 13.79 1.83
CA VAL A 325 -6.29 13.70 3.21
C VAL A 325 -6.99 14.81 4.01
N TYR A 326 -7.77 14.41 5.01
CA TYR A 326 -8.50 15.35 5.87
C TYR A 326 -8.03 15.17 7.31
N ARG A 327 -7.70 16.29 7.97
CA ARG A 327 -7.37 16.30 9.39
C ARG A 327 -8.48 16.99 10.17
N VAL A 328 -9.09 16.26 11.10
CA VAL A 328 -10.17 16.75 11.95
C VAL A 328 -9.79 18.00 12.75
N GLN B 2 -0.08 32.20 -3.11
CA GLN B 2 0.33 33.15 -4.14
C GLN B 2 -0.64 33.25 -5.33
N THR B 3 -1.44 32.21 -5.60
CA THR B 3 -2.58 32.42 -6.50
C THR B 3 -3.68 33.15 -5.76
N ARG B 4 -4.07 34.32 -6.27
CA ARG B 4 -5.15 35.12 -5.68
C ARG B 4 -6.37 35.24 -6.59
N SER B 5 -6.27 34.85 -7.85
CA SER B 5 -7.42 35.02 -8.73
C SER B 5 -7.24 34.11 -9.94
N SER B 6 -8.27 34.03 -10.76
CA SER B 6 -8.20 33.26 -11.98
C SER B 6 -8.52 34.16 -13.15
N ARG B 7 -7.97 33.83 -14.32
CA ARG B 7 -8.35 34.57 -15.51
C ARG B 7 -8.77 33.62 -16.61
N MET B 8 -9.74 34.10 -17.39
CA MET B 8 -10.19 33.46 -18.60
C MET B 8 -9.15 33.63 -19.69
N ALA B 9 -8.23 32.67 -19.79
CA ALA B 9 -7.07 32.78 -20.67
C ALA B 9 -7.37 32.42 -22.12
N GLY B 10 -8.41 31.63 -22.36
CA GLY B 10 -8.75 31.21 -23.71
C GLY B 10 -10.22 30.90 -23.78
N PHE B 11 -10.79 31.08 -24.97
CA PHE B 11 -12.21 30.89 -25.21
C PHE B 11 -12.41 30.02 -26.43
N GLY B 12 -13.53 29.30 -26.45
CA GLY B 12 -13.91 28.52 -27.61
C GLY B 12 -15.38 28.24 -27.59
N HIS B 13 -15.87 27.79 -28.75
CA HIS B 13 -17.26 27.39 -28.92
C HIS B 13 -17.33 26.53 -30.17
N ALA B 14 -18.41 25.76 -30.27
CA ALA B 14 -18.66 24.87 -31.42
C ALA B 14 -20.14 24.59 -31.52
N VAL B 15 -20.61 24.42 -32.76
CA VAL B 15 -21.98 23.96 -33.03
C VAL B 15 -21.95 22.80 -34.01
N PRO B 16 -22.97 21.93 -34.02
CA PRO B 16 -23.13 21.01 -35.14
C PRO B 16 -23.37 21.79 -36.44
N ALA B 17 -23.43 21.05 -37.54
CA ALA B 17 -23.45 21.70 -38.86
C ALA B 17 -24.86 22.03 -39.34
N ARG B 18 -25.88 21.31 -38.87
CA ARG B 18 -27.22 21.54 -39.37
C ARG B 18 -27.71 22.88 -38.84
N CYS B 19 -27.94 23.81 -39.77
CA CYS B 19 -28.49 25.13 -39.49
C CYS B 19 -29.99 25.07 -39.76
N VAL B 20 -30.79 25.35 -38.74
CA VAL B 20 -32.24 25.20 -38.80
C VAL B 20 -32.85 26.58 -38.67
N ASP B 21 -33.46 27.06 -39.76
CA ASP B 21 -34.15 28.34 -39.80
C ASP B 21 -35.52 28.26 -39.11
N ASN B 22 -36.00 29.43 -38.70
CA ASN B 22 -37.35 29.49 -38.14
C ASN B 22 -38.39 28.91 -39.10
N ALA B 23 -38.22 29.17 -40.41
CA ALA B 23 -39.22 28.79 -41.40
C ALA B 23 -39.47 27.29 -41.41
N GLU B 24 -38.42 26.49 -41.20
CA GLU B 24 -38.62 25.04 -41.15
C GLU B 24 -39.47 24.65 -39.96
N ILE B 25 -39.19 25.22 -38.79
CA ILE B 25 -39.97 24.90 -37.60
C ILE B 25 -41.38 25.46 -37.72
N GLU B 26 -41.51 26.68 -38.26
CA GLU B 26 -42.84 27.28 -38.37
C GLU B 26 -43.74 26.46 -39.30
N ALA B 27 -43.17 25.83 -40.34
CA ALA B 27 -43.95 24.92 -41.17
C ALA B 27 -44.44 23.72 -40.37
N SER B 28 -43.54 23.10 -39.61
CA SER B 28 -43.89 21.90 -38.84
C SER B 28 -44.99 22.19 -37.83
N LEU B 29 -45.03 23.39 -37.26
CA LEU B 29 -45.99 23.72 -36.22
C LEU B 29 -47.16 24.54 -36.75
N GLY B 30 -47.22 24.76 -38.07
CA GLY B 30 -48.32 25.49 -38.67
C GLY B 30 -48.41 26.94 -38.21
N LEU B 31 -47.28 27.61 -38.09
CA LEU B 31 -47.20 29.00 -37.68
C LEU B 31 -46.82 29.88 -38.86
N GLU B 32 -47.37 31.08 -38.89
CA GLU B 32 -46.95 32.01 -39.92
C GLU B 32 -45.52 32.48 -39.77
N ALA B 33 -45.07 33.11 -40.85
CA ALA B 33 -43.69 33.52 -40.99
C ALA B 33 -43.38 34.63 -40.01
N GLY B 34 -42.19 34.55 -39.41
CA GLY B 34 -41.81 35.53 -38.43
C GLY B 34 -42.38 35.32 -37.05
N TRP B 35 -43.18 34.28 -36.84
CA TRP B 35 -43.74 34.01 -35.53
C TRP B 35 -42.63 33.83 -34.49
N ILE B 36 -41.65 32.97 -34.79
CA ILE B 36 -40.61 32.64 -33.82
C ILE B 36 -39.76 33.86 -33.51
N GLU B 37 -39.23 34.51 -34.54
CA GLU B 37 -38.33 35.64 -34.32
C GLU B 37 -39.03 36.74 -33.53
N ARG B 38 -40.31 36.96 -33.79
CA ARG B 38 -41.01 37.99 -33.08
C ARG B 38 -41.10 37.68 -31.59
N ARG B 39 -41.29 36.42 -31.24
CA ARG B 39 -41.56 36.08 -29.84
C ARG B 39 -40.32 35.71 -29.05
N THR B 40 -39.22 35.35 -29.71
CA THR B 40 -38.02 34.88 -29.04
C THR B 40 -36.74 35.60 -29.46
N GLY B 41 -36.75 36.33 -30.56
CA GLY B 41 -35.54 36.90 -31.09
C GLY B 41 -34.63 35.94 -31.82
N ILE B 42 -34.97 34.65 -31.86
CA ILE B 42 -34.19 33.68 -32.62
C ILE B 42 -34.55 33.78 -34.10
N ARG B 43 -33.53 33.76 -34.97
CA ARG B 43 -33.72 33.59 -36.40
C ARG B 43 -33.28 32.24 -36.91
N SER B 44 -32.25 31.64 -36.30
CA SER B 44 -31.88 30.26 -36.58
C SER B 44 -31.10 29.72 -35.40
N ARG B 45 -30.86 28.41 -35.45
CA ARG B 45 -30.22 27.62 -34.40
C ARG B 45 -29.52 26.46 -35.09
N TYR B 46 -28.57 25.84 -34.39
CA TYR B 46 -27.92 24.65 -34.90
C TYR B 46 -28.40 23.42 -34.14
N TRP B 47 -28.61 22.32 -34.87
CA TRP B 47 -29.07 21.05 -34.32
C TRP B 47 -28.13 19.93 -34.74
N ALA B 48 -27.88 19.03 -33.78
CA ALA B 48 -27.00 17.89 -34.02
C ALA B 48 -27.60 16.96 -35.08
N GLU B 49 -26.72 16.24 -35.75
CA GLU B 49 -27.08 15.34 -36.83
C GLU B 49 -26.70 13.91 -36.42
N ALA B 50 -27.06 12.94 -37.27
CA ALA B 50 -26.98 11.54 -36.87
C ALA B 50 -25.56 11.19 -36.46
N GLY B 51 -25.46 10.51 -35.32
CA GLY B 51 -24.21 10.18 -34.67
C GLY B 51 -23.68 11.25 -33.74
N ASP B 52 -23.73 12.56 -34.13
CA ASP B 52 -23.10 13.67 -33.39
C ASP B 52 -23.12 13.38 -31.91
N THR B 53 -22.01 13.54 -31.19
CA THR B 53 -21.98 13.27 -29.76
C THR B 53 -21.76 14.55 -28.98
N LEU B 54 -22.26 14.56 -27.74
CA LEU B 54 -21.97 15.66 -26.83
C LEU B 54 -20.47 15.85 -26.62
N SER B 55 -19.76 14.74 -26.34
CA SER B 55 -18.33 14.86 -26.03
C SER B 55 -17.55 15.36 -27.24
N GLY B 56 -17.91 14.92 -28.45
CA GLY B 56 -17.27 15.46 -29.64
C GLY B 56 -17.54 16.94 -29.84
N LEU B 57 -18.73 17.39 -29.49
CA LEU B 57 -19.03 18.81 -29.56
C LEU B 57 -18.25 19.58 -28.49
N ALA B 58 -18.28 19.09 -27.24
CA ALA B 58 -17.47 19.68 -26.19
C ALA B 58 -15.99 19.73 -26.58
N GLU B 59 -15.52 18.67 -27.23
CA GLU B 59 -14.09 18.56 -27.54
C GLU B 59 -13.65 19.68 -28.47
N ARG B 60 -14.49 20.03 -29.43
CA ARG B 60 -14.11 21.05 -30.40
C ARG B 60 -14.06 22.43 -29.73
N ALA B 61 -15.07 22.76 -28.93
CA ALA B 61 -15.02 24.00 -28.16
C ALA B 61 -13.81 24.01 -27.22
N GLY B 62 -13.59 22.89 -26.52
CA GLY B 62 -12.47 22.84 -25.59
C GLY B 62 -11.13 22.97 -26.29
N ARG B 63 -10.95 22.28 -27.42
CA ARG B 63 -9.69 22.38 -28.15
C ARG B 63 -9.43 23.80 -28.62
N MET B 64 -10.48 24.47 -29.13
CA MET B 64 -10.37 25.85 -29.55
C MET B 64 -9.94 26.73 -28.37
N ALA B 65 -10.50 26.49 -27.19
CA ALA B 65 -10.15 27.31 -26.02
C ALA B 65 -8.73 27.03 -25.53
N LEU B 66 -8.33 25.75 -25.54
CA LEU B 66 -6.96 25.38 -25.17
C LEU B 66 -5.95 26.04 -26.10
N GLU B 67 -6.24 26.03 -27.42
CA GLU B 67 -5.34 26.65 -28.38
C GLU B 67 -5.35 28.17 -28.24
N ASP B 68 -6.50 28.75 -27.90
CA ASP B 68 -6.57 30.19 -27.70
C ASP B 68 -5.72 30.61 -26.50
N ALA B 69 -5.72 29.80 -25.44
CA ALA B 69 -4.93 30.09 -24.25
C ALA B 69 -3.44 29.82 -24.44
N LYS B 70 -3.04 29.12 -25.50
CA LYS B 70 -1.63 28.76 -25.73
C LYS B 70 -1.07 28.01 -24.52
N ILE B 71 -1.89 27.14 -23.95
CA ILE B 71 -1.56 26.45 -22.72
C ILE B 71 -1.15 25.04 -23.09
N ASN B 72 -0.10 24.56 -22.46
CA ASN B 72 0.17 23.16 -22.66
C ASN B 72 -0.79 22.24 -21.87
N ALA B 73 -1.11 21.11 -22.51
CA ALA B 73 -2.20 20.26 -22.07
C ALA B 73 -1.91 19.61 -20.74
N ASP B 74 -0.63 19.53 -20.36
CA ASP B 74 -0.25 19.11 -19.02
C ASP B 74 -0.78 20.06 -17.97
N ASP B 75 -0.94 21.34 -18.31
CA ASP B 75 -1.28 22.32 -17.30
C ASP B 75 -2.72 22.23 -16.84
N ILE B 76 -3.54 21.43 -17.49
CA ILE B 76 -4.94 21.31 -17.10
C ILE B 76 -5.02 20.26 -15.99
N ALA B 77 -5.35 20.72 -14.77
CA ALA B 77 -5.52 19.84 -13.62
C ALA B 77 -6.94 19.31 -13.48
N LEU B 78 -7.94 19.97 -14.05
CA LEU B 78 -9.31 19.60 -13.85
C LEU B 78 -10.12 20.02 -15.06
N THR B 79 -11.07 19.19 -15.45
CA THR B 79 -12.00 19.45 -16.53
C THR B 79 -13.40 19.40 -15.94
N LEU B 80 -14.12 20.51 -15.99
CA LEU B 80 -15.51 20.55 -15.57
C LEU B 80 -16.38 20.68 -16.82
N LEU B 81 -17.30 19.73 -17.01
CA LEU B 81 -18.22 19.72 -18.15
C LEU B 81 -19.64 19.91 -17.62
N ALA B 82 -20.22 21.09 -17.84
CA ALA B 82 -21.58 21.38 -17.42
C ALA B 82 -22.49 21.01 -18.58
N THR B 83 -23.32 20.00 -18.37
CA THR B 83 -24.19 19.52 -19.44
C THR B 83 -25.42 18.89 -18.79
N SER B 84 -26.52 18.95 -19.53
CA SER B 84 -27.71 18.16 -19.21
C SER B 84 -27.83 16.92 -20.08
N THR B 85 -27.01 16.80 -21.12
CA THR B 85 -27.22 15.78 -22.15
C THR B 85 -25.95 14.97 -22.38
N PRO B 86 -25.41 14.32 -21.35
CA PRO B 86 -24.17 13.55 -21.53
C PRO B 86 -24.38 12.41 -22.50
N ASP B 87 -23.27 11.98 -23.13
CA ASP B 87 -23.33 10.86 -24.09
C ASP B 87 -24.13 9.69 -23.51
N HIS B 88 -23.77 9.27 -22.30
CA HIS B 88 -24.44 8.16 -21.64
C HIS B 88 -24.82 8.56 -20.21
N LEU B 89 -25.83 7.87 -19.65
CA LEU B 89 -26.17 8.06 -18.25
C LEU B 89 -25.11 7.53 -17.31
N LEU B 90 -24.07 6.90 -17.85
CA LEU B 90 -22.98 6.30 -17.12
C LEU B 90 -21.99 5.79 -18.16
N PRO B 91 -20.70 6.15 -18.06
CA PRO B 91 -20.16 7.08 -17.07
C PRO B 91 -20.47 8.53 -17.44
N PRO B 92 -20.02 9.50 -16.65
CA PRO B 92 -20.15 10.89 -17.07
C PRO B 92 -19.31 11.14 -18.31
N SER B 93 -19.62 12.24 -19.00
CA SER B 93 -18.94 12.55 -20.25
C SER B 93 -17.58 13.20 -20.05
N ALA B 94 -17.36 13.87 -18.91
CA ALA B 94 -16.15 14.67 -18.71
C ALA B 94 -14.86 13.86 -18.84
N PRO B 95 -14.73 12.66 -18.27
CA PRO B 95 -13.47 11.91 -18.45
C PRO B 95 -13.17 11.59 -19.90
N LEU B 96 -14.19 11.31 -20.70
CA LEU B 96 -13.96 11.10 -22.13
C LEU B 96 -13.53 12.39 -22.80
N LEU B 97 -14.11 13.52 -22.39
CA LEU B 97 -13.73 14.79 -22.96
C LEU B 97 -12.27 15.09 -22.69
N ALA B 98 -11.86 14.99 -21.41
CA ALA B 98 -10.45 15.12 -21.05
C ALA B 98 -9.55 14.17 -21.84
N HIS B 99 -9.97 12.91 -22.01
CA HIS B 99 -9.16 11.96 -22.76
C HIS B 99 -9.04 12.37 -24.23
N ARG B 100 -10.14 12.79 -24.84
CA ARG B 100 -10.08 13.18 -26.23
C ARG B 100 -9.21 14.43 -26.44
N LEU B 101 -9.12 15.30 -25.44
CA LEU B 101 -8.25 16.46 -25.55
C LEU B 101 -6.81 16.16 -25.13
N GLY B 102 -6.48 14.92 -24.80
CA GLY B 102 -5.14 14.59 -24.35
C GLY B 102 -4.71 15.26 -23.06
N LEU B 103 -5.66 15.49 -22.14
CA LEU B 103 -5.36 16.12 -20.84
C LEU B 103 -5.00 15.05 -19.82
N THR B 104 -3.74 14.62 -19.86
CA THR B 104 -3.35 13.42 -19.12
C THR B 104 -3.16 13.65 -17.63
N ARG B 105 -3.11 14.89 -17.16
CA ARG B 105 -3.02 15.17 -15.72
C ARG B 105 -4.30 15.77 -15.16
N SER B 106 -5.40 15.72 -15.91
CA SER B 106 -6.64 16.39 -15.53
C SER B 106 -7.62 15.40 -14.92
N GLY B 107 -8.18 15.76 -13.77
CA GLY B 107 -9.41 15.15 -13.31
C GLY B 107 -10.57 15.62 -14.19
N ALA B 108 -11.75 15.05 -13.95
CA ALA B 108 -12.89 15.38 -14.79
C ALA B 108 -14.18 14.95 -14.10
N ILE B 109 -15.19 15.82 -14.15
CA ILE B 109 -16.51 15.49 -13.63
C ILE B 109 -17.55 16.33 -14.39
N ASP B 110 -18.78 15.83 -14.45
CA ASP B 110 -19.93 16.50 -15.06
C ASP B 110 -20.69 17.28 -13.98
N LEU B 111 -21.22 18.45 -14.36
CA LEU B 111 -22.08 19.24 -13.50
C LEU B 111 -23.44 19.41 -14.16
N ALA B 112 -24.48 19.07 -13.43
CA ALA B 112 -25.84 19.13 -13.94
C ALA B 112 -26.55 20.28 -13.23
N GLY B 113 -26.65 21.42 -13.90
CA GLY B 113 -27.31 22.57 -13.31
C GLY B 113 -28.22 23.30 -14.29
N ALA B 114 -28.70 22.55 -15.28
CA ALA B 114 -29.52 23.10 -16.37
C ALA B 114 -28.85 24.36 -16.92
N A1ECI B 115 -29.64 25.38 -17.27
CA A1ECI B 115 -29.08 26.61 -17.84
C6 A1ECI B 115 -28.12 27.39 -16.93
O A1ECI B 115 -27.36 28.24 -17.39
CB A1ECI B 115 -30.23 27.54 -18.27
SG A1ECI B 115 -31.36 26.65 -19.43
C1 A1ECI B 115 -31.72 22.29 -19.97
C2 A1ECI B 115 -33.02 22.68 -20.67
C3 A1ECI B 115 -33.78 23.68 -19.79
C4 A1ECI B 115 -33.35 25.13 -20.06
C5 A1ECI B 115 -32.58 25.76 -18.87
O1 A1ECI B 115 -31.18 21.19 -20.25
O2 A1ECI B 115 -31.26 23.11 -19.15
O3 A1ECI B 115 -32.92 25.49 -17.73
N SER B 116 -28.15 27.09 -15.64
CA SER B 116 -27.24 27.74 -14.69
C SER B 116 -25.93 26.98 -14.53
N GLY B 117 -25.79 25.89 -15.27
CA GLY B 117 -24.66 24.99 -15.07
C GLY B 117 -23.31 25.65 -15.25
N PHE B 118 -23.19 26.54 -16.24
CA PHE B 118 -21.87 27.14 -16.48
C PHE B 118 -21.45 28.06 -15.33
N LEU B 119 -22.39 28.83 -14.79
CA LEU B 119 -22.02 29.76 -13.73
C LEU B 119 -21.66 29.01 -12.46
N TYR B 120 -22.37 27.92 -12.17
CA TYR B 120 -21.95 27.05 -11.08
C TYR B 120 -20.55 26.49 -11.34
N ALA B 121 -20.31 26.02 -12.57
CA ALA B 121 -19.02 25.39 -12.85
C ALA B 121 -17.91 26.43 -12.81
N LEU B 122 -18.18 27.63 -13.32
CA LEU B 122 -17.21 28.70 -13.27
C LEU B 122 -16.84 29.04 -11.84
N THR B 123 -17.84 29.17 -10.97
CA THR B 123 -17.57 29.56 -9.59
C THR B 123 -16.72 28.50 -8.89
N LEU B 124 -17.11 27.23 -8.99
CA LEU B 124 -16.35 26.17 -8.33
C LEU B 124 -14.97 26.00 -8.95
N ALA B 125 -14.86 26.18 -10.26
CA ALA B 125 -13.55 26.11 -10.88
C ALA B 125 -12.66 27.23 -10.36
N ASP B 126 -13.21 28.45 -10.26
CA ASP B 126 -12.44 29.56 -9.68
C ASP B 126 -11.91 29.19 -8.30
N GLY B 127 -12.75 28.56 -7.47
CA GLY B 127 -12.30 28.20 -6.13
C GLY B 127 -11.25 27.13 -6.17
N PHE B 128 -11.31 26.25 -7.17
CA PHE B 128 -10.27 25.26 -7.37
C PHE B 128 -8.97 25.92 -7.81
N VAL B 129 -9.04 26.79 -8.82
CA VAL B 129 -7.83 27.48 -9.30
C VAL B 129 -7.15 28.19 -8.14
N ARG B 130 -7.95 28.89 -7.33
CA ARG B 130 -7.37 29.67 -6.24
C ARG B 130 -6.85 28.80 -5.11
N THR B 131 -7.53 27.69 -4.82
CA THR B 131 -7.07 26.82 -3.73
C THR B 131 -5.80 26.06 -4.11
N TYR B 132 -5.73 25.54 -5.35
CA TYR B 132 -4.65 24.64 -5.72
C TYR B 132 -3.63 25.25 -6.66
N GLY B 133 -3.91 26.42 -7.23
CA GLY B 133 -2.91 27.06 -8.08
C GLY B 133 -2.65 26.34 -9.37
N ARG B 134 -3.68 25.72 -9.97
CA ARG B 134 -3.54 25.06 -11.26
C ARG B 134 -4.74 25.39 -12.14
N ALA B 135 -4.56 25.16 -13.43
CA ALA B 135 -5.55 25.57 -14.42
C ALA B 135 -6.69 24.56 -14.53
N VAL B 136 -7.86 25.06 -14.91
CA VAL B 136 -9.07 24.28 -15.06
C VAL B 136 -9.66 24.62 -16.42
N LEU B 137 -10.06 23.60 -17.16
CA LEU B 137 -10.86 23.78 -18.37
C LEU B 137 -12.32 23.63 -18.00
N VAL B 138 -13.13 24.62 -18.38
CA VAL B 138 -14.56 24.64 -18.10
C VAL B 138 -15.28 24.62 -19.43
N VAL B 139 -16.04 23.55 -19.69
CA VAL B 139 -16.80 23.40 -20.92
C VAL B 139 -18.27 23.27 -20.52
N ALA B 140 -19.14 23.98 -21.25
CA ALA B 140 -20.57 23.77 -21.15
C ALA B 140 -21.05 23.37 -22.53
N ALA B 141 -21.90 22.32 -22.60
CA ALA B 141 -22.33 21.80 -23.88
C ALA B 141 -23.65 21.06 -23.72
N ASN B 142 -24.48 21.12 -24.76
CA ASN B 142 -25.78 20.47 -24.71
C ASN B 142 -26.25 20.11 -26.12
N ILE B 143 -26.80 18.90 -26.24
CA ILE B 143 -27.57 18.54 -27.43
C ILE B 143 -29.02 18.43 -26.98
N LEU B 144 -29.68 19.58 -26.88
CA LEU B 144 -31.08 19.60 -26.47
C LEU B 144 -32.01 19.16 -27.60
N SER B 145 -31.57 19.22 -28.86
CA SER B 145 -32.47 18.88 -29.95
C SER B 145 -33.03 17.47 -29.81
N ARG B 146 -32.23 16.52 -29.29
CA ARG B 146 -32.70 15.16 -29.13
C ARG B 146 -33.67 15.01 -27.96
N ARG B 147 -33.84 16.05 -27.14
CA ARG B 147 -34.80 16.06 -26.04
C ARG B 147 -36.03 16.91 -26.33
N ILE B 148 -36.13 17.51 -27.52
CA ILE B 148 -37.23 18.41 -27.83
C ILE B 148 -38.47 17.61 -28.16
N ASN B 149 -39.59 17.99 -27.58
CA ASN B 149 -40.87 17.46 -28.02
C ASN B 149 -41.32 18.31 -29.20
N PRO B 150 -41.22 17.81 -30.42
CA PRO B 150 -41.52 18.64 -31.60
C PRO B 150 -42.92 19.24 -31.59
N ALA B 151 -43.86 18.62 -30.88
CA ALA B 151 -45.22 19.14 -30.84
C ALA B 151 -45.41 20.23 -29.81
N GLU B 152 -44.46 20.43 -28.87
CA GLU B 152 -44.59 21.45 -27.83
C GLU B 152 -43.94 22.72 -28.34
N ARG B 153 -44.78 23.62 -28.86
CA ARG B 153 -44.28 24.81 -29.53
C ARG B 153 -43.36 25.64 -28.64
N ALA B 154 -43.73 25.78 -27.36
CA ALA B 154 -43.00 26.68 -26.46
C ALA B 154 -41.53 26.30 -26.34
N SER B 155 -41.22 25.01 -26.42
CA SER B 155 -39.84 24.55 -26.33
C SER B 155 -39.22 24.30 -27.71
N ALA B 156 -40.01 23.77 -28.65
CA ALA B 156 -39.47 23.39 -29.94
C ALA B 156 -38.89 24.57 -30.69
N VAL B 157 -39.36 25.79 -30.41
CA VAL B 157 -38.86 26.95 -31.15
C VAL B 157 -37.62 27.57 -30.52
N LEU B 158 -37.23 27.12 -29.32
CA LEU B 158 -36.17 27.78 -28.56
C LEU B 158 -34.86 27.00 -28.53
N PHE B 159 -34.91 25.69 -28.32
CA PHE B 159 -33.74 25.00 -27.83
C PHE B 159 -32.82 24.62 -28.98
N ALA B 160 -31.53 24.59 -28.67
CA ALA B 160 -30.52 24.44 -29.71
C ALA B 160 -29.33 23.72 -29.09
N ASP B 161 -28.37 23.38 -29.94
CA ASP B 161 -27.22 22.57 -29.57
C ASP B 161 -25.95 23.40 -29.74
N ALA B 162 -25.05 23.35 -28.76
CA ALA B 162 -23.82 24.13 -28.83
C ALA B 162 -22.90 23.71 -27.70
N ALA B 163 -21.66 24.16 -27.78
CA ALA B 163 -20.69 23.99 -26.71
C ALA B 163 -19.90 25.28 -26.63
N GLY B 164 -19.57 25.69 -25.41
CA GLY B 164 -18.60 26.74 -25.19
C GLY B 164 -17.64 26.32 -24.09
N ALA B 165 -16.42 26.84 -24.19
CA ALA B 165 -15.36 26.44 -23.27
C ALA B 165 -14.55 27.67 -22.85
N VAL B 166 -14.12 27.66 -21.60
CA VAL B 166 -13.17 28.64 -21.08
C VAL B 166 -12.03 27.91 -20.39
N VAL B 167 -10.81 28.37 -20.60
CA VAL B 167 -9.64 27.92 -19.84
C VAL B 167 -9.39 28.91 -18.71
N LEU B 168 -9.46 28.44 -17.47
CA LEU B 168 -9.14 29.25 -16.30
C LEU B 168 -7.73 28.93 -15.82
N THR B 169 -6.86 29.93 -15.79
CA THR B 169 -5.51 29.79 -15.28
C THR B 169 -5.33 30.58 -13.98
N PRO B 170 -4.34 30.20 -13.16
CA PRO B 170 -4.11 30.91 -11.89
C PRO B 170 -3.34 32.20 -12.07
N CYS B 171 -3.71 33.19 -11.27
CA CYS B 171 -3.14 34.53 -11.38
C CYS B 171 -2.64 34.97 -10.00
N PRO B 172 -1.48 35.64 -9.95
CA PRO B 172 -0.99 36.13 -8.66
C PRO B 172 -1.63 37.41 -8.14
N GLU B 173 -2.35 38.19 -8.94
CA GLU B 173 -2.79 39.50 -8.50
C GLU B 173 -4.24 39.52 -8.03
N VAL B 174 -4.55 40.49 -7.17
CA VAL B 174 -5.84 40.64 -6.51
C VAL B 174 -6.71 41.66 -7.23
N LYS B 175 -7.93 41.85 -6.75
CA LYS B 175 -8.89 42.82 -7.28
C LYS B 175 -9.07 42.64 -8.79
N ARG B 176 -9.08 41.38 -9.23
CA ARG B 176 -9.39 41.02 -10.59
C ARG B 176 -9.91 39.58 -10.60
N GLY B 177 -10.36 39.12 -11.76
CA GLY B 177 -10.95 37.80 -11.85
C GLY B 177 -12.37 37.78 -11.34
N VAL B 178 -12.77 36.73 -10.62
CA VAL B 178 -14.12 36.68 -10.08
C VAL B 178 -14.15 37.63 -8.88
N LEU B 179 -14.85 38.75 -9.03
CA LEU B 179 -14.97 39.70 -7.93
C LEU B 179 -16.08 39.30 -6.97
N SER B 180 -17.12 38.65 -7.49
CA SER B 180 -18.25 38.25 -6.66
C SER B 180 -19.06 37.21 -7.42
N ALA B 181 -19.83 36.43 -6.67
CA ALA B 181 -20.58 35.32 -7.25
C ALA B 181 -21.77 35.04 -6.34
N ASP B 182 -22.92 34.72 -6.93
CA ASP B 182 -24.12 34.41 -6.17
C ASP B 182 -24.84 33.25 -6.85
N LEU B 183 -25.00 32.14 -6.15
CA LEU B 183 -25.64 30.94 -6.68
C LEU B 183 -26.88 30.65 -5.86
N VAL B 184 -28.03 30.58 -6.53
CA VAL B 184 -29.30 30.37 -5.86
C VAL B 184 -30.02 29.17 -6.45
N ALA B 185 -31.00 28.68 -5.70
CA ALA B 185 -31.89 27.63 -6.15
C ALA B 185 -33.27 27.85 -5.54
N ASP B 186 -34.30 27.44 -6.26
CA ASP B 186 -35.68 27.57 -5.77
C ASP B 186 -36.45 26.34 -6.25
N GLY B 187 -36.45 25.30 -5.44
CA GLY B 187 -37.08 24.05 -5.85
C GLY B 187 -38.58 24.07 -5.86
N SER B 188 -39.21 25.15 -5.37
CA SER B 188 -40.65 25.28 -5.55
C SER B 188 -41.05 25.26 -7.03
N GLY B 189 -40.16 25.68 -7.93
CA GLY B 189 -40.46 25.64 -9.35
C GLY B 189 -39.96 24.41 -10.09
N TYR B 190 -39.62 23.36 -9.34
CA TYR B 190 -38.96 22.17 -9.89
C TYR B 190 -39.72 21.57 -11.08
N ASP B 191 -41.05 21.53 -11.02
CA ASP B 191 -41.84 20.84 -12.04
C ASP B 191 -42.12 21.70 -13.27
N LEU B 192 -41.64 22.93 -13.33
CA LEU B 192 -41.97 23.79 -14.46
C LEU B 192 -41.31 23.35 -15.75
N ILE B 193 -40.06 22.89 -15.68
CA ILE B 193 -39.32 22.45 -16.85
C ILE B 193 -38.79 21.07 -16.52
N GLN B 194 -39.28 20.05 -17.21
CA GLN B 194 -39.03 18.72 -16.67
C GLN B 194 -39.16 17.67 -17.74
N ILE B 195 -38.40 16.60 -17.56
CA ILE B 195 -38.57 15.37 -18.30
C ILE B 195 -39.11 14.31 -17.34
N ALA B 196 -40.22 13.69 -17.72
CA ALA B 196 -40.91 12.79 -16.82
C ALA B 196 -40.13 11.50 -16.60
N ALA B 197 -39.62 10.89 -17.66
CA ALA B 197 -39.09 9.54 -17.60
C ALA B 197 -37.58 9.51 -17.78
N GLY B 198 -36.93 8.56 -17.11
CA GLY B 198 -35.51 8.32 -17.30
C GLY B 198 -34.63 8.50 -16.10
N GLY B 199 -35.04 9.30 -15.13
CA GLY B 199 -34.37 9.33 -13.85
C GLY B 199 -34.73 8.09 -13.06
N SER B 200 -34.36 8.12 -11.79
CA SER B 200 -34.72 6.98 -10.94
C SER B 200 -36.19 6.99 -10.58
N SER B 201 -36.87 8.14 -10.72
CA SER B 201 -38.29 8.22 -10.35
C SER B 201 -39.19 7.47 -11.33
N GLN B 202 -38.84 7.47 -12.62
CA GLN B 202 -39.55 6.66 -13.62
C GLN B 202 -38.54 6.15 -14.61
N PRO B 203 -37.87 5.03 -14.30
CA PRO B 203 -36.84 4.53 -15.21
C PRO B 203 -37.46 4.22 -16.55
N PHE B 204 -36.64 4.31 -17.58
CA PHE B 204 -37.12 3.99 -18.90
C PHE B 204 -37.44 2.52 -19.02
N SER B 205 -38.60 2.22 -19.58
CA SER B 205 -39.00 0.85 -19.75
C SER B 205 -39.57 0.63 -21.16
N ALA B 206 -39.41 -0.60 -21.63
CA ALA B 206 -40.05 -1.05 -22.85
C ALA B 206 -41.53 -0.68 -22.85
N GLY B 207 -41.98 -0.12 -23.97
CA GLY B 207 -43.38 0.26 -24.11
C GLY B 207 -43.82 1.44 -23.27
N MET B 208 -42.98 2.48 -23.14
CA MET B 208 -43.38 3.65 -22.38
C MET B 208 -43.72 4.76 -23.37
N ILE B 209 -44.40 5.79 -22.89
CA ILE B 209 -44.82 6.88 -23.77
C ILE B 209 -43.60 7.69 -24.23
N ALA B 210 -43.39 7.75 -25.56
CA ALA B 210 -42.24 8.38 -26.21
C ALA B 210 -41.87 9.73 -25.62
N GLU B 211 -42.87 10.61 -25.66
CA GLU B 211 -42.87 11.96 -25.10
C GLU B 211 -42.50 11.97 -23.62
N ASP B 212 -42.59 10.83 -22.91
CA ASP B 212 -42.12 10.89 -21.54
C ASP B 212 -40.61 11.08 -21.43
N ALA B 213 -39.87 10.82 -22.51
CA ALA B 213 -38.44 11.06 -22.53
C ALA B 213 -38.08 12.48 -22.93
N LEU B 214 -39.06 13.30 -23.31
CA LEU B 214 -38.78 14.58 -23.93
C LEU B 214 -39.15 15.71 -22.98
N MET B 215 -38.46 16.83 -23.16
CA MET B 215 -38.68 18.00 -22.31
C MET B 215 -40.11 18.50 -22.43
N THR B 216 -40.62 19.05 -21.33
CA THR B 216 -41.85 19.83 -21.37
C THR B 216 -41.70 21.09 -20.53
N MET B 217 -42.35 22.14 -20.96
CA MET B 217 -42.32 23.38 -20.22
C MET B 217 -43.77 23.61 -19.81
N ARG B 218 -44.10 23.36 -18.53
CA ARG B 218 -45.50 23.23 -18.14
C ARG B 218 -46.22 24.58 -18.10
N ASP B 219 -45.48 25.67 -17.89
CA ASP B 219 -46.08 26.99 -17.78
C ASP B 219 -45.09 28.02 -18.26
N GLY B 220 -45.05 28.25 -19.56
CA GLY B 220 -44.04 29.14 -20.13
C GLY B 220 -44.02 30.53 -19.53
N ARG B 221 -45.16 31.02 -19.08
CA ARG B 221 -45.16 32.37 -18.56
C ARG B 221 -44.64 32.43 -17.12
N GLU B 222 -45.02 31.43 -16.31
CA GLU B 222 -44.47 31.36 -14.96
C GLU B 222 -42.95 31.24 -15.00
N VAL B 223 -42.43 30.45 -15.94
CA VAL B 223 -40.98 30.30 -16.05
C VAL B 223 -40.33 31.63 -16.40
N PHE B 224 -40.91 32.35 -17.36
CA PHE B 224 -40.40 33.66 -17.75
C PHE B 224 -40.27 34.58 -16.54
N SER B 225 -41.35 34.69 -15.77
CA SER B 225 -41.35 35.58 -14.62
C SER B 225 -40.32 35.15 -13.59
N ARG B 226 -40.28 33.85 -13.26
CA ARG B 226 -39.30 33.34 -12.30
C ARG B 226 -37.87 33.55 -12.80
N ALA B 227 -37.60 33.23 -14.07
CA ALA B 227 -36.23 33.36 -14.59
C ALA B 227 -35.74 34.80 -14.57
N VAL B 228 -36.60 35.75 -14.95
CA VAL B 228 -36.25 37.16 -14.92
C VAL B 228 -35.94 37.61 -13.49
N ALA B 229 -36.78 37.22 -12.54
CA ALA B 229 -36.53 37.55 -11.15
C ALA B 229 -35.19 36.99 -10.65
N LEU B 230 -34.88 35.74 -11.00
CA LEU B 230 -33.62 35.15 -10.50
C LEU B 230 -32.40 35.84 -11.11
N MET B 231 -32.43 36.13 -12.40
CA MET B 231 -31.28 36.77 -13.04
C MET B 231 -31.13 38.21 -12.58
N THR B 232 -32.26 38.90 -12.41
CA THR B 232 -32.23 40.27 -11.88
C THR B 232 -31.68 40.29 -10.47
N ASN B 233 -32.21 39.45 -9.58
CA ASN B 233 -31.84 39.52 -8.17
C ASN B 233 -30.42 39.04 -7.93
N THR B 234 -29.97 38.02 -8.67
CA THR B 234 -28.59 37.59 -8.47
C THR B 234 -27.63 38.63 -9.00
N SER B 235 -27.92 39.19 -10.17
CA SER B 235 -27.09 40.25 -10.74
C SER B 235 -27.00 41.46 -9.81
N GLN B 236 -28.14 41.92 -9.28
CA GLN B 236 -28.12 43.08 -8.40
C GLN B 236 -27.19 42.85 -7.21
N ARG B 237 -27.20 41.64 -6.66
CA ARG B 237 -26.42 41.47 -5.44
C ARG B 237 -24.96 41.17 -5.72
N VAL B 238 -24.60 40.60 -6.87
CA VAL B 238 -23.16 40.52 -7.17
C VAL B 238 -22.61 41.91 -7.47
N LEU B 239 -23.40 42.75 -8.15
CA LEU B 239 -23.01 44.14 -8.34
C LEU B 239 -22.79 44.84 -7.00
N HIS B 240 -23.75 44.70 -6.09
CA HIS B 240 -23.62 45.29 -4.76
C HIS B 240 -22.36 44.80 -4.05
N GLU B 241 -22.06 43.50 -4.16
CA GLU B 241 -20.90 42.94 -3.45
C GLU B 241 -19.58 43.34 -4.10
N ALA B 242 -19.57 43.56 -5.41
CA ALA B 242 -18.34 44.05 -6.03
C ALA B 242 -18.19 45.56 -5.87
N GLU B 243 -19.20 46.22 -5.30
CA GLU B 243 -19.28 47.68 -5.23
C GLU B 243 -19.22 48.32 -6.61
N LEU B 244 -20.06 47.79 -7.51
CA LEU B 244 -20.23 48.36 -8.83
C LEU B 244 -21.70 48.67 -9.05
N THR B 245 -21.95 49.45 -10.11
CA THR B 245 -23.26 49.73 -10.66
C THR B 245 -23.30 49.13 -12.07
N ALA B 246 -24.52 49.08 -12.63
CA ALA B 246 -24.66 48.63 -14.01
C ALA B 246 -23.81 49.46 -14.95
N ALA B 247 -23.61 50.73 -14.64
CA ALA B 247 -22.85 51.61 -15.52
C ALA B 247 -21.39 51.25 -15.59
N ASP B 248 -20.89 50.43 -14.66
CA ASP B 248 -19.48 50.04 -14.69
C ASP B 248 -19.22 48.75 -15.49
N ILE B 249 -20.27 48.06 -15.93
CA ILE B 249 -20.14 46.80 -16.66
C ILE B 249 -19.79 47.09 -18.12
N SER B 250 -18.68 46.52 -18.59
CA SER B 250 -18.29 46.72 -19.99
C SER B 250 -19.16 45.89 -20.93
N ARG B 251 -19.45 44.64 -20.54
CA ARG B 251 -20.26 43.72 -21.33
C ARG B 251 -21.16 42.92 -20.41
N PHE B 252 -22.43 42.85 -20.75
CA PHE B 252 -23.42 42.07 -20.04
C PHE B 252 -23.67 40.79 -20.84
N VAL B 253 -23.43 39.65 -20.21
CA VAL B 253 -23.55 38.38 -20.92
C VAL B 253 -24.58 37.52 -20.20
N PRO B 254 -25.87 37.72 -20.44
CA PRO B 254 -26.87 36.86 -19.83
C PRO B 254 -27.00 35.53 -20.57
N HIS B 255 -27.46 34.52 -19.84
CA HIS B 255 -27.96 33.32 -20.48
C HIS B 255 -28.94 33.70 -21.57
N GLN B 256 -28.78 33.07 -22.74
CA GLN B 256 -29.61 33.38 -23.91
C GLN B 256 -30.85 32.49 -23.93
N ALA B 257 -31.76 32.79 -23.00
CA ALA B 257 -33.01 32.05 -22.93
C ALA B 257 -33.96 32.49 -24.04
N ASN B 258 -34.10 33.79 -24.22
CA ASN B 258 -35.18 34.39 -25.01
C ASN B 258 -34.88 35.88 -25.08
N ALA B 259 -34.87 36.48 -26.28
CA ALA B 259 -34.52 37.89 -26.40
C ALA B 259 -35.41 38.78 -25.55
N ARG B 260 -36.69 38.42 -25.44
CA ARG B 260 -37.60 39.21 -24.62
C ARG B 260 -37.22 39.13 -23.16
N MET B 261 -36.72 37.97 -22.73
CA MET B 261 -36.25 37.79 -21.37
C MET B 261 -34.93 38.53 -21.16
N SER B 262 -34.01 38.42 -22.11
CA SER B 262 -32.80 39.22 -22.06
C SER B 262 -33.14 40.70 -21.89
N ASP B 263 -34.13 41.19 -22.68
CA ASP B 263 -34.51 42.60 -22.59
C ASP B 263 -35.06 42.93 -21.20
N ALA B 264 -35.95 42.08 -20.68
CA ALA B 264 -36.53 42.34 -19.38
C ALA B 264 -35.44 42.50 -18.31
N VAL B 265 -34.46 41.58 -18.28
CA VAL B 265 -33.38 41.69 -17.31
C VAL B 265 -32.59 42.98 -17.52
N CYS B 266 -32.23 43.28 -18.78
CA CYS B 266 -31.55 44.52 -19.07
C CYS B 266 -32.31 45.72 -18.51
N GLY B 267 -33.62 45.78 -18.75
CA GLY B 267 -34.41 46.86 -18.19
C GLY B 267 -34.34 46.90 -16.67
N ASN B 268 -34.59 45.76 -16.03
CA ASN B 268 -34.58 45.71 -14.57
C ASN B 268 -33.27 46.21 -14.00
N LEU B 269 -32.16 45.99 -14.69
CA LEU B 269 -30.85 46.37 -14.19
C LEU B 269 -30.39 47.72 -14.72
N GLY B 270 -31.07 48.29 -15.70
CA GLY B 270 -30.65 49.56 -16.27
C GLY B 270 -29.36 49.41 -17.06
N ILE B 271 -29.31 48.36 -17.89
CA ILE B 271 -28.16 48.05 -18.72
C ILE B 271 -28.57 48.26 -20.17
N GLU B 272 -27.80 49.08 -20.90
CA GLU B 272 -28.10 49.33 -22.31
C GLU B 272 -28.20 48.03 -23.07
N ARG B 273 -29.15 47.97 -24.01
CA ARG B 273 -29.15 46.90 -24.99
C ARG B 273 -27.81 46.81 -25.70
N GLU B 274 -27.15 47.95 -25.90
CA GLU B 274 -25.94 47.97 -26.70
C GLU B 274 -24.72 47.37 -26.00
N LYS B 275 -24.74 47.25 -24.67
CA LYS B 275 -23.65 46.55 -23.98
C LYS B 275 -23.91 45.06 -23.77
N THR B 276 -25.02 44.54 -24.25
CA THR B 276 -25.45 43.18 -23.95
C THR B 276 -25.03 42.27 -25.10
N VAL B 277 -24.16 41.29 -24.81
CA VAL B 277 -23.84 40.29 -25.81
C VAL B 277 -25.11 39.53 -26.15
N ARG B 278 -25.43 39.43 -27.44
CA ARG B 278 -26.63 38.74 -27.88
C ARG B 278 -26.24 37.78 -28.99
N THR B 279 -26.33 36.48 -28.71
CA THR B 279 -26.04 35.43 -29.67
C THR B 279 -27.23 34.53 -29.92
N ILE B 280 -28.34 34.73 -29.19
CA ILE B 280 -29.51 33.88 -29.41
C ILE B 280 -30.00 33.95 -30.85
N GLY B 281 -29.72 35.04 -31.57
CA GLY B 281 -30.26 35.19 -32.91
C GLY B 281 -29.82 34.10 -33.86
N SER B 282 -28.53 33.74 -33.81
CA SER B 282 -27.96 32.68 -34.65
C SER B 282 -27.75 31.35 -33.93
N PHE B 283 -27.79 31.30 -32.60
CA PHE B 283 -27.44 30.06 -31.92
C PHE B 283 -28.53 29.50 -31.03
N GLY B 284 -29.66 30.19 -30.89
CA GLY B 284 -30.77 29.76 -30.07
C GLY B 284 -30.38 29.62 -28.60
N ASN B 285 -31.20 28.86 -27.87
CA ASN B 285 -31.02 28.62 -26.44
C ASN B 285 -30.45 27.22 -26.25
N SER B 286 -29.14 27.13 -26.01
CA SER B 286 -28.47 25.86 -25.75
C SER B 286 -28.15 25.65 -24.27
N SER B 287 -28.95 26.24 -23.39
CA SER B 287 -28.91 26.00 -21.95
C SER B 287 -27.53 26.43 -21.46
N ALA B 288 -26.79 25.59 -20.73
CA ALA B 288 -25.57 26.04 -20.07
C ALA B 288 -24.50 26.52 -21.05
N ALA B 289 -24.58 26.12 -22.32
CA ALA B 289 -23.56 26.54 -23.28
C ALA B 289 -23.62 28.01 -23.66
N THR B 290 -24.75 28.70 -23.43
CA THR B 290 -24.93 30.00 -24.07
C THR B 290 -23.92 31.03 -23.57
N ILE B 291 -23.62 31.01 -22.28
CA ILE B 291 -22.76 32.08 -21.76
C ILE B 291 -21.33 31.90 -22.26
N PRO B 292 -20.71 30.72 -22.15
CA PRO B 292 -19.36 30.58 -22.72
C PRO B 292 -19.33 30.68 -24.24
N LEU B 293 -20.42 30.35 -24.93
CA LEU B 293 -20.42 30.59 -26.37
C LEU B 293 -20.45 32.10 -26.65
N SER B 294 -21.24 32.85 -25.88
CA SER B 294 -21.27 34.29 -26.06
C SER B 294 -19.92 34.91 -25.74
N LEU B 295 -19.24 34.41 -24.70
CA LEU B 295 -17.93 34.93 -24.34
C LEU B 295 -16.92 34.69 -25.47
N SER B 296 -16.98 33.51 -26.08
CA SER B 296 -16.15 33.24 -27.24
C SER B 296 -16.49 34.18 -28.39
N ILE B 297 -17.79 34.42 -28.61
CA ILE B 297 -18.22 35.25 -29.72
C ILE B 297 -17.73 36.69 -29.53
N THR B 298 -18.02 37.29 -28.36
CA THR B 298 -17.70 38.70 -28.14
C THR B 298 -16.21 38.94 -28.07
N ASN B 299 -15.46 37.96 -27.55
CA ASN B 299 -13.99 38.05 -27.52
C ASN B 299 -13.38 38.00 -28.91
N ALA B 300 -13.93 37.14 -29.78
CA ALA B 300 -13.54 37.16 -31.19
C ALA B 300 -13.83 38.51 -31.83
N GLU B 301 -15.01 39.07 -31.56
CA GLU B 301 -15.39 40.36 -32.15
C GLU B 301 -14.52 41.49 -31.61
N ARG B 302 -14.27 41.48 -30.32
CA ARG B 302 -13.48 42.55 -29.77
C ARG B 302 -12.76 41.89 -28.59
N PRO B 303 -11.45 41.68 -28.69
CA PRO B 303 -10.74 40.96 -27.63
C PRO B 303 -10.94 41.64 -26.28
N LEU B 304 -11.18 40.83 -25.25
CA LEU B 304 -11.42 41.37 -23.92
C LEU B 304 -10.17 42.05 -23.41
N ALA B 305 -10.31 43.32 -23.01
CA ALA B 305 -9.19 44.14 -22.59
C ALA B 305 -9.10 44.22 -21.07
N GLY B 306 -7.88 44.26 -20.55
CA GLY B 306 -7.65 44.36 -19.12
C GLY B 306 -8.34 45.56 -18.49
N GLY B 307 -9.02 45.34 -17.35
CA GLY B 307 -9.85 46.35 -16.73
C GLY B 307 -11.32 46.28 -17.07
N GLU B 308 -11.69 45.67 -18.20
CA GLU B 308 -13.10 45.41 -18.49
C GLU B 308 -13.72 44.55 -17.40
N THR B 309 -14.98 44.83 -17.12
CA THR B 309 -15.76 44.08 -16.14
C THR B 309 -16.94 43.45 -16.84
N LEU B 310 -17.16 42.16 -16.59
CA LEU B 310 -18.24 41.43 -17.23
C LEU B 310 -19.25 41.05 -16.16
N LEU B 311 -20.52 41.09 -16.54
CA LEU B 311 -21.59 40.60 -15.68
C LEU B 311 -22.25 39.42 -16.38
N LEU B 312 -22.20 38.27 -15.73
CA LEU B 312 -22.78 37.03 -16.25
C LEU B 312 -23.92 36.63 -15.35
N THR B 313 -25.05 36.26 -15.94
CA THR B 313 -26.17 35.81 -15.13
C THR B 313 -26.94 34.76 -15.89
N ALA B 314 -27.59 33.86 -15.17
CA ALA B 314 -28.36 32.79 -15.77
C ALA B 314 -29.42 32.33 -14.77
N ALA B 315 -30.49 31.74 -15.31
CA ALA B 315 -31.49 31.04 -14.52
C ALA B 315 -31.95 29.83 -15.31
N GLY B 316 -32.38 28.78 -14.63
CA GLY B 316 -32.74 27.57 -15.34
C GLY B 316 -33.72 26.71 -14.59
N ALA B 317 -34.01 25.55 -15.17
CA ALA B 317 -34.84 24.54 -14.51
C ALA B 317 -34.25 24.21 -13.14
N GLY B 318 -35.11 23.76 -12.23
CA GLY B 318 -34.69 23.54 -10.86
C GLY B 318 -35.65 24.05 -9.81
N MET B 319 -35.90 25.36 -9.74
CA MET B 319 -35.19 26.39 -10.50
C MET B 319 -33.79 26.61 -9.97
N THR B 320 -32.91 27.09 -10.84
CA THR B 320 -31.56 27.49 -10.47
C THR B 320 -31.29 28.88 -11.01
N GLY B 321 -30.26 29.51 -10.45
CA GLY B 321 -29.87 30.82 -10.92
C GLY B 321 -28.52 31.19 -10.38
N GLY B 322 -27.93 32.22 -10.98
CA GLY B 322 -26.64 32.67 -10.50
C GLY B 322 -26.18 33.89 -11.24
N ALA B 323 -25.17 34.55 -10.67
CA ALA B 323 -24.54 35.66 -11.35
C ALA B 323 -23.08 35.71 -10.93
N VAL B 324 -22.24 36.25 -11.80
CA VAL B 324 -20.81 36.38 -11.58
C VAL B 324 -20.37 37.72 -12.14
N VAL B 325 -19.60 38.49 -11.35
CA VAL B 325 -18.93 39.69 -11.82
C VAL B 325 -17.46 39.32 -12.07
N TYR B 326 -17.03 39.38 -13.32
CA TYR B 326 -15.67 39.00 -13.67
C TYR B 326 -14.95 40.20 -14.24
N ARG B 327 -13.77 40.49 -13.74
CA ARG B 327 -12.93 41.57 -14.23
C ARG B 327 -11.66 41.06 -14.90
N VAL B 328 -11.53 41.36 -16.20
CA VAL B 328 -10.38 40.97 -17.00
C VAL B 328 -9.11 41.56 -16.40
N GLN C 2 28.52 6.69 22.64
CA GLN C 2 28.52 6.58 24.10
C GLN C 2 28.56 5.12 24.60
N THR C 3 28.12 4.16 23.79
CA THR C 3 28.22 2.77 24.19
C THR C 3 29.61 2.24 23.87
N ARG C 4 30.36 1.87 24.90
CA ARG C 4 31.69 1.31 24.68
C ARG C 4 31.79 -0.18 25.00
N SER C 5 30.81 -0.76 25.70
CA SER C 5 30.84 -2.19 25.94
C SER C 5 29.41 -2.72 26.07
N SER C 6 29.26 -4.04 26.11
CA SER C 6 27.99 -4.67 26.42
C SER C 6 28.13 -5.40 27.75
N ARG C 7 27.01 -5.66 28.43
CA ARG C 7 27.10 -6.48 29.63
C ARG C 7 25.98 -7.50 29.67
N MET C 8 26.31 -8.65 30.24
CA MET C 8 25.35 -9.72 30.47
C MET C 8 24.52 -9.34 31.68
N ALA C 9 23.37 -8.74 31.41
CA ALA C 9 22.50 -8.16 32.42
C ALA C 9 21.53 -9.17 33.02
N GLY C 10 21.33 -10.30 32.36
CA GLY C 10 20.37 -11.28 32.85
C GLY C 10 20.68 -12.63 32.26
N PHE C 11 20.34 -13.68 33.01
CA PHE C 11 20.62 -15.05 32.62
C PHE C 11 19.39 -15.91 32.83
N GLY C 12 19.28 -16.95 32.03
CA GLY C 12 18.16 -17.86 32.16
C GLY C 12 18.52 -19.19 31.54
N HIS C 13 17.75 -20.21 31.91
CA HIS C 13 17.86 -21.51 31.26
C HIS C 13 16.56 -22.27 31.46
N ALA C 14 16.44 -23.40 30.76
CA ALA C 14 15.23 -24.22 30.79
C ALA C 14 15.57 -25.59 30.21
N VAL C 15 14.95 -26.64 30.75
CA VAL C 15 15.08 -27.98 30.19
C VAL C 15 13.69 -28.60 30.11
N PRO C 16 13.50 -29.59 29.24
CA PRO C 16 12.25 -30.38 29.27
C PRO C 16 12.12 -31.19 30.55
N ALA C 17 10.99 -31.85 30.73
CA ALA C 17 10.66 -32.51 31.99
C ALA C 17 11.12 -33.97 32.07
N ARG C 18 11.44 -34.62 30.96
CA ARG C 18 11.82 -36.03 31.00
C ARG C 18 13.29 -36.16 31.34
N CYS C 19 13.57 -36.65 32.55
CA CYS C 19 14.93 -36.88 33.01
C CYS C 19 15.36 -38.29 32.66
N VAL C 20 16.45 -38.43 31.92
CA VAL C 20 16.93 -39.73 31.46
C VAL C 20 18.27 -40.03 32.13
N ASP C 21 18.24 -41.01 33.06
CA ASP C 21 19.38 -41.63 33.75
C ASP C 21 20.21 -42.43 32.75
N ASN C 22 21.52 -42.55 32.98
CA ASN C 22 22.32 -43.37 32.08
C ASN C 22 21.83 -44.82 32.01
N ALA C 23 21.22 -45.33 33.08
CA ALA C 23 20.85 -46.76 33.08
C ALA C 23 19.83 -47.07 31.99
N GLU C 24 18.91 -46.14 31.73
CA GLU C 24 17.91 -46.34 30.68
C GLU C 24 18.57 -46.40 29.30
N ILE C 25 19.57 -45.56 29.04
CA ILE C 25 20.27 -45.63 27.78
C ILE C 25 21.19 -46.85 27.74
N GLU C 26 21.84 -47.17 28.87
CA GLU C 26 22.78 -48.29 28.91
C GLU C 26 22.07 -49.62 28.65
N ALA C 27 20.89 -49.80 29.26
CA ALA C 27 20.09 -50.98 28.96
C ALA C 27 19.78 -51.06 27.46
N SER C 28 19.34 -49.94 26.88
CA SER C 28 18.99 -49.92 25.46
C SER C 28 20.15 -50.35 24.56
N LEU C 29 21.38 -50.07 24.98
CA LEU C 29 22.53 -50.34 24.13
C LEU C 29 23.28 -51.59 24.56
N GLY C 30 22.78 -52.31 25.56
CA GLY C 30 23.46 -53.49 26.06
C GLY C 30 24.74 -53.21 26.81
N LEU C 31 24.79 -52.12 27.57
CA LEU C 31 26.02 -51.64 28.18
C LEU C 31 26.02 -51.95 29.67
N GLU C 32 27.22 -52.16 30.22
CA GLU C 32 27.40 -52.38 31.64
C GLU C 32 27.08 -51.11 32.43
N ALA C 33 26.78 -51.28 33.72
CA ALA C 33 26.45 -50.13 34.54
C ALA C 33 27.64 -49.21 34.70
N GLY C 34 27.38 -47.90 34.71
CA GLY C 34 28.45 -46.93 34.82
C GLY C 34 29.23 -46.71 33.54
N TRP C 35 28.88 -47.41 32.47
CA TRP C 35 29.60 -47.28 31.20
C TRP C 35 29.60 -45.83 30.70
N ILE C 36 28.45 -45.16 30.76
CA ILE C 36 28.34 -43.80 30.21
C ILE C 36 29.12 -42.81 31.07
N GLU C 37 28.91 -42.84 32.39
CA GLU C 37 29.58 -41.88 33.27
C GLU C 37 31.08 -41.99 33.14
N ARG C 38 31.61 -43.20 33.04
CA ARG C 38 33.04 -43.42 33.01
C ARG C 38 33.68 -42.72 31.82
N ARG C 39 32.97 -42.68 30.69
CA ARG C 39 33.52 -42.21 29.42
C ARG C 39 33.08 -40.81 29.05
N THR C 40 32.06 -40.23 29.70
CA THR C 40 31.53 -38.93 29.34
C THR C 40 31.28 -37.98 30.50
N GLY C 41 31.25 -38.46 31.75
CA GLY C 41 30.90 -37.63 32.88
C GLY C 41 29.43 -37.28 33.00
N ILE C 42 28.59 -37.77 32.09
CA ILE C 42 27.16 -37.56 32.21
C ILE C 42 26.58 -38.60 33.16
N ARG C 43 25.73 -38.16 34.08
CA ARG C 43 24.91 -39.05 34.89
C ARG C 43 23.46 -39.09 34.41
N SER C 44 22.95 -37.96 33.95
CA SER C 44 21.60 -37.87 33.42
C SER C 44 21.50 -36.64 32.52
N ARG C 45 20.36 -36.51 31.86
CA ARG C 45 20.16 -35.57 30.76
C ARG C 45 18.65 -35.41 30.61
N TYR C 46 18.25 -34.27 30.06
CA TYR C 46 16.84 -33.99 29.83
C TYR C 46 16.51 -34.15 28.35
N TRP C 47 15.41 -34.84 28.07
CA TRP C 47 14.91 -34.99 26.71
C TRP C 47 13.50 -34.41 26.62
N ALA C 48 13.17 -33.91 25.43
CA ALA C 48 11.84 -33.35 25.20
C ALA C 48 10.78 -34.46 25.21
N GLU C 49 9.58 -34.06 25.56
CA GLU C 49 8.39 -34.91 25.46
C GLU C 49 7.57 -34.49 24.25
N ALA C 50 6.64 -35.35 23.86
CA ALA C 50 5.78 -35.05 22.72
C ALA C 50 5.01 -33.78 22.98
N GLY C 51 5.03 -32.86 22.02
CA GLY C 51 4.37 -31.59 22.17
C GLY C 51 5.28 -30.45 22.61
N ASP C 52 6.36 -30.75 23.35
CA ASP C 52 7.36 -29.73 23.61
C ASP C 52 7.87 -29.15 22.29
N THR C 53 8.13 -27.85 22.25
CA THR C 53 8.71 -27.24 21.06
C THR C 53 10.00 -26.50 21.39
N LEU C 54 10.84 -26.33 20.38
CA LEU C 54 12.03 -25.52 20.55
C LEU C 54 11.70 -24.08 20.90
N SER C 55 10.74 -23.49 20.21
CA SER C 55 10.39 -22.11 20.54
C SER C 55 9.84 -22.02 21.96
N GLY C 56 9.08 -23.04 22.40
CA GLY C 56 8.62 -23.07 23.78
C GLY C 56 9.77 -23.20 24.77
N LEU C 57 10.73 -24.08 24.49
CA LEU C 57 11.87 -24.22 25.38
C LEU C 57 12.73 -22.95 25.37
N ALA C 58 12.91 -22.35 24.18
CA ALA C 58 13.70 -21.12 24.10
C ALA C 58 12.99 -19.97 24.79
N GLU C 59 11.65 -19.94 24.70
CA GLU C 59 10.88 -18.89 25.35
C GLU C 59 11.07 -18.92 26.87
N ARG C 60 11.11 -20.10 27.45
CA ARG C 60 11.17 -20.22 28.90
C ARG C 60 12.52 -19.70 29.42
N ALA C 61 13.62 -20.05 28.75
CA ALA C 61 14.92 -19.50 29.14
C ALA C 61 14.98 -17.99 28.87
N GLY C 62 14.43 -17.56 27.74
CA GLY C 62 14.49 -16.15 27.40
C GLY C 62 13.68 -15.31 28.37
N ARG C 63 12.50 -15.80 28.76
CA ARG C 63 11.70 -15.07 29.73
C ARG C 63 12.45 -14.96 31.05
N MET C 64 13.10 -16.05 31.48
CA MET C 64 13.88 -16.01 32.72
C MET C 64 14.99 -14.98 32.64
N ALA C 65 15.72 -14.94 31.51
CA ALA C 65 16.80 -13.97 31.38
C ALA C 65 16.25 -12.54 31.40
N LEU C 66 15.10 -12.30 30.75
CA LEU C 66 14.53 -10.95 30.74
C LEU C 66 14.11 -10.51 32.14
N GLU C 67 13.44 -11.40 32.89
CA GLU C 67 13.06 -11.06 34.26
C GLU C 67 14.28 -10.90 35.16
N ASP C 68 15.33 -11.68 34.91
CA ASP C 68 16.56 -11.51 35.69
C ASP C 68 17.17 -10.14 35.47
N ALA C 69 17.21 -9.68 34.23
CA ALA C 69 17.70 -8.34 33.89
C ALA C 69 16.71 -7.23 34.20
N LYS C 70 15.52 -7.57 34.72
CA LYS C 70 14.36 -6.67 34.87
C LYS C 70 14.33 -5.58 33.79
N ILE C 71 14.34 -6.03 32.56
CA ILE C 71 14.42 -5.13 31.43
C ILE C 71 13.04 -4.99 30.81
N ASN C 72 12.76 -3.81 30.25
CA ASN C 72 11.49 -3.55 29.61
C ASN C 72 11.46 -4.20 28.24
N ALA C 73 10.38 -4.94 27.94
CA ALA C 73 10.29 -5.68 26.69
C ALA C 73 10.57 -4.79 25.47
N ASP C 74 10.27 -3.49 25.58
CA ASP C 74 10.50 -2.52 24.51
C ASP C 74 11.98 -2.24 24.26
N ASP C 75 12.84 -2.59 25.21
CA ASP C 75 14.27 -2.28 25.14
C ASP C 75 15.06 -3.26 24.29
N ILE C 76 14.49 -4.43 23.99
CA ILE C 76 15.13 -5.44 23.15
C ILE C 76 14.97 -5.03 21.70
N ALA C 77 16.09 -4.64 21.06
CA ALA C 77 16.11 -4.31 19.66
C ALA C 77 16.38 -5.52 18.76
N LEU C 78 16.85 -6.63 19.32
CA LEU C 78 17.25 -7.74 18.48
C LEU C 78 17.20 -9.02 19.31
N THR C 79 16.76 -10.11 18.67
CA THR C 79 16.73 -11.44 19.28
C THR C 79 17.53 -12.39 18.39
N LEU C 80 18.60 -12.94 18.93
CA LEU C 80 19.41 -13.93 18.22
C LEU C 80 19.12 -15.29 18.84
N LEU C 81 18.74 -16.26 18.00
CA LEU C 81 18.44 -17.61 18.49
C LEU C 81 19.39 -18.59 17.80
N ALA C 82 20.42 -19.03 18.52
CA ALA C 82 21.35 -20.05 18.02
C ALA C 82 20.72 -21.41 18.24
N THR C 83 20.42 -22.10 17.15
CA THR C 83 19.80 -23.41 17.25
C THR C 83 20.12 -24.24 16.01
N SER C 84 20.18 -25.54 16.22
CA SER C 84 20.27 -26.50 15.14
C SER C 84 18.92 -27.10 14.79
N THR C 85 17.91 -26.88 15.61
CA THR C 85 16.67 -27.67 15.56
C THR C 85 15.45 -26.76 15.58
N PRO C 86 15.34 -25.83 14.64
CA PRO C 86 14.19 -24.92 14.64
C PRO C 86 12.88 -25.70 14.56
N ASP C 87 11.82 -25.08 15.08
CA ASP C 87 10.49 -25.68 14.99
C ASP C 87 10.20 -26.20 13.58
N HIS C 88 10.54 -25.40 12.57
CA HIS C 88 10.25 -25.72 11.18
C HIS C 88 11.47 -25.36 10.35
N LEU C 89 11.56 -25.99 9.17
CA LEU C 89 12.62 -25.62 8.25
C LEU C 89 12.37 -24.24 7.64
N LEU C 90 11.16 -23.70 7.81
CA LEU C 90 10.70 -22.40 7.35
C LEU C 90 9.40 -22.10 8.08
N PRO C 91 9.24 -20.91 8.67
CA PRO C 91 10.26 -19.86 8.78
C PRO C 91 11.26 -20.14 9.90
N PRO C 92 12.30 -19.29 10.05
CA PRO C 92 13.13 -19.36 11.26
C PRO C 92 12.28 -19.31 12.52
N SER C 93 12.84 -19.81 13.63
CA SER C 93 12.10 -19.83 14.90
C SER C 93 12.19 -18.49 15.66
N ALA C 94 13.26 -17.72 15.47
CA ALA C 94 13.45 -16.52 16.29
C ALA C 94 12.28 -15.55 16.22
N PRO C 95 11.68 -15.25 15.05
CA PRO C 95 10.52 -14.35 15.06
C PRO C 95 9.37 -14.89 15.90
N LEU C 96 9.12 -16.20 15.87
CA LEU C 96 8.10 -16.76 16.77
C LEU C 96 8.50 -16.54 18.22
N LEU C 97 9.77 -16.79 18.55
CA LEU C 97 10.25 -16.62 19.92
C LEU C 97 10.08 -15.18 20.39
N ALA C 98 10.45 -14.21 19.55
CA ALA C 98 10.35 -12.81 19.96
C ALA C 98 8.89 -12.38 20.12
N HIS C 99 8.01 -12.90 19.27
CA HIS C 99 6.58 -12.64 19.42
C HIS C 99 6.04 -13.25 20.73
N ARG C 100 6.34 -14.52 20.98
CA ARG C 100 5.87 -15.18 22.19
C ARG C 100 6.34 -14.45 23.46
N LEU C 101 7.46 -13.75 23.40
CA LEU C 101 8.00 -13.02 24.54
C LEU C 101 7.51 -11.59 24.59
N GLY C 102 6.68 -11.17 23.64
CA GLY C 102 6.17 -9.82 23.61
C GLY C 102 7.19 -8.75 23.28
N LEU C 103 8.26 -9.11 22.55
CA LEU C 103 9.31 -8.16 22.20
C LEU C 103 8.92 -7.47 20.89
N THR C 104 8.01 -6.51 21.00
CA THR C 104 7.35 -6.00 19.81
C THR C 104 8.21 -5.05 18.99
N ARG C 105 9.44 -4.74 19.42
CA ARG C 105 10.34 -3.92 18.61
C ARG C 105 11.64 -4.62 18.28
N SER C 106 11.70 -5.92 18.51
CA SER C 106 12.93 -6.66 18.28
C SER C 106 12.89 -7.22 16.87
N GLY C 107 13.99 -7.07 16.14
CA GLY C 107 14.27 -7.95 15.03
C GLY C 107 14.56 -9.36 15.56
N ALA C 108 14.74 -10.30 14.62
CA ALA C 108 14.87 -11.69 15.01
C ALA C 108 15.44 -12.56 13.89
N ILE C 109 16.49 -13.32 14.18
CA ILE C 109 17.06 -14.25 13.20
C ILE C 109 17.64 -15.45 13.94
N ASP C 110 17.69 -16.59 13.26
CA ASP C 110 18.29 -17.81 13.78
C ASP C 110 19.75 -17.87 13.33
N LEU C 111 20.63 -18.39 14.19
CA LEU C 111 21.99 -18.67 13.80
C LEU C 111 22.23 -20.16 13.93
N ALA C 112 22.82 -20.75 12.90
CA ALA C 112 23.14 -22.17 12.90
C ALA C 112 24.66 -22.27 12.88
N GLY C 113 25.26 -22.48 14.06
CA GLY C 113 26.67 -22.75 14.18
C GLY C 113 26.97 -23.99 15.00
N ALA C 114 26.03 -24.94 15.02
CA ALA C 114 26.17 -26.16 15.82
C ALA C 114 26.51 -25.80 17.26
N A1ECI C 115 27.49 -26.50 17.85
CA A1ECI C 115 27.87 -26.24 19.24
C6 A1ECI C 115 28.64 -24.93 19.40
O A1ECI C 115 28.88 -24.52 20.54
CB A1ECI C 115 28.74 -27.37 19.83
SG A1ECI C 115 27.91 -29.01 19.74
C1 A1ECI C 115 24.65 -29.83 17.11
C2 A1ECI C 115 25.05 -31.31 17.30
C3 A1ECI C 115 26.56 -31.47 17.11
C4 A1ECI C 115 27.35 -31.16 18.39
C5 A1ECI C 115 28.09 -29.81 18.36
O1 A1ECI C 115 23.45 -29.56 16.84
O2 A1ECI C 115 25.55 -28.97 17.23
O3 A1ECI C 115 28.70 -29.44 17.36
N SER C 116 29.05 -24.29 18.30
CA SER C 116 29.73 -23.01 18.43
C SER C 116 28.75 -21.85 18.39
N GLY C 117 27.46 -22.18 18.29
CA GLY C 117 26.47 -21.20 17.91
C GLY C 117 26.33 -20.04 18.88
N PHE C 118 26.41 -20.34 20.18
CA PHE C 118 26.21 -19.26 21.14
C PHE C 118 27.36 -18.26 21.12
N LEU C 119 28.58 -18.73 20.87
CA LEU C 119 29.72 -17.83 20.89
C LEU C 119 29.72 -16.90 19.68
N TYR C 120 29.34 -17.42 18.51
CA TYR C 120 29.10 -16.54 17.36
C TYR C 120 27.99 -15.54 17.66
N ALA C 121 26.86 -16.03 18.19
CA ALA C 121 25.75 -15.12 18.48
C ALA C 121 26.17 -14.06 19.50
N LEU C 122 26.96 -14.44 20.51
CA LEU C 122 27.44 -13.49 21.51
C LEU C 122 28.37 -12.45 20.89
N THR C 123 29.33 -12.92 20.09
CA THR C 123 30.27 -11.98 19.48
C THR C 123 29.56 -11.01 18.53
N LEU C 124 28.64 -11.52 17.72
CA LEU C 124 27.92 -10.64 16.79
C LEU C 124 26.97 -9.71 17.54
N ALA C 125 26.36 -10.21 18.62
CA ALA C 125 25.46 -9.39 19.42
C ALA C 125 26.19 -8.25 20.10
N ASP C 126 27.40 -8.52 20.63
CA ASP C 126 28.22 -7.47 21.21
C ASP C 126 28.54 -6.38 20.20
N GLY C 127 28.82 -6.78 18.95
CA GLY C 127 29.02 -5.79 17.90
C GLY C 127 27.77 -4.95 17.64
N PHE C 128 26.60 -5.58 17.72
CA PHE C 128 25.36 -4.84 17.53
C PHE C 128 25.11 -3.88 18.68
N VAL C 129 25.27 -4.37 19.91
CA VAL C 129 25.09 -3.52 21.08
C VAL C 129 25.99 -2.30 20.97
N ARG C 130 27.27 -2.53 20.70
CA ARG C 130 28.21 -1.41 20.72
C ARG C 130 28.01 -0.50 19.51
N THR C 131 27.45 -1.01 18.42
CA THR C 131 27.26 -0.19 17.24
C THR C 131 26.00 0.67 17.35
N TYR C 132 24.89 0.09 17.84
CA TYR C 132 23.62 0.82 17.86
C TYR C 132 23.19 1.27 19.25
N GLY C 133 23.88 0.85 20.30
CA GLY C 133 23.53 1.29 21.63
C GLY C 133 22.20 0.77 22.15
N ARG C 134 21.84 -0.46 21.80
CA ARG C 134 20.55 -1.03 22.15
C ARG C 134 20.77 -2.47 22.63
N ALA C 135 19.85 -2.95 23.47
CA ALA C 135 19.99 -4.28 24.07
C ALA C 135 19.59 -5.38 23.08
N VAL C 136 20.13 -6.58 23.34
CA VAL C 136 19.94 -7.76 22.52
C VAL C 136 19.65 -8.94 23.44
N LEU C 137 18.65 -9.74 23.08
CA LEU C 137 18.42 -11.02 23.73
C LEU C 137 19.08 -12.10 22.89
N VAL C 138 19.92 -12.90 23.54
CA VAL C 138 20.66 -13.98 22.90
C VAL C 138 20.23 -15.29 23.54
N VAL C 139 19.67 -16.19 22.75
CA VAL C 139 19.18 -17.47 23.22
C VAL C 139 19.83 -18.57 22.40
N ALA C 140 20.32 -19.61 23.08
CA ALA C 140 20.76 -20.84 22.42
C ALA C 140 19.88 -21.98 22.94
N ALA C 141 19.40 -22.82 22.03
CA ALA C 141 18.46 -23.86 22.43
C ALA C 141 18.42 -24.96 21.38
N ASN C 142 18.29 -26.20 21.83
CA ASN C 142 18.27 -27.33 20.93
C ASN C 142 17.44 -28.43 21.54
N ILE C 143 16.73 -29.15 20.67
CA ILE C 143 16.09 -30.42 21.01
C ILE C 143 16.79 -31.48 20.17
N LEU C 144 17.95 -31.94 20.64
CA LEU C 144 18.73 -32.89 19.88
C LEU C 144 18.17 -34.29 19.98
N SER C 145 17.39 -34.58 21.03
CA SER C 145 16.89 -35.93 21.24
C SER C 145 16.11 -36.44 20.04
N ARG C 146 15.37 -35.55 19.37
CA ARG C 146 14.61 -35.95 18.19
C ARG C 146 15.48 -36.14 16.96
N ARG C 147 16.77 -35.81 17.05
CA ARG C 147 17.73 -36.07 16.00
C ARG C 147 18.66 -37.24 16.32
N ILE C 148 18.58 -37.80 17.53
CA ILE C 148 19.54 -38.82 17.96
C ILE C 148 19.26 -40.14 17.24
N ASN C 149 20.31 -40.78 16.74
CA ASN C 149 20.20 -42.17 16.29
C ASN C 149 20.40 -43.07 17.51
N PRO C 150 19.33 -43.69 18.01
CA PRO C 150 19.43 -44.47 19.25
C PRO C 150 20.38 -45.65 19.16
N ALA C 151 20.68 -46.13 17.96
CA ALA C 151 21.60 -47.26 17.81
C ALA C 151 23.06 -46.84 17.82
N GLU C 152 23.36 -45.57 17.58
CA GLU C 152 24.75 -45.13 17.50
C GLU C 152 25.19 -44.77 18.90
N ARG C 153 26.01 -45.63 19.49
CA ARG C 153 26.39 -45.46 20.88
C ARG C 153 27.02 -44.09 21.12
N ALA C 154 27.96 -43.69 20.24
CA ALA C 154 28.78 -42.52 20.50
C ALA C 154 27.96 -41.25 20.63
N SER C 155 26.83 -41.16 19.93
CA SER C 155 26.02 -39.95 20.04
C SER C 155 24.82 -40.11 20.95
N ALA C 156 24.23 -41.32 21.01
CA ALA C 156 23.02 -41.51 21.80
C ALA C 156 23.27 -41.34 23.30
N VAL C 157 24.50 -41.54 23.78
CA VAL C 157 24.79 -41.38 25.20
C VAL C 157 25.03 -39.93 25.58
N LEU C 158 25.33 -39.06 24.60
CA LEU C 158 25.78 -37.68 24.84
C LEU C 158 24.67 -36.64 24.81
N PHE C 159 23.86 -36.65 23.75
CA PHE C 159 23.15 -35.43 23.37
C PHE C 159 21.87 -35.25 24.17
N ALA C 160 21.55 -33.97 24.44
CA ALA C 160 20.45 -33.65 25.33
C ALA C 160 19.74 -32.39 24.85
N ASP C 161 18.66 -32.02 25.54
CA ASP C 161 17.81 -30.90 25.17
C ASP C 161 17.87 -29.84 26.25
N ALA C 162 18.04 -28.58 25.85
CA ALA C 162 18.15 -27.48 26.80
C ALA C 162 18.03 -26.16 26.06
N ALA C 163 17.88 -25.10 26.85
CA ALA C 163 17.92 -23.74 26.34
C ALA C 163 18.64 -22.86 27.36
N GLY C 164 19.41 -21.91 26.84
CA GLY C 164 20.03 -20.89 27.68
C GLY C 164 19.93 -19.55 27.01
N ALA C 165 19.91 -18.49 27.83
CA ALA C 165 19.64 -17.15 27.34
C ALA C 165 20.44 -16.12 28.12
N VAL C 166 20.81 -15.04 27.43
CA VAL C 166 21.55 -13.94 28.04
C VAL C 166 21.03 -12.63 27.48
N VAL C 167 20.67 -11.68 28.34
CA VAL C 167 20.36 -10.33 27.87
C VAL C 167 21.65 -9.52 27.89
N LEU C 168 22.02 -8.97 26.74
CA LEU C 168 23.13 -8.04 26.61
C LEU C 168 22.59 -6.64 26.55
N THR C 169 23.08 -5.76 27.43
CA THR C 169 22.67 -4.37 27.43
C THR C 169 23.86 -3.47 27.13
N PRO C 170 23.62 -2.29 26.58
CA PRO C 170 24.73 -1.34 26.35
C PRO C 170 25.26 -0.76 27.65
N CYS C 171 26.56 -0.45 27.64
CA CYS C 171 27.25 0.00 28.82
C CYS C 171 28.23 1.09 28.40
N PRO C 172 28.27 2.21 29.12
CA PRO C 172 29.19 3.31 28.73
C PRO C 172 30.67 3.02 28.99
N GLU C 173 31.03 2.12 29.88
CA GLU C 173 32.42 2.14 30.31
C GLU C 173 33.29 1.17 29.53
N VAL C 174 34.59 1.47 29.53
CA VAL C 174 35.55 0.75 28.75
C VAL C 174 36.17 -0.36 29.59
N LYS C 175 36.91 -1.22 28.90
CA LYS C 175 37.80 -2.21 29.51
C LYS C 175 37.02 -3.11 30.45
N ARG C 176 35.83 -3.49 29.98
CA ARG C 176 35.00 -4.53 30.57
C ARG C 176 34.17 -5.13 29.43
N GLY C 177 33.31 -6.07 29.80
CA GLY C 177 32.52 -6.70 28.75
C GLY C 177 33.38 -7.65 27.94
N VAL C 178 33.19 -7.64 26.62
CA VAL C 178 33.94 -8.53 25.74
C VAL C 178 35.31 -7.93 25.51
N LEU C 179 36.32 -8.47 26.20
CA LEU C 179 37.69 -7.99 26.04
C LEU C 179 38.33 -8.51 24.77
N SER C 180 37.95 -9.69 24.31
CA SER C 180 38.49 -10.29 23.11
C SER C 180 37.62 -11.47 22.70
N ALA C 181 37.68 -11.79 21.42
CA ALA C 181 36.92 -12.89 20.86
C ALA C 181 37.70 -13.41 19.67
N ASP C 182 37.49 -14.69 19.37
CA ASP C 182 38.16 -15.30 18.24
C ASP C 182 37.22 -16.38 17.73
N LEU C 183 36.82 -16.25 16.47
CA LEU C 183 35.92 -17.21 15.84
C LEU C 183 36.68 -17.91 14.72
N VAL C 184 36.60 -19.25 14.69
CA VAL C 184 37.33 -20.06 13.73
C VAL C 184 36.40 -21.06 13.07
N ALA C 185 36.81 -21.53 11.90
CA ALA C 185 36.15 -22.62 11.20
C ALA C 185 37.21 -23.51 10.55
N ASP C 186 36.88 -24.79 10.42
CA ASP C 186 37.75 -25.75 9.72
C ASP C 186 36.83 -26.70 8.96
N GLY C 187 36.49 -26.33 7.74
CA GLY C 187 35.64 -27.15 6.92
C GLY C 187 36.24 -28.44 6.40
N SER C 188 37.51 -28.75 6.70
CA SER C 188 38.02 -30.08 6.36
C SER C 188 37.39 -31.17 7.22
N GLY C 189 36.84 -30.83 8.38
CA GLY C 189 36.14 -31.80 9.22
C GLY C 189 34.63 -31.81 9.05
N TYR C 190 34.15 -31.23 7.94
CA TYR C 190 32.71 -31.06 7.69
C TYR C 190 31.92 -32.36 7.84
N ASP C 191 32.42 -33.47 7.26
CA ASP C 191 31.68 -34.73 7.27
C ASP C 191 31.74 -35.47 8.62
N LEU C 192 32.57 -35.04 9.57
CA LEU C 192 32.76 -35.82 10.81
C LEU C 192 31.47 -35.95 11.61
N ILE C 193 30.64 -34.92 11.60
CA ILE C 193 29.38 -34.89 12.35
C ILE C 193 28.32 -34.39 11.40
N GLN C 194 27.38 -35.25 11.02
CA GLN C 194 26.54 -34.94 9.89
C GLN C 194 25.18 -35.60 10.05
N ILE C 195 24.19 -34.97 9.42
CA ILE C 195 22.91 -35.60 9.08
C ILE C 195 22.83 -35.66 7.56
N ALA C 196 22.60 -36.86 7.01
CA ALA C 196 22.70 -37.04 5.57
C ALA C 196 21.56 -36.33 4.83
N ALA C 197 20.34 -36.51 5.30
CA ALA C 197 19.17 -36.13 4.54
C ALA C 197 18.50 -34.93 5.17
N GLY C 198 17.88 -34.11 4.33
CA GLY C 198 17.22 -32.95 4.88
C GLY C 198 17.55 -31.58 4.38
N GLY C 199 18.81 -31.33 4.12
CA GLY C 199 19.19 -30.07 3.52
C GLY C 199 18.86 -30.12 2.05
N SER C 200 19.53 -29.27 1.29
CA SER C 200 19.32 -29.26 -0.14
C SER C 200 20.12 -30.33 -0.86
N SER C 201 21.10 -30.95 -0.21
CA SER C 201 21.91 -31.95 -0.91
C SER C 201 21.15 -33.27 -1.07
N GLN C 202 20.37 -33.66 -0.07
CA GLN C 202 19.53 -34.86 -0.15
C GLN C 202 18.20 -34.55 0.52
N PRO C 203 17.28 -33.90 -0.21
CA PRO C 203 16.00 -33.51 0.40
C PRO C 203 15.25 -34.73 0.91
N PHE C 204 14.36 -34.46 1.84
CA PHE C 204 13.63 -35.56 2.46
C PHE C 204 12.59 -36.11 1.50
N SER C 205 12.47 -37.44 1.47
CA SER C 205 11.61 -38.09 0.48
C SER C 205 10.89 -39.26 1.11
N ALA C 206 9.84 -39.71 0.42
CA ALA C 206 9.18 -40.94 0.84
C ALA C 206 10.13 -42.12 0.62
N GLY C 207 10.00 -43.11 1.48
CA GLY C 207 10.94 -44.20 1.30
C GLY C 207 12.40 -43.89 1.56
N MET C 208 12.77 -42.77 2.16
CA MET C 208 14.16 -42.63 2.54
C MET C 208 14.50 -43.52 3.73
N ILE C 209 15.78 -43.86 3.86
CA ILE C 209 16.24 -44.65 5.01
C ILE C 209 16.03 -43.83 6.28
N ALA C 210 15.41 -44.44 7.29
CA ALA C 210 15.03 -43.71 8.51
C ALA C 210 16.24 -43.06 9.18
N GLU C 211 17.35 -43.78 9.26
CA GLU C 211 18.53 -43.23 9.92
C GLU C 211 19.10 -42.01 9.20
N ASP C 212 18.77 -41.80 7.92
CA ASP C 212 19.35 -40.67 7.19
C ASP C 212 18.85 -39.33 7.72
N ALA C 213 17.77 -39.32 8.48
CA ALA C 213 17.30 -38.10 9.13
C ALA C 213 17.93 -37.86 10.50
N LEU C 214 18.81 -38.76 10.97
CA LEU C 214 19.39 -38.66 12.31
C LEU C 214 20.89 -38.39 12.27
N MET C 215 21.40 -37.79 13.35
CA MET C 215 22.82 -37.43 13.41
C MET C 215 23.69 -38.68 13.36
N THR C 216 24.89 -38.52 12.83
CA THR C 216 25.95 -39.51 13.02
C THR C 216 27.26 -38.79 13.33
N MET C 217 28.03 -39.38 14.25
CA MET C 217 29.43 -39.00 14.46
C MET C 217 30.29 -40.09 13.84
N ARG C 218 30.92 -39.78 12.71
CA ARG C 218 31.61 -40.79 11.94
C ARG C 218 32.92 -41.25 12.56
N ASP C 219 33.53 -40.42 13.41
CA ASP C 219 34.86 -40.72 13.96
C ASP C 219 34.97 -39.93 15.27
N GLY C 220 34.62 -40.59 16.38
CA GLY C 220 34.62 -39.90 17.66
C GLY C 220 36.01 -39.45 18.06
N ARG C 221 37.01 -40.28 17.82
CA ARG C 221 38.36 -39.93 18.24
C ARG C 221 38.90 -38.75 17.45
N GLU C 222 38.58 -38.67 16.15
CA GLU C 222 39.02 -37.53 15.35
C GLU C 222 38.31 -36.24 15.79
N VAL C 223 37.02 -36.34 16.12
CA VAL C 223 36.26 -35.18 16.58
C VAL C 223 36.84 -34.64 17.89
N PHE C 224 37.05 -35.54 18.86
CA PHE C 224 37.66 -35.20 20.14
C PHE C 224 38.92 -34.38 19.95
N SER C 225 39.86 -34.93 19.18
CA SER C 225 41.12 -34.24 18.90
C SER C 225 40.88 -32.84 18.33
N ARG C 226 40.13 -32.76 17.22
CA ARG C 226 39.93 -31.48 16.56
C ARG C 226 39.25 -30.46 17.47
N ALA C 227 38.23 -30.89 18.21
CA ALA C 227 37.52 -29.97 19.10
C ALA C 227 38.43 -29.44 20.19
N VAL C 228 39.19 -30.34 20.85
CA VAL C 228 40.13 -29.91 21.88
C VAL C 228 41.09 -28.87 21.32
N ALA C 229 41.67 -29.15 20.14
CA ALA C 229 42.59 -28.21 19.51
C ALA C 229 41.91 -26.88 19.22
N LEU C 230 40.67 -26.91 18.71
CA LEU C 230 39.98 -25.66 18.41
C LEU C 230 39.69 -24.85 19.67
N MET C 231 39.22 -25.50 20.74
CA MET C 231 38.96 -24.77 21.97
C MET C 231 40.25 -24.25 22.58
N THR C 232 41.33 -25.05 22.53
CA THR C 232 42.57 -24.62 23.18
C THR C 232 43.18 -23.44 22.45
N ASN C 233 43.24 -23.53 21.12
CA ASN C 233 43.91 -22.50 20.32
C ASN C 233 43.12 -21.19 20.32
N THR C 234 41.78 -21.24 20.28
CA THR C 234 41.02 -19.98 20.35
C THR C 234 41.14 -19.35 21.73
N SER C 235 41.14 -20.18 22.77
CA SER C 235 41.24 -19.66 24.13
C SER C 235 42.59 -19.00 24.37
N GLN C 236 43.68 -19.65 23.94
CA GLN C 236 45.00 -19.06 24.10
C GLN C 236 45.09 -17.71 23.40
N ARG C 237 44.50 -17.60 22.20
CA ARG C 237 44.59 -16.33 21.48
C ARG C 237 43.76 -15.25 22.15
N VAL C 238 42.57 -15.58 22.65
CA VAL C 238 41.79 -14.52 23.30
C VAL C 238 42.40 -14.15 24.63
N LEU C 239 43.10 -15.10 25.29
CA LEU C 239 43.82 -14.74 26.51
C LEU C 239 44.97 -13.80 26.20
N HIS C 240 45.77 -14.14 25.19
CA HIS C 240 46.86 -13.26 24.76
C HIS C 240 46.33 -11.87 24.36
N GLU C 241 45.27 -11.82 23.53
CA GLU C 241 44.75 -10.53 23.09
C GLU C 241 44.27 -9.67 24.26
N ALA C 242 43.64 -10.28 25.26
CA ALA C 242 43.26 -9.53 26.45
C ALA C 242 44.41 -9.31 27.42
N GLU C 243 45.59 -9.87 27.15
CA GLU C 243 46.77 -9.74 28.01
C GLU C 243 46.49 -10.31 29.40
N LEU C 244 45.90 -11.49 29.43
CA LEU C 244 45.60 -12.19 30.67
C LEU C 244 46.23 -13.56 30.59
N THR C 245 46.53 -14.12 31.75
CA THR C 245 46.85 -15.54 31.82
C THR C 245 45.63 -16.31 32.31
N ALA C 246 45.75 -17.64 32.28
CA ALA C 246 44.67 -18.45 32.83
C ALA C 246 44.50 -18.19 34.33
N ALA C 247 45.57 -17.80 35.03
CA ALA C 247 45.45 -17.48 36.44
C ALA C 247 44.51 -16.33 36.69
N ASP C 248 44.33 -15.45 35.70
CA ASP C 248 43.44 -14.31 35.84
C ASP C 248 41.98 -14.66 35.63
N ILE C 249 41.66 -15.87 35.20
CA ILE C 249 40.28 -16.23 34.86
C ILE C 249 39.58 -16.66 36.14
N SER C 250 38.43 -16.05 36.42
CA SER C 250 37.72 -16.44 37.63
C SER C 250 36.84 -17.66 37.39
N ARG C 251 36.11 -17.69 36.28
CA ARG C 251 35.35 -18.89 35.91
C ARG C 251 35.62 -19.25 34.45
N PHE C 252 35.79 -20.54 34.20
CA PHE C 252 36.02 -21.09 32.87
C PHE C 252 34.77 -21.85 32.47
N VAL C 253 34.16 -21.44 31.36
CA VAL C 253 32.86 -21.99 30.96
C VAL C 253 32.98 -22.60 29.57
N PRO C 254 33.52 -23.80 29.46
CA PRO C 254 33.64 -24.44 28.14
C PRO C 254 32.34 -25.10 27.73
N HIS C 255 32.13 -25.17 26.42
CA HIS C 255 31.06 -25.99 25.88
C HIS C 255 31.11 -27.37 26.51
N GLN C 256 29.95 -27.87 26.92
CA GLN C 256 29.89 -29.13 27.65
C GLN C 256 29.72 -30.28 26.66
N ALA C 257 30.84 -30.64 26.02
CA ALA C 257 30.85 -31.71 25.03
C ALA C 257 30.97 -33.08 25.67
N ASN C 258 31.84 -33.17 26.68
CA ASN C 258 32.34 -34.43 27.24
C ASN C 258 33.29 -34.09 28.38
N ALA C 259 33.04 -34.62 29.58
CA ALA C 259 33.85 -34.29 30.75
C ALA C 259 35.34 -34.51 30.48
N ARG C 260 35.67 -35.55 29.72
CA ARG C 260 37.07 -35.77 29.38
C ARG C 260 37.57 -34.70 28.42
N MET C 261 36.70 -34.15 27.57
CA MET C 261 37.10 -33.06 26.70
C MET C 261 37.24 -31.77 27.49
N SER C 262 36.35 -31.50 28.45
CA SER C 262 36.58 -30.38 29.36
C SER C 262 37.91 -30.54 30.08
N ASP C 263 38.19 -31.75 30.55
CA ASP C 263 39.44 -32.00 31.28
C ASP C 263 40.65 -31.70 30.40
N ALA C 264 40.65 -32.22 29.17
CA ALA C 264 41.78 -32.00 28.28
C ALA C 264 42.03 -30.51 28.04
N VAL C 265 40.95 -29.71 27.92
CA VAL C 265 41.12 -28.30 27.59
C VAL C 265 41.55 -27.52 28.83
N CYS C 266 40.92 -27.80 29.97
CA CYS C 266 41.44 -27.33 31.25
C CYS C 266 42.94 -27.62 31.38
N GLY C 267 43.33 -28.87 31.13
CA GLY C 267 44.73 -29.24 31.24
C GLY C 267 45.63 -28.44 30.31
N ASN C 268 45.21 -28.31 29.04
CA ASN C 268 46.01 -27.59 28.05
C ASN C 268 46.21 -26.13 28.43
N LEU C 269 45.18 -25.49 28.95
CA LEU C 269 45.28 -24.08 29.27
C LEU C 269 45.86 -23.82 30.65
N GLY C 270 46.06 -24.86 31.45
CA GLY C 270 46.49 -24.66 32.83
C GLY C 270 45.41 -24.05 33.69
N ILE C 271 44.17 -24.53 33.56
CA ILE C 271 43.05 -24.01 34.33
C ILE C 271 42.61 -25.11 35.28
N GLU C 272 42.81 -24.86 36.57
CA GLU C 272 42.20 -25.47 37.75
C GLU C 272 40.83 -26.09 37.46
N ARG C 273 40.55 -27.40 37.69
CA ARG C 273 39.17 -27.87 37.50
C ARG C 273 38.20 -27.15 38.39
N GLU C 274 38.64 -26.64 39.54
CA GLU C 274 37.65 -26.05 40.43
C GLU C 274 37.09 -24.76 39.87
N LYS C 275 37.83 -24.09 38.97
CA LYS C 275 37.38 -22.87 38.33
C LYS C 275 36.57 -23.14 37.07
N THR C 276 36.31 -24.41 36.74
CA THR C 276 35.61 -24.79 35.51
C THR C 276 34.15 -25.09 35.83
N VAL C 277 33.24 -24.36 35.18
CA VAL C 277 31.82 -24.62 35.32
C VAL C 277 31.48 -25.90 34.58
N ARG C 278 30.81 -26.83 35.26
CA ARG C 278 30.59 -28.18 34.76
C ARG C 278 29.11 -28.52 34.97
N THR C 279 28.32 -28.41 33.91
CA THR C 279 26.92 -28.83 33.96
C THR C 279 26.67 -30.16 33.25
N ILE C 280 27.68 -30.77 32.63
CA ILE C 280 27.41 -31.92 31.81
C ILE C 280 26.88 -33.10 32.61
N GLY C 281 27.14 -33.16 33.92
CA GLY C 281 26.72 -34.30 34.70
C GLY C 281 25.21 -34.48 34.73
N SER C 282 24.48 -33.37 34.89
CA SER C 282 23.02 -33.39 35.00
C SER C 282 22.30 -32.90 33.74
N PHE C 283 23.02 -32.27 32.80
CA PHE C 283 22.36 -31.69 31.64
C PHE C 283 22.86 -32.23 30.31
N GLY C 284 23.91 -33.05 30.28
CA GLY C 284 24.36 -33.59 29.01
C GLY C 284 24.87 -32.52 28.04
N ASN C 285 25.07 -32.98 26.80
CA ASN C 285 25.53 -32.13 25.71
C ASN C 285 24.32 -31.64 24.92
N SER C 286 23.94 -30.37 25.12
CA SER C 286 22.84 -29.75 24.39
C SER C 286 23.34 -28.77 23.32
N SER C 287 24.53 -29.02 22.79
CA SER C 287 25.14 -28.21 21.72
C SER C 287 25.18 -26.76 22.20
N ALA C 288 24.75 -25.79 21.38
CA ALA C 288 24.99 -24.38 21.66
C ALA C 288 24.37 -23.92 22.95
N ALA C 289 23.43 -24.68 23.51
CA ALA C 289 22.79 -24.26 24.75
C ALA C 289 23.70 -24.47 25.97
N THR C 290 24.75 -25.28 25.86
CA THR C 290 25.50 -25.64 27.07
C THR C 290 26.11 -24.41 27.74
N ILE C 291 26.70 -23.50 26.97
CA ILE C 291 27.41 -22.38 27.58
C ILE C 291 26.43 -21.42 28.27
N PRO C 292 25.38 -20.91 27.60
CA PRO C 292 24.46 -20.03 28.34
C PRO C 292 23.70 -20.76 29.43
N LEU C 293 23.44 -22.08 29.30
CA LEU C 293 22.87 -22.78 30.44
C LEU C 293 23.81 -22.81 31.64
N SER C 294 25.12 -23.02 31.40
CA SER C 294 26.09 -23.01 32.49
C SER C 294 26.23 -21.63 33.11
N LEU C 295 26.17 -20.58 32.28
CA LEU C 295 26.27 -19.23 32.82
C LEU C 295 25.12 -18.96 33.76
N SER C 296 23.91 -19.39 33.38
CA SER C 296 22.74 -19.19 34.24
C SER C 296 22.88 -19.97 35.54
N ILE C 297 23.37 -21.21 35.46
CA ILE C 297 23.56 -22.04 36.65
C ILE C 297 24.62 -21.44 37.57
N THR C 298 25.83 -21.21 37.04
CA THR C 298 26.91 -20.74 37.90
C THR C 298 26.59 -19.37 38.48
N ASN C 299 25.88 -18.52 37.74
CA ASN C 299 25.38 -17.25 38.29
C ASN C 299 24.33 -17.47 39.36
N ALA C 300 23.54 -18.53 39.25
CA ALA C 300 22.56 -18.82 40.30
C ALA C 300 23.26 -19.31 41.58
N GLU C 301 24.26 -20.17 41.43
CA GLU C 301 24.97 -20.72 42.58
C GLU C 301 25.80 -19.66 43.29
N ARG C 302 26.27 -18.63 42.58
CA ARG C 302 27.14 -17.58 43.08
C ARG C 302 27.16 -16.42 42.11
N PRO C 303 26.41 -15.34 42.40
CA PRO C 303 26.24 -14.26 41.42
C PRO C 303 27.58 -13.72 40.94
N LEU C 304 27.65 -13.43 39.64
CA LEU C 304 28.84 -12.83 39.05
C LEU C 304 29.10 -11.48 39.70
N ALA C 305 30.32 -11.28 40.18
CA ALA C 305 30.71 -10.04 40.81
C ALA C 305 31.53 -9.18 39.86
N GLY C 306 31.38 -7.87 39.98
CA GLY C 306 32.12 -6.95 39.12
C GLY C 306 33.61 -7.25 39.13
N GLY C 307 34.26 -7.16 37.97
CA GLY C 307 35.68 -7.44 37.87
C GLY C 307 36.03 -8.90 37.63
N GLU C 308 35.11 -9.82 37.87
CA GLU C 308 35.34 -11.20 37.52
C GLU C 308 35.57 -11.31 36.02
N THR C 309 36.47 -12.22 35.63
CA THR C 309 36.79 -12.44 34.22
C THR C 309 36.42 -13.87 33.86
N LEU C 310 35.62 -14.03 32.83
CA LEU C 310 35.16 -15.33 32.37
C LEU C 310 35.84 -15.64 31.04
N LEU C 311 36.17 -16.91 30.84
CA LEU C 311 36.65 -17.42 29.55
C LEU C 311 35.64 -18.43 29.04
N LEU C 312 35.07 -18.17 27.86
CA LEU C 312 34.09 -19.04 27.25
C LEU C 312 34.69 -19.64 25.98
N THR C 313 34.42 -20.91 25.71
CA THR C 313 35.01 -21.52 24.53
C THR C 313 34.15 -22.69 24.08
N ALA C 314 34.15 -22.92 22.77
CA ALA C 314 33.36 -24.00 22.20
C ALA C 314 33.99 -24.47 20.90
N ALA C 315 33.59 -25.67 20.49
CA ALA C 315 33.94 -26.22 19.19
C ALA C 315 32.83 -27.19 18.82
N GLY C 316 32.54 -27.31 17.52
CA GLY C 316 31.47 -28.18 17.11
C GLY C 316 31.55 -28.56 15.66
N ALA C 317 30.49 -29.25 15.19
CA ALA C 317 30.41 -29.73 13.82
C ALA C 317 30.67 -28.62 12.83
N GLY C 318 31.26 -28.97 11.68
CA GLY C 318 31.64 -27.94 10.73
C GLY C 318 32.94 -28.14 10.00
N MET C 319 34.08 -28.16 10.70
CA MET C 319 34.21 -27.83 12.14
C MET C 319 34.03 -26.32 12.41
N THR C 320 33.50 -25.96 13.58
CA THR C 320 33.53 -24.59 14.07
C THR C 320 34.09 -24.53 15.48
N GLY C 321 34.58 -23.35 15.85
CA GLY C 321 35.03 -23.13 17.21
C GLY C 321 35.02 -21.65 17.53
N GLY C 322 35.29 -21.34 18.78
CA GLY C 322 35.41 -19.95 19.19
C GLY C 322 35.76 -19.85 20.67
N ALA C 323 36.22 -18.66 21.04
CA ALA C 323 36.45 -18.34 22.44
C ALA C 323 36.13 -16.87 22.67
N VAL C 324 35.68 -16.57 23.88
CA VAL C 324 35.36 -15.20 24.30
C VAL C 324 35.88 -14.97 25.72
N VAL C 325 36.59 -13.86 25.93
CA VAL C 325 36.94 -13.42 27.28
C VAL C 325 35.99 -12.29 27.67
N TYR C 326 35.25 -12.49 28.76
CA TYR C 326 34.26 -11.51 29.21
C TYR C 326 34.56 -11.07 30.63
N ARG C 327 34.57 -9.76 30.85
CA ARG C 327 34.79 -9.18 32.19
C ARG C 327 33.50 -8.54 32.69
N VAL C 328 32.99 -9.03 33.82
CA VAL C 328 31.77 -8.54 34.42
C VAL C 328 31.82 -7.03 34.76
N GLN D 2 40.39 2.29 15.30
CA GLN D 2 40.42 3.33 14.29
C GLN D 2 39.29 3.11 13.24
N THR D 3 38.47 2.05 13.36
CA THR D 3 37.56 1.64 12.27
C THR D 3 36.17 2.23 12.52
N ARG D 4 35.71 3.06 11.58
CA ARG D 4 34.50 3.85 11.80
C ARG D 4 33.36 3.48 10.88
N SER D 5 33.64 2.81 9.75
CA SER D 5 32.59 2.31 8.89
C SER D 5 33.11 1.11 8.12
N SER D 6 32.20 0.46 7.41
CA SER D 6 32.57 -0.63 6.53
C SER D 6 32.22 -0.26 5.11
N ARG D 7 32.99 -0.75 4.14
CA ARG D 7 32.60 -0.53 2.76
C ARG D 7 32.49 -1.84 2.02
N MET D 8 31.49 -1.91 1.14
CA MET D 8 31.31 -3.02 0.21
C MET D 8 32.38 -2.93 -0.85
N ALA D 9 33.47 -3.64 -0.61
CA ALA D 9 34.64 -3.60 -1.48
C ALA D 9 34.47 -4.47 -2.72
N GLY D 10 33.65 -5.50 -2.66
CA GLY D 10 33.52 -6.43 -3.77
C GLY D 10 32.13 -7.02 -3.83
N PHE D 11 31.71 -7.41 -5.04
CA PHE D 11 30.38 -7.95 -5.30
C PHE D 11 30.47 -9.17 -6.18
N GLY D 12 29.57 -10.12 -5.92
CA GLY D 12 29.51 -11.34 -6.70
C GLY D 12 28.13 -11.93 -6.64
N HIS D 13 27.82 -12.73 -7.65
CA HIS D 13 26.54 -13.46 -7.71
C HIS D 13 26.75 -14.68 -8.60
N ALA D 14 25.80 -15.63 -8.51
CA ALA D 14 25.90 -16.88 -9.24
C ALA D 14 24.53 -17.54 -9.30
N VAL D 15 24.31 -18.34 -10.34
CA VAL D 15 23.07 -19.10 -10.50
C VAL D 15 23.42 -20.47 -11.02
N PRO D 16 22.52 -21.45 -10.83
CA PRO D 16 22.62 -22.72 -11.56
C PRO D 16 22.42 -22.47 -13.06
N ALA D 17 22.66 -23.52 -13.86
CA ALA D 17 22.61 -23.38 -15.32
C ALA D 17 21.21 -23.53 -15.91
N ARG D 18 20.29 -24.27 -15.27
CA ARG D 18 18.98 -24.54 -15.88
C ARG D 18 18.12 -23.28 -15.84
N CYS D 19 17.82 -22.72 -17.01
CA CYS D 19 16.97 -21.54 -17.16
C CYS D 19 15.55 -21.98 -17.48
N VAL D 20 14.62 -21.70 -16.56
CA VAL D 20 13.23 -22.13 -16.68
C VAL D 20 12.38 -20.93 -17.06
N ASP D 21 11.84 -20.94 -18.28
CA ASP D 21 10.90 -19.91 -18.70
C ASP D 21 9.53 -20.14 -18.09
N ASN D 22 8.76 -19.05 -18.01
CA ASN D 22 7.40 -19.12 -17.51
C ASN D 22 6.57 -20.16 -18.23
N ALA D 23 6.80 -20.34 -19.55
CA ALA D 23 5.95 -21.23 -20.34
C ALA D 23 6.00 -22.65 -19.81
N GLU D 24 7.18 -23.12 -19.44
CA GLU D 24 7.30 -24.45 -18.86
C GLU D 24 6.44 -24.60 -17.62
N ILE D 25 6.53 -23.63 -16.71
CA ILE D 25 5.76 -23.72 -15.46
C ILE D 25 4.28 -23.53 -15.74
N GLU D 26 3.93 -22.54 -16.57
CA GLU D 26 2.53 -22.31 -16.92
C GLU D 26 1.90 -23.58 -17.49
N ALA D 27 2.64 -24.32 -18.33
CA ALA D 27 2.07 -25.53 -18.93
C ALA D 27 1.83 -26.60 -17.87
N SER D 28 2.80 -26.79 -16.97
CA SER D 28 2.63 -27.64 -15.80
C SER D 28 1.40 -27.29 -14.97
N LEU D 29 1.09 -26.01 -14.83
CA LEU D 29 -0.04 -25.61 -13.99
C LEU D 29 -1.34 -25.45 -14.77
N GLY D 30 -1.29 -25.58 -16.08
CA GLY D 30 -2.47 -25.33 -16.90
C GLY D 30 -2.87 -23.87 -17.00
N LEU D 31 -1.89 -22.96 -17.12
CA LEU D 31 -2.14 -21.53 -17.12
C LEU D 31 -1.99 -20.97 -18.53
N GLU D 32 -2.78 -19.94 -18.82
CA GLU D 32 -2.63 -19.18 -20.06
C GLU D 32 -1.25 -18.54 -20.18
N ALA D 33 -0.75 -18.45 -21.42
CA ALA D 33 0.47 -17.71 -21.70
C ALA D 33 0.44 -16.30 -21.09
N GLY D 34 1.59 -15.86 -20.61
CA GLY D 34 1.70 -14.56 -19.98
C GLY D 34 1.18 -14.49 -18.57
N TRP D 35 0.58 -15.57 -18.06
CA TRP D 35 -0.02 -15.53 -16.73
C TRP D 35 1.01 -15.14 -15.67
N ILE D 36 2.21 -15.74 -15.71
CA ILE D 36 3.19 -15.50 -14.65
C ILE D 36 3.76 -14.09 -14.74
N GLU D 37 4.11 -13.62 -15.95
CA GLU D 37 4.72 -12.31 -16.07
C GLU D 37 3.75 -11.19 -15.66
N ARG D 38 2.45 -11.32 -15.98
CA ARG D 38 1.53 -10.27 -15.61
C ARG D 38 1.45 -10.12 -14.09
N ARG D 39 1.40 -11.24 -13.38
CA ARG D 39 1.16 -11.20 -11.94
C ARG D 39 2.43 -11.04 -11.12
N THR D 40 3.60 -11.43 -11.64
CA THR D 40 4.82 -11.36 -10.85
C THR D 40 5.95 -10.56 -11.50
N GLY D 41 5.86 -10.22 -12.78
CA GLY D 41 6.99 -9.65 -13.49
C GLY D 41 8.15 -10.58 -13.77
N ILE D 42 8.10 -11.83 -13.33
CA ILE D 42 9.15 -12.80 -13.67
C ILE D 42 8.93 -13.30 -15.10
N ARG D 43 10.02 -13.40 -15.87
CA ARG D 43 10.01 -14.03 -17.19
C ARG D 43 10.74 -15.37 -17.22
N SER D 44 11.82 -15.50 -16.45
CA SER D 44 12.48 -16.78 -16.29
C SER D 44 13.24 -16.77 -14.95
N ARG D 45 13.80 -17.92 -14.60
CA ARG D 45 14.43 -18.14 -13.32
C ARG D 45 15.43 -19.28 -13.51
N TYR D 46 16.40 -19.38 -12.59
CA TYR D 46 17.39 -20.46 -12.63
C TYR D 46 17.10 -21.46 -11.51
N TRP D 47 17.11 -22.75 -11.86
CA TRP D 47 16.83 -23.82 -10.93
C TRP D 47 17.99 -24.81 -10.91
N ALA D 48 18.34 -25.28 -9.71
CA ALA D 48 19.44 -26.20 -9.56
C ALA D 48 19.19 -27.50 -10.32
N GLU D 49 20.28 -28.19 -10.66
CA GLU D 49 20.23 -29.44 -11.38
C GLU D 49 20.85 -30.53 -10.52
N ALA D 50 20.59 -31.78 -10.88
CA ALA D 50 21.19 -32.88 -10.15
C ALA D 50 22.70 -32.66 -10.12
N GLY D 51 23.29 -32.74 -8.94
CA GLY D 51 24.70 -32.48 -8.77
C GLY D 51 25.06 -31.09 -8.25
N ASP D 52 24.14 -30.13 -8.33
CA ASP D 52 24.37 -28.79 -7.77
C ASP D 52 24.17 -28.80 -6.25
N THR D 53 25.03 -28.09 -5.53
CA THR D 53 24.90 -27.98 -4.07
C THR D 53 24.84 -26.52 -3.66
N LEU D 54 24.24 -26.27 -2.49
CA LEU D 54 24.13 -24.89 -2.02
C LEU D 54 25.51 -24.28 -1.82
N SER D 55 26.41 -25.02 -1.16
CA SER D 55 27.74 -24.50 -0.86
C SER D 55 28.51 -24.22 -2.14
N GLY D 56 28.34 -25.06 -3.16
CA GLY D 56 28.98 -24.80 -4.44
C GLY D 56 28.47 -23.51 -5.09
N LEU D 57 27.17 -23.27 -5.00
CA LEU D 57 26.61 -22.04 -5.55
C LEU D 57 27.11 -20.81 -4.78
N ALA D 58 27.11 -20.88 -3.45
CA ALA D 58 27.61 -19.76 -2.66
C ALA D 58 29.09 -19.52 -2.91
N GLU D 59 29.89 -20.60 -2.95
CA GLU D 59 31.30 -20.48 -3.24
C GLU D 59 31.51 -19.64 -4.49
N ARG D 60 30.65 -19.87 -5.44
CA ARG D 60 30.72 -19.34 -6.77
C ARG D 60 30.52 -17.82 -6.72
N ALA D 61 29.51 -17.36 -5.97
CA ALA D 61 29.32 -15.92 -5.75
C ALA D 61 30.40 -15.31 -4.86
N GLY D 62 30.74 -16.01 -3.76
CA GLY D 62 31.79 -15.52 -2.88
C GLY D 62 33.12 -15.31 -3.59
N ARG D 63 33.54 -16.29 -4.38
CA ARG D 63 34.81 -16.16 -5.08
C ARG D 63 34.82 -14.93 -6.00
N MET D 64 33.72 -14.72 -6.73
CA MET D 64 33.60 -13.54 -7.60
C MET D 64 33.69 -12.25 -6.78
N ALA D 65 33.04 -12.21 -5.61
CA ALA D 65 33.13 -11.04 -4.74
C ALA D 65 34.54 -10.83 -4.19
N LEU D 66 35.22 -11.91 -3.77
CA LEU D 66 36.58 -11.77 -3.26
C LEU D 66 37.53 -11.24 -4.31
N GLU D 67 37.42 -11.75 -5.55
CA GLU D 67 38.29 -11.30 -6.64
C GLU D 67 38.00 -9.86 -7.01
N ASP D 68 36.72 -9.48 -6.99
CA ASP D 68 36.32 -8.10 -7.27
C ASP D 68 36.90 -7.14 -6.23
N ALA D 69 36.94 -7.55 -4.96
CA ALA D 69 37.56 -6.72 -3.94
C ALA D 69 39.08 -6.75 -4.00
N LYS D 70 39.66 -7.66 -4.78
CA LYS D 70 41.12 -7.83 -4.88
C LYS D 70 41.72 -8.01 -3.48
N ILE D 71 41.03 -8.83 -2.69
CA ILE D 71 41.36 -9.00 -1.28
C ILE D 71 41.98 -10.37 -1.09
N ASN D 72 43.11 -10.40 -0.39
CA ASN D 72 43.79 -11.64 -0.06
C ASN D 72 42.89 -12.48 0.84
N ALA D 73 42.81 -13.78 0.56
CA ALA D 73 41.92 -14.66 1.31
C ALA D 73 42.24 -14.69 2.81
N ASP D 74 43.50 -14.46 3.19
CA ASP D 74 43.87 -14.34 4.61
C ASP D 74 43.13 -13.23 5.34
N ASP D 75 42.67 -12.19 4.63
CA ASP D 75 42.09 -11.02 5.27
C ASP D 75 40.65 -11.22 5.72
N ILE D 76 39.99 -12.30 5.29
CA ILE D 76 38.61 -12.54 5.68
C ILE D 76 38.60 -13.13 7.09
N ALA D 77 38.04 -12.39 8.05
CA ALA D 77 37.99 -12.83 9.44
C ALA D 77 36.73 -13.62 9.74
N LEU D 78 35.68 -13.45 8.96
CA LEU D 78 34.41 -14.07 9.27
C LEU D 78 33.66 -14.26 7.96
N THR D 79 32.88 -15.32 7.88
CA THR D 79 32.05 -15.56 6.71
C THR D 79 30.64 -15.83 7.22
N LEU D 80 29.70 -15.01 6.80
CA LEU D 80 28.29 -15.20 7.13
C LEU D 80 27.55 -15.70 5.90
N LEU D 81 26.86 -16.82 6.05
CA LEU D 81 26.05 -17.36 4.96
C LEU D 81 24.58 -17.29 5.37
N ALA D 82 23.84 -16.39 4.73
CA ALA D 82 22.38 -16.34 4.91
C ALA D 82 21.76 -17.31 3.92
N THR D 83 21.22 -18.41 4.44
CA THR D 83 20.53 -19.39 3.60
C THR D 83 19.38 -20.01 4.37
N SER D 84 18.36 -20.42 3.62
CA SER D 84 17.31 -21.28 4.14
C SER D 84 17.53 -22.73 3.77
N THR D 85 18.49 -23.02 2.89
CA THR D 85 18.58 -24.34 2.26
C THR D 85 20.01 -24.89 2.34
N PRO D 86 20.58 -24.99 3.55
CA PRO D 86 21.93 -25.56 3.67
C PRO D 86 22.03 -26.94 3.07
N ASP D 87 23.24 -27.28 2.61
CA ASP D 87 23.54 -28.63 2.11
C ASP D 87 22.96 -29.69 3.03
N HIS D 88 23.21 -29.57 4.33
CA HIS D 88 22.75 -30.53 5.32
C HIS D 88 22.15 -29.77 6.50
N LEU D 89 21.26 -30.46 7.21
CA LEU D 89 20.73 -29.93 8.47
C LEU D 89 21.80 -29.90 9.56
N LEU D 90 22.88 -30.61 9.37
CA LEU D 90 24.03 -30.60 10.26
C LEU D 90 25.21 -31.15 9.48
N PRO D 91 26.37 -30.48 9.49
CA PRO D 91 26.64 -29.16 10.07
C PRO D 91 26.07 -28.00 9.23
N PRO D 92 26.22 -26.76 9.71
CA PRO D 92 25.94 -25.62 8.84
C PRO D 92 26.83 -25.61 7.61
N SER D 93 26.35 -24.97 6.57
CA SER D 93 27.09 -24.89 5.31
C SER D 93 28.21 -23.86 5.34
N ALA D 94 28.14 -22.86 6.23
CA ALA D 94 29.13 -21.78 6.20
C ALA D 94 30.58 -22.26 6.38
N PRO D 95 30.90 -23.18 7.31
CA PRO D 95 32.29 -23.69 7.36
C PRO D 95 32.76 -24.33 6.05
N LEU D 96 31.89 -25.11 5.41
CA LEU D 96 32.29 -25.71 4.12
C LEU D 96 32.53 -24.63 3.08
N LEU D 97 31.71 -23.57 3.09
CA LEU D 97 31.89 -22.47 2.15
C LEU D 97 33.24 -21.78 2.36
N ALA D 98 33.59 -21.47 3.61
CA ALA D 98 34.89 -20.87 3.89
C ALA D 98 36.03 -21.80 3.51
N HIS D 99 35.85 -23.11 3.68
CA HIS D 99 36.90 -24.05 3.30
C HIS D 99 37.04 -24.13 1.78
N ARG D 100 35.94 -24.08 1.06
CA ARG D 100 36.02 -24.16 -0.39
C ARG D 100 36.68 -22.92 -0.97
N LEU D 101 36.58 -21.80 -0.28
CA LEU D 101 37.21 -20.56 -0.72
C LEU D 101 38.62 -20.39 -0.18
N GLY D 102 39.12 -21.36 0.59
CA GLY D 102 40.46 -21.24 1.15
C GLY D 102 40.62 -20.14 2.18
N LEU D 103 39.56 -19.79 2.91
CA LEU D 103 39.62 -18.71 3.91
C LEU D 103 40.09 -19.25 5.27
N THR D 104 41.37 -19.58 5.33
CA THR D 104 41.93 -20.28 6.48
C THR D 104 41.94 -19.45 7.77
N ARG D 105 41.59 -18.17 7.72
CA ARG D 105 41.58 -17.40 8.96
C ARG D 105 40.18 -16.90 9.32
N SER D 106 39.15 -17.50 8.74
CA SER D 106 37.81 -16.97 8.86
C SER D 106 36.94 -17.89 9.71
N GLY D 107 36.15 -17.29 10.59
CA GLY D 107 35.04 -17.99 11.17
C GLY D 107 33.89 -18.10 10.16
N ALA D 108 32.89 -18.88 10.53
CA ALA D 108 31.80 -19.14 9.60
C ALA D 108 30.58 -19.58 10.39
N ILE D 109 29.42 -19.01 10.06
CA ILE D 109 28.15 -19.43 10.64
C ILE D 109 27.06 -19.10 9.64
N ASP D 110 25.99 -19.89 9.69
CA ASP D 110 24.82 -19.70 8.85
C ASP D 110 23.85 -18.78 9.58
N LEU D 111 23.15 -17.94 8.81
CA LEU D 111 22.06 -17.15 9.35
C LEU D 111 20.77 -17.53 8.62
N ALA D 112 19.72 -17.80 9.38
CA ALA D 112 18.41 -18.20 8.84
C ALA D 112 17.40 -17.10 9.15
N GLY D 113 17.08 -16.29 8.16
CA GLY D 113 16.13 -15.21 8.36
C GLY D 113 15.22 -15.06 7.15
N ALA D 114 15.00 -16.18 6.46
CA ALA D 114 14.23 -16.20 5.22
C ALA D 114 14.72 -15.12 4.25
N A1ECI D 115 13.79 -14.36 3.65
CA A1ECI D 115 14.11 -13.31 2.66
C6 A1ECI D 115 14.78 -12.04 3.25
O A1ECI D 115 15.28 -11.21 2.51
CB A1ECI D 115 12.87 -12.88 1.87
SG A1ECI D 115 12.05 -14.30 1.02
C1 A1ECI D 115 12.67 -18.50 2.14
C2 A1ECI D 115 11.30 -18.73 1.48
C3 A1ECI D 115 10.27 -17.64 1.84
C4 A1ECI D 115 10.43 -16.34 1.03
C5 A1ECI D 115 11.01 -15.18 1.88
O1 A1ECI D 115 13.40 -19.50 2.30
O2 A1ECI D 115 13.00 -17.34 2.47
O3 A1ECI D 115 10.69 -15.04 3.06
N SER D 116 14.76 -11.91 4.56
CA SER D 116 15.41 -10.77 5.22
C SER D 116 16.83 -11.15 5.65
N GLY D 117 17.24 -12.36 5.30
CA GLY D 117 18.47 -12.90 5.85
C GLY D 117 19.68 -12.05 5.52
N PHE D 118 19.74 -11.54 4.28
CA PHE D 118 20.92 -10.79 3.88
C PHE D 118 21.05 -9.48 4.65
N LEU D 119 19.95 -8.79 4.91
CA LEU D 119 20.09 -7.49 5.57
C LEU D 119 20.47 -7.68 7.04
N TYR D 120 19.95 -8.74 7.67
CA TYR D 120 20.40 -9.10 9.02
C TYR D 120 21.89 -9.39 9.01
N ALA D 121 22.32 -10.31 8.14
CA ALA D 121 23.74 -10.64 7.99
C ALA D 121 24.58 -9.39 7.74
N LEU D 122 24.11 -8.52 6.86
CA LEU D 122 24.87 -7.31 6.56
C LEU D 122 24.96 -6.42 7.78
N THR D 123 23.85 -6.23 8.50
CA THR D 123 23.88 -5.36 9.67
C THR D 123 24.82 -5.92 10.74
N LEU D 124 24.74 -7.22 10.99
CA LEU D 124 25.60 -7.83 11.99
C LEU D 124 27.05 -7.84 11.55
N ALA D 125 27.29 -8.04 10.24
CA ALA D 125 28.65 -8.04 9.70
C ALA D 125 29.30 -6.67 9.82
N ASP D 126 28.57 -5.61 9.45
CA ASP D 126 29.05 -4.25 9.65
C ASP D 126 29.46 -4.01 11.09
N GLY D 127 28.64 -4.47 12.06
CA GLY D 127 29.02 -4.37 13.45
C GLY D 127 30.30 -5.12 13.77
N PHE D 128 30.50 -6.29 13.15
CA PHE D 128 31.76 -7.01 13.33
C PHE D 128 32.93 -6.22 12.75
N VAL D 129 32.74 -5.67 11.56
CA VAL D 129 33.81 -4.94 10.88
C VAL D 129 34.25 -3.77 11.72
N ARG D 130 33.28 -3.04 12.27
CA ARG D 130 33.61 -1.85 13.02
C ARG D 130 34.17 -2.18 14.40
N THR D 131 33.75 -3.29 14.98
CA THR D 131 34.25 -3.65 16.31
C THR D 131 35.67 -4.21 16.24
N TYR D 132 35.93 -5.15 15.33
CA TYR D 132 37.22 -5.83 15.31
C TYR D 132 38.19 -5.32 14.25
N GLY D 133 37.74 -4.49 13.33
CA GLY D 133 38.65 -3.94 12.33
C GLY D 133 39.10 -4.94 11.28
N ARG D 134 38.27 -5.92 10.95
CA ARG D 134 38.66 -6.97 10.01
C ARG D 134 37.52 -7.20 9.02
N ALA D 135 37.90 -7.65 7.82
CA ALA D 135 36.93 -7.83 6.75
C ALA D 135 36.09 -9.06 6.98
N VAL D 136 34.89 -9.04 6.40
CA VAL D 136 33.90 -10.10 6.51
C VAL D 136 33.41 -10.39 5.10
N LEU D 137 33.19 -11.67 4.81
CA LEU D 137 32.51 -12.08 3.59
C LEU D 137 31.05 -12.37 3.94
N VAL D 138 30.12 -11.67 3.30
CA VAL D 138 28.70 -11.92 3.48
C VAL D 138 28.14 -12.57 2.22
N VAL D 139 27.67 -13.80 2.34
CA VAL D 139 27.07 -14.51 1.22
C VAL D 139 25.63 -14.87 1.55
N ALA D 140 24.73 -14.65 0.59
CA ALA D 140 23.36 -15.14 0.70
C ALA D 140 23.10 -16.06 -0.47
N ALA D 141 22.48 -17.21 -0.20
CA ALA D 141 22.31 -18.24 -1.23
C ALA D 141 21.14 -19.14 -0.87
N ASN D 142 20.43 -19.61 -1.89
CA ASN D 142 19.30 -20.50 -1.66
C ASN D 142 19.09 -21.39 -2.88
N ILE D 143 18.75 -22.64 -2.61
CA ILE D 143 18.16 -23.52 -3.62
C ILE D 143 16.73 -23.77 -3.18
N LEU D 144 15.85 -22.81 -3.46
CA LEU D 144 14.45 -22.98 -3.09
C LEU D 144 13.75 -24.02 -3.95
N SER D 145 14.27 -24.28 -5.15
CA SER D 145 13.54 -25.13 -6.10
C SER D 145 13.31 -26.52 -5.51
N ARG D 146 14.27 -27.03 -4.72
CA ARG D 146 14.09 -28.35 -4.13
C ARG D 146 13.08 -28.35 -3.00
N ARG D 147 12.54 -27.18 -2.66
CA ARG D 147 11.50 -27.00 -1.65
C ARG D 147 10.17 -26.58 -2.24
N ILE D 148 10.07 -26.41 -3.55
CA ILE D 148 8.85 -25.93 -4.16
C ILE D 148 7.83 -27.05 -4.19
N ASN D 149 6.59 -26.74 -3.82
CA ASN D 149 5.48 -27.62 -4.16
C ASN D 149 5.03 -27.28 -5.57
N PRO D 150 5.32 -28.13 -6.56
CA PRO D 150 4.95 -27.80 -7.96
C PRO D 150 3.46 -27.62 -8.17
N ALA D 151 2.62 -28.18 -7.31
CA ALA D 151 1.18 -28.06 -7.48
C ALA D 151 0.64 -26.77 -6.89
N GLU D 152 1.40 -26.10 -6.03
CA GLU D 152 0.97 -24.84 -5.43
C GLU D 152 1.37 -23.69 -6.34
N ARG D 153 0.38 -23.10 -7.01
CA ARG D 153 0.64 -22.07 -8.00
C ARG D 153 1.35 -20.85 -7.39
N ALA D 154 0.87 -20.39 -6.23
CA ALA D 154 1.38 -19.15 -5.69
C ALA D 154 2.89 -19.19 -5.45
N SER D 155 3.43 -20.34 -5.04
CA SER D 155 4.86 -20.39 -4.78
C SER D 155 5.67 -20.96 -5.93
N ALA D 156 5.09 -21.90 -6.68
CA ALA D 156 5.81 -22.56 -7.78
C ALA D 156 6.23 -21.59 -8.87
N VAL D 157 5.50 -20.50 -9.06
CA VAL D 157 5.82 -19.58 -10.15
C VAL D 157 6.85 -18.53 -9.74
N LEU D 158 7.18 -18.41 -8.45
CA LEU D 158 7.99 -17.31 -7.91
C LEU D 158 9.43 -17.70 -7.61
N PHE D 159 9.64 -18.83 -6.95
CA PHE D 159 10.91 -19.09 -6.28
C PHE D 159 11.95 -19.67 -7.21
N ALA D 160 13.20 -19.26 -6.96
CA ALA D 160 14.33 -19.60 -7.81
C ALA D 160 15.55 -19.83 -6.92
N ASP D 161 16.66 -20.14 -7.58
CA ASP D 161 17.92 -20.44 -6.93
C ASP D 161 18.97 -19.43 -7.37
N ALA D 162 19.70 -18.88 -6.40
CA ALA D 162 20.74 -17.90 -6.69
C ALA D 162 21.63 -17.75 -5.47
N ALA D 163 22.74 -17.04 -5.67
CA ALA D 163 23.65 -16.64 -4.61
C ALA D 163 24.17 -15.27 -4.95
N GLY D 164 24.28 -14.42 -3.93
CA GLY D 164 24.97 -13.17 -4.04
C GLY D 164 25.89 -12.97 -2.85
N ALA D 165 26.95 -12.21 -3.05
CA ALA D 165 27.97 -12.04 -2.03
C ALA D 165 28.54 -10.64 -2.08
N VAL D 166 28.95 -10.16 -0.90
CA VAL D 166 29.61 -8.88 -0.76
C VAL D 166 30.78 -9.04 0.21
N VAL D 167 31.90 -8.41 -0.13
CA VAL D 167 33.02 -8.30 0.78
C VAL D 167 32.90 -6.97 1.51
N LEU D 168 32.92 -7.01 2.84
CA LEU D 168 32.90 -5.80 3.66
C LEU D 168 34.28 -5.58 4.25
N THR D 169 34.86 -4.42 4.00
CA THR D 169 36.18 -4.13 4.53
C THR D 169 36.15 -2.96 5.52
N PRO D 170 37.14 -2.88 6.41
CA PRO D 170 37.14 -1.81 7.41
C PRO D 170 37.53 -0.46 6.81
N CYS D 171 36.86 0.60 7.25
CA CYS D 171 37.15 1.93 6.74
C CYS D 171 37.32 2.91 7.90
N PRO D 172 38.34 3.78 7.84
CA PRO D 172 38.59 4.74 8.94
C PRO D 172 37.67 5.94 8.97
N GLU D 173 36.83 6.16 7.97
CA GLU D 173 36.12 7.43 7.92
C GLU D 173 34.63 7.26 8.20
N VAL D 174 34.03 8.38 8.61
CA VAL D 174 32.65 8.40 9.09
C VAL D 174 31.74 8.96 8.02
N LYS D 175 30.44 9.00 8.33
CA LYS D 175 29.42 9.52 7.43
C LYS D 175 29.43 8.82 6.07
N ARG D 176 29.80 7.54 6.07
CA ARG D 176 29.66 6.68 4.89
C ARG D 176 29.33 5.28 5.40
N GLY D 177 29.28 4.32 4.48
CA GLY D 177 28.94 2.97 4.88
C GLY D 177 27.49 2.88 5.29
N VAL D 178 27.22 2.06 6.29
CA VAL D 178 25.87 1.87 6.81
C VAL D 178 25.48 3.12 7.62
N LEU D 179 24.59 3.93 7.07
CA LEU D 179 24.19 5.13 7.80
C LEU D 179 23.09 4.82 8.80
N SER D 180 22.32 3.76 8.55
CA SER D 180 21.24 3.40 9.44
C SER D 180 20.69 2.04 9.02
N ALA D 181 20.12 1.34 10.00
CA ALA D 181 19.56 0.02 9.77
C ALA D 181 18.40 -0.15 10.71
N ASP D 182 17.44 -0.98 10.31
CA ASP D 182 16.31 -1.25 11.16
C ASP D 182 15.85 -2.67 10.87
N LEU D 183 15.96 -3.55 11.86
CA LEU D 183 15.61 -4.95 11.73
C LEU D 183 14.35 -5.19 12.53
N VAL D 184 13.37 -5.88 11.94
CA VAL D 184 12.08 -6.07 12.59
C VAL D 184 11.61 -7.50 12.39
N ALA D 185 10.64 -7.88 13.22
CA ALA D 185 10.05 -9.22 13.23
C ALA D 185 8.60 -9.09 13.65
N ASP D 186 7.71 -9.88 13.03
CA ASP D 186 6.30 -9.91 13.42
C ASP D 186 5.85 -11.37 13.38
N GLY D 187 5.99 -12.06 14.52
CA GLY D 187 5.64 -13.47 14.63
C GLY D 187 4.17 -13.79 14.59
N SER D 188 3.30 -12.78 14.51
CA SER D 188 1.88 -13.04 14.32
C SER D 188 1.60 -13.65 12.95
N GLY D 189 2.48 -13.44 11.98
CA GLY D 189 2.33 -14.05 10.66
C GLY D 189 3.21 -15.26 10.40
N TYR D 190 3.64 -15.94 11.47
CA TYR D 190 4.58 -17.05 11.38
C TYR D 190 4.07 -18.17 10.47
N ASP D 191 2.79 -18.50 10.55
CA ASP D 191 2.25 -19.64 9.79
C ASP D 191 1.99 -19.34 8.32
N LEU D 192 2.18 -18.10 7.87
CA LEU D 192 1.76 -17.75 6.52
C LEU D 192 2.61 -18.42 5.44
N ILE D 193 3.90 -18.59 5.70
CA ILE D 193 4.84 -19.19 4.76
C ILE D 193 5.57 -20.25 5.55
N GLN D 194 5.36 -21.53 5.23
CA GLN D 194 5.78 -22.54 6.20
C GLN D 194 6.09 -23.87 5.53
N ILE D 195 7.02 -24.61 6.13
CA ILE D 195 7.23 -26.03 5.82
C ILE D 195 6.82 -26.81 7.05
N ALA D 196 5.93 -27.79 6.85
CA ALA D 196 5.33 -28.48 8.00
C ALA D 196 6.34 -29.40 8.68
N ALA D 197 6.98 -30.28 7.92
CA ALA D 197 7.77 -31.35 8.48
C ALA D 197 9.26 -31.07 8.32
N GLY D 198 10.05 -31.60 9.25
CA GLY D 198 11.49 -31.56 9.18
C GLY D 198 12.17 -30.73 10.23
N GLY D 199 11.46 -29.77 10.81
CA GLY D 199 11.95 -29.16 12.02
C GLY D 199 11.73 -30.09 13.20
N SER D 200 11.99 -29.56 14.38
CA SER D 200 11.80 -30.31 15.60
C SER D 200 10.33 -30.48 15.96
N SER D 201 9.44 -29.69 15.37
CA SER D 201 8.03 -29.82 15.71
C SER D 201 7.40 -31.03 15.02
N GLN D 202 7.92 -31.41 13.85
CA GLN D 202 7.44 -32.59 13.13
C GLN D 202 8.60 -33.16 12.34
N PRO D 203 9.49 -33.91 13.00
CA PRO D 203 10.65 -34.47 12.28
C PRO D 203 10.22 -35.33 11.11
N PHE D 204 11.05 -35.34 10.07
CA PHE D 204 10.79 -36.22 8.93
C PHE D 204 10.91 -37.68 9.37
N SER D 205 9.98 -38.51 8.90
CA SER D 205 10.04 -39.94 9.15
C SER D 205 9.51 -40.68 7.94
N ALA D 206 9.76 -41.99 7.91
CA ALA D 206 9.21 -42.81 6.85
C ALA D 206 7.68 -42.80 6.94
N GLY D 207 7.04 -42.89 5.78
CA GLY D 207 5.60 -42.84 5.68
C GLY D 207 5.02 -41.46 5.50
N MET D 208 5.84 -40.41 5.50
CA MET D 208 5.24 -39.09 5.58
C MET D 208 4.87 -38.51 4.20
N ILE D 209 3.70 -37.85 4.19
CA ILE D 209 3.18 -37.22 2.99
C ILE D 209 4.29 -36.37 2.39
N ALA D 210 4.44 -36.47 1.06
CA ALA D 210 5.60 -35.89 0.39
C ALA D 210 5.53 -34.37 0.38
N GLU D 211 4.33 -33.83 0.30
CA GLU D 211 4.17 -32.40 0.42
C GLU D 211 4.76 -31.88 1.72
N ASP D 212 4.93 -32.73 2.76
CA ASP D 212 5.05 -31.94 3.99
C ASP D 212 6.48 -31.47 4.18
N ALA D 213 7.39 -31.88 3.31
CA ALA D 213 8.73 -31.32 3.23
C ALA D 213 8.77 -30.02 2.45
N LEU D 214 7.70 -29.68 1.72
CA LEU D 214 7.75 -28.56 0.79
C LEU D 214 7.07 -27.33 1.38
N MET D 215 7.44 -26.18 0.84
CA MET D 215 6.87 -24.91 1.27
C MET D 215 5.39 -24.83 0.91
N THR D 216 4.66 -24.08 1.72
CA THR D 216 3.31 -23.65 1.38
C THR D 216 3.16 -22.18 1.73
N MET D 217 2.56 -21.42 0.81
CA MET D 217 2.12 -20.06 1.10
C MET D 217 0.61 -20.15 1.31
N ARG D 218 0.19 -19.97 2.55
CA ARG D 218 -1.20 -20.25 2.92
C ARG D 218 -2.14 -19.14 2.49
N ASP D 219 -1.64 -17.91 2.35
CA ASP D 219 -2.52 -16.77 2.06
C ASP D 219 -1.65 -15.70 1.39
N GLY D 220 -1.58 -15.75 0.06
CA GLY D 220 -0.70 -14.86 -0.67
C GLY D 220 -1.08 -13.40 -0.54
N ARG D 221 -2.38 -13.12 -0.51
CA ARG D 221 -2.83 -11.74 -0.35
C ARG D 221 -2.32 -11.16 0.97
N GLU D 222 -2.48 -11.92 2.05
CA GLU D 222 -2.05 -11.45 3.37
C GLU D 222 -0.53 -11.31 3.45
N VAL D 223 0.21 -12.22 2.81
CA VAL D 223 1.67 -12.10 2.76
C VAL D 223 2.06 -10.82 2.02
N PHE D 224 1.44 -10.57 0.86
CA PHE D 224 1.71 -9.36 0.10
C PHE D 224 1.55 -8.12 0.98
N SER D 225 0.43 -8.01 1.70
CA SER D 225 0.18 -6.81 2.48
C SER D 225 1.20 -6.68 3.62
N ARG D 226 1.43 -7.76 4.35
CA ARG D 226 2.35 -7.64 5.48
C ARG D 226 3.74 -7.23 5.00
N ALA D 227 4.16 -7.73 3.84
CA ALA D 227 5.52 -7.49 3.37
C ALA D 227 5.70 -6.07 2.85
N VAL D 228 4.70 -5.57 2.09
CA VAL D 228 4.73 -4.18 1.66
C VAL D 228 4.81 -3.25 2.85
N ALA D 229 4.04 -3.53 3.90
CA ALA D 229 4.03 -2.64 5.07
C ALA D 229 5.35 -2.72 5.83
N LEU D 230 5.94 -3.91 5.95
CA LEU D 230 7.23 -4.01 6.61
C LEU D 230 8.32 -3.27 5.83
N MET D 231 8.36 -3.49 4.51
CA MET D 231 9.38 -2.83 3.70
C MET D 231 9.18 -1.31 3.71
N THR D 232 7.94 -0.86 3.63
CA THR D 232 7.68 0.57 3.69
C THR D 232 8.08 1.15 5.05
N ASN D 233 7.59 0.54 6.13
CA ASN D 233 7.84 1.12 7.45
C ASN D 233 9.33 1.13 7.78
N THR D 234 10.05 0.03 7.51
CA THR D 234 11.49 0.01 7.82
C THR D 234 12.23 1.02 6.95
N SER D 235 11.88 1.10 5.65
CA SER D 235 12.52 2.06 4.76
C SER D 235 12.33 3.48 5.26
N GLN D 236 11.11 3.82 5.66
CA GLN D 236 10.85 5.18 6.13
C GLN D 236 11.70 5.49 7.35
N ARG D 237 11.84 4.54 8.27
CA ARG D 237 12.56 4.93 9.48
C ARG D 237 14.07 4.96 9.27
N VAL D 238 14.64 4.15 8.38
CA VAL D 238 16.07 4.31 8.16
C VAL D 238 16.37 5.59 7.39
N LEU D 239 15.45 6.02 6.51
CA LEU D 239 15.61 7.31 5.84
C LEU D 239 15.52 8.45 6.84
N HIS D 240 14.51 8.41 7.71
CA HIS D 240 14.43 9.40 8.77
C HIS D 240 15.72 9.40 9.61
N GLU D 241 16.19 8.22 10.02
CA GLU D 241 17.34 8.19 10.91
C GLU D 241 18.60 8.72 10.23
N ALA D 242 18.77 8.40 8.95
CA ALA D 242 19.91 8.93 8.21
C ALA D 242 19.74 10.39 7.83
N GLU D 243 18.61 10.99 8.18
CA GLU D 243 18.27 12.36 7.80
C GLU D 243 18.33 12.53 6.28
N LEU D 244 17.65 11.63 5.58
CA LEU D 244 17.57 11.65 4.14
C LEU D 244 16.12 11.56 3.70
N THR D 245 15.83 12.11 2.53
CA THR D 245 14.57 11.86 1.85
C THR D 245 14.81 10.88 0.71
N ALA D 246 13.70 10.37 0.17
CA ALA D 246 13.78 9.41 -0.92
C ALA D 246 14.41 10.01 -2.16
N ALA D 247 14.35 11.34 -2.32
CA ALA D 247 15.03 12.01 -3.41
C ALA D 247 16.55 11.87 -3.31
N ASP D 248 17.08 11.63 -2.12
CA ASP D 248 18.52 11.45 -1.96
C ASP D 248 19.01 10.06 -2.34
N ILE D 249 18.12 9.11 -2.60
CA ILE D 249 18.54 7.73 -2.85
C ILE D 249 18.98 7.59 -4.30
N SER D 250 20.20 7.08 -4.50
CA SER D 250 20.73 6.88 -5.83
C SER D 250 20.15 5.61 -6.47
N ARG D 251 20.22 4.48 -5.76
CA ARG D 251 19.64 3.22 -6.25
C ARG D 251 18.83 2.58 -5.14
N PHE D 252 17.61 2.14 -5.48
CA PHE D 252 16.72 1.47 -4.55
C PHE D 252 16.78 -0.03 -4.81
N VAL D 253 17.22 -0.80 -3.82
CA VAL D 253 17.38 -2.23 -4.03
C VAL D 253 16.46 -3.03 -3.12
N PRO D 254 15.18 -3.14 -3.43
CA PRO D 254 14.31 -4.01 -2.62
C PRO D 254 14.63 -5.48 -2.86
N HIS D 255 14.32 -6.30 -1.86
CA HIS D 255 14.18 -7.73 -2.08
C HIS D 255 13.27 -7.97 -3.28
N GLN D 256 13.68 -8.86 -4.17
CA GLN D 256 12.91 -9.15 -5.38
C GLN D 256 11.88 -10.24 -5.08
N ALA D 257 10.79 -9.82 -4.45
CA ALA D 257 9.73 -10.76 -4.10
C ALA D 257 8.75 -10.92 -5.24
N ASN D 258 8.40 -9.80 -5.87
CA ASN D 258 7.31 -9.72 -6.84
C ASN D 258 7.33 -8.30 -7.39
N ALA D 259 7.47 -8.17 -8.72
CA ALA D 259 7.63 -6.84 -9.34
C ALA D 259 6.58 -5.85 -8.86
N ARG D 260 5.41 -6.36 -8.65
CA ARG D 260 4.21 -5.68 -8.24
C ARG D 260 4.15 -5.33 -6.75
N MET D 261 4.88 -6.08 -5.93
CA MET D 261 5.20 -5.61 -4.59
C MET D 261 6.33 -4.56 -4.61
N SER D 262 7.37 -4.78 -5.43
CA SER D 262 8.39 -3.74 -5.57
C SER D 262 7.75 -2.41 -5.97
N ASP D 263 6.75 -2.47 -6.85
CA ASP D 263 6.10 -1.24 -7.32
C ASP D 263 5.35 -0.55 -6.20
N ALA D 264 4.57 -1.30 -5.42
CA ALA D 264 3.89 -0.75 -4.25
C ALA D 264 4.86 0.03 -3.36
N VAL D 265 5.93 -0.65 -2.91
CA VAL D 265 6.89 -0.05 -1.99
C VAL D 265 7.52 1.20 -2.60
N CYS D 266 7.96 1.09 -3.86
CA CYS D 266 8.38 2.27 -4.61
C CYS D 266 7.36 3.38 -4.54
N GLY D 267 6.09 3.05 -4.76
CA GLY D 267 5.06 4.09 -4.73
C GLY D 267 4.91 4.72 -3.35
N ASN D 268 4.82 3.87 -2.32
CA ASN D 268 4.68 4.35 -0.94
C ASN D 268 5.82 5.28 -0.57
N LEU D 269 7.04 4.94 -0.94
CA LEU D 269 8.18 5.77 -0.57
C LEU D 269 8.34 6.99 -1.46
N GLY D 270 7.65 7.04 -2.59
CA GLY D 270 7.91 8.13 -3.51
C GLY D 270 9.27 7.98 -4.16
N ILE D 271 9.64 6.75 -4.53
CA ILE D 271 10.90 6.50 -5.24
C ILE D 271 10.57 6.17 -6.69
N GLU D 272 11.27 6.85 -7.60
CA GLU D 272 11.11 6.65 -9.03
C GLU D 272 11.27 5.18 -9.38
N ARG D 273 10.44 4.67 -10.28
CA ARG D 273 10.65 3.31 -10.77
C ARG D 273 12.02 3.15 -11.40
N GLU D 274 12.50 4.21 -12.04
CA GLU D 274 13.80 4.30 -12.72
C GLU D 274 15.02 4.04 -11.84
N LYS D 275 15.03 4.45 -10.55
CA LYS D 275 16.16 4.24 -9.65
C LYS D 275 16.14 2.89 -8.94
N THR D 276 15.10 2.09 -9.20
CA THR D 276 14.89 0.81 -8.56
C THR D 276 15.65 -0.26 -9.33
N VAL D 277 16.53 -0.99 -8.64
CA VAL D 277 17.19 -2.13 -9.26
C VAL D 277 16.20 -3.28 -9.36
N ARG D 278 16.00 -3.80 -10.58
CA ARG D 278 14.98 -4.80 -10.86
C ARG D 278 15.64 -6.00 -11.53
N THR D 279 15.85 -7.08 -10.78
CA THR D 279 16.40 -8.29 -11.37
C THR D 279 15.42 -9.47 -11.39
N ILE D 280 14.18 -9.26 -10.93
CA ILE D 280 13.28 -10.40 -10.78
C ILE D 280 12.90 -11.01 -12.12
N GLY D 281 13.01 -10.24 -13.21
CA GLY D 281 12.57 -10.73 -14.51
C GLY D 281 13.33 -11.95 -14.98
N SER D 282 14.66 -11.94 -14.81
CA SER D 282 15.50 -13.04 -15.25
C SER D 282 15.96 -13.95 -14.12
N PHE D 283 15.79 -13.55 -12.85
CA PHE D 283 16.31 -14.36 -11.75
C PHE D 283 15.26 -14.81 -10.73
N GLY D 284 14.03 -14.33 -10.82
CA GLY D 284 13.05 -14.89 -9.91
C GLY D 284 13.23 -14.36 -8.48
N ASN D 285 12.56 -15.04 -7.57
CA ASN D 285 12.62 -14.75 -6.13
C ASN D 285 13.48 -15.83 -5.46
N SER D 286 14.73 -15.50 -5.18
CA SER D 286 15.63 -16.43 -4.49
C SER D 286 15.80 -16.11 -3.01
N SER D 287 14.78 -15.54 -2.37
CA SER D 287 14.80 -15.27 -0.92
C SER D 287 15.99 -14.36 -0.62
N ALA D 288 16.85 -14.70 0.35
CA ALA D 288 17.87 -13.77 0.82
C ALA D 288 18.93 -13.46 -0.23
N ALA D 289 19.05 -14.26 -1.29
CA ALA D 289 20.05 -13.96 -2.30
C ALA D 289 19.71 -12.74 -3.17
N THR D 290 18.45 -12.27 -3.19
CA THR D 290 18.07 -11.34 -4.26
C THR D 290 18.79 -10.01 -4.12
N ILE D 291 18.92 -9.47 -2.91
CA ILE D 291 19.51 -8.14 -2.78
C ILE D 291 20.98 -8.16 -3.20
N PRO D 292 21.83 -9.07 -2.69
CA PRO D 292 23.23 -9.05 -3.14
C PRO D 292 23.40 -9.45 -4.60
N LEU D 293 22.54 -10.31 -5.13
CA LEU D 293 22.56 -10.54 -6.58
C LEU D 293 22.25 -9.25 -7.32
N SER D 294 21.23 -8.52 -6.85
CA SER D 294 20.89 -7.25 -7.46
C SER D 294 22.01 -6.23 -7.29
N LEU D 295 22.72 -6.27 -6.15
CA LEU D 295 23.85 -5.37 -5.97
C LEU D 295 24.97 -5.70 -6.95
N SER D 296 25.25 -6.99 -7.15
CA SER D 296 26.26 -7.38 -8.12
C SER D 296 25.85 -6.96 -9.53
N ILE D 297 24.57 -7.11 -9.88
CA ILE D 297 24.10 -6.76 -11.23
C ILE D 297 24.21 -5.25 -11.47
N THR D 298 23.61 -4.44 -10.59
CA THR D 298 23.65 -2.99 -10.78
C THR D 298 25.09 -2.47 -10.81
N ASN D 299 25.96 -3.01 -9.97
CA ASN D 299 27.34 -2.56 -9.93
C ASN D 299 28.09 -2.91 -11.20
N ALA D 300 27.78 -4.06 -11.81
CA ALA D 300 28.39 -4.41 -13.09
C ALA D 300 27.89 -3.49 -14.21
N GLU D 301 26.58 -3.17 -14.22
CA GLU D 301 26.04 -2.29 -15.25
C GLU D 301 26.55 -0.86 -15.13
N ARG D 302 26.76 -0.38 -13.91
CA ARG D 302 27.27 0.96 -13.64
C ARG D 302 27.96 0.90 -12.29
N PRO D 303 29.28 1.04 -12.23
CA PRO D 303 29.98 0.84 -10.96
C PRO D 303 29.52 1.86 -9.93
N LEU D 304 29.41 1.39 -8.68
CA LEU D 304 28.96 2.26 -7.61
C LEU D 304 30.01 3.34 -7.35
N ALA D 305 29.60 4.60 -7.44
CA ALA D 305 30.50 5.74 -7.28
C ALA D 305 30.41 6.32 -5.87
N GLY D 306 31.56 6.77 -5.37
CA GLY D 306 31.64 7.39 -4.06
C GLY D 306 30.61 8.47 -3.87
N GLY D 307 29.87 8.41 -2.76
CA GLY D 307 28.80 9.35 -2.49
C GLY D 307 27.40 8.86 -2.81
N GLU D 308 27.27 7.88 -3.71
CA GLU D 308 25.95 7.30 -3.98
C GLU D 308 25.35 6.70 -2.72
N THR D 309 24.03 6.83 -2.59
CA THR D 309 23.32 6.33 -1.42
C THR D 309 22.35 5.25 -1.87
N LEU D 310 22.40 4.12 -1.19
CA LEU D 310 21.61 2.96 -1.56
C LEU D 310 20.60 2.72 -0.45
N LEU D 311 19.38 2.37 -0.86
CA LEU D 311 18.36 1.94 0.09
C LEU D 311 18.06 0.48 -0.20
N LEU D 312 18.30 -0.37 0.79
CA LEU D 312 18.03 -1.79 0.71
C LEU D 312 16.91 -2.09 1.69
N THR D 313 15.97 -2.93 1.27
CA THR D 313 14.87 -3.28 2.15
C THR D 313 14.37 -4.65 1.77
N ALA D 314 13.78 -5.35 2.74
CA ALA D 314 13.36 -6.73 2.55
C ALA D 314 12.27 -7.04 3.58
N ALA D 315 11.37 -7.94 3.21
CA ALA D 315 10.54 -8.60 4.20
C ALA D 315 10.43 -10.07 3.79
N GLY D 316 10.18 -10.92 4.78
CA GLY D 316 10.17 -12.35 4.51
C GLY D 316 9.35 -13.12 5.53
N ALA D 317 9.39 -14.45 5.38
CA ALA D 317 8.65 -15.33 6.28
C ALA D 317 9.12 -15.17 7.72
N GLY D 318 8.21 -15.35 8.65
CA GLY D 318 8.53 -15.10 10.04
C GLY D 318 7.38 -14.53 10.86
N MET D 319 6.89 -13.35 10.50
CA MET D 319 7.47 -12.46 9.49
C MET D 319 8.79 -11.86 9.97
N THR D 320 9.63 -11.47 9.00
CA THR D 320 10.86 -10.71 9.22
C THR D 320 10.88 -9.53 8.26
N GLY D 321 11.63 -8.50 8.61
CA GLY D 321 11.87 -7.46 7.65
C GLY D 321 13.03 -6.60 8.07
N GLY D 322 13.40 -5.67 7.19
CA GLY D 322 14.52 -4.83 7.49
C GLY D 322 14.78 -3.83 6.39
N ALA D 323 15.64 -2.87 6.70
CA ALA D 323 16.08 -1.89 5.72
C ALA D 323 17.41 -1.34 6.16
N VAL D 324 18.20 -0.89 5.18
CA VAL D 324 19.56 -0.42 5.38
C VAL D 324 19.81 0.73 4.41
N VAL D 325 20.33 1.83 4.92
CA VAL D 325 20.81 2.91 4.07
C VAL D 325 22.33 2.83 4.02
N TYR D 326 22.87 2.66 2.81
CA TYR D 326 24.31 2.50 2.63
C TYR D 326 24.81 3.56 1.68
N ARG D 327 25.84 4.30 2.10
CA ARG D 327 26.48 5.32 1.26
C ARG D 327 27.83 4.81 0.82
N VAL D 328 28.05 4.78 -0.49
CA VAL D 328 29.31 4.32 -1.06
C VAL D 328 30.46 5.22 -0.59
N1A COA E . -16.12 -18.94 -17.86
C2A COA E . -16.13 -19.45 -16.63
N3A COA E . -16.43 -18.71 -15.56
C4A COA E . -16.72 -17.41 -15.71
C5A COA E . -16.73 -16.85 -16.95
C6A COA E . -16.41 -17.66 -18.06
N6A COA E . -16.41 -17.07 -19.38
N7A COA E . -17.04 -15.55 -16.82
C8A COA E . -17.25 -15.30 -15.52
N9A COA E . -17.05 -16.42 -14.84
C1B COA E . -17.18 -16.55 -13.39
C2B COA E . -15.86 -17.28 -12.66
O2B COA E . -15.73 -18.71 -12.98
C3B COA E . -16.21 -17.16 -11.46
O3B COA E . -17.55 -17.86 -11.36
P3B COA E . -17.70 -19.26 -10.48
O7A COA E . -19.14 -19.44 -10.08
O8A COA E . -16.80 -19.10 -9.25
O9A COA E . -17.28 -20.40 -11.37
C4B COA E . -16.62 -15.63 -11.43
O4B COA E . -17.23 -15.40 -12.84
C5B COA E . -15.58 -14.76 -11.19
O5B COA E . -16.20 -13.60 -10.69
P1A COA E . -17.22 -12.64 -11.60
O1A COA E . -16.62 -12.58 -12.97
O2A COA E . -18.60 -13.22 -11.77
O3A COA E . -17.34 -11.17 -10.90
P2A COA E . -17.22 -10.82 -9.27
O4A COA E . -18.42 -11.34 -8.51
O5A COA E . -15.98 -11.49 -8.72
O6A COA E . -17.15 -9.20 -9.01
CBP COA E . -15.37 -8.15 -10.20
CCP COA E . -16.92 -8.28 -10.04
CDP COA E . -15.02 -8.92 -11.47
CEP COA E . -14.59 -8.80 -9.03
CAP COA E . -14.88 -6.67 -10.36
OAP COA E . -15.14 -6.23 -11.62
C9P COA E . -15.49 -5.68 -9.34
O9P COA E . -15.86 -6.02 -8.26
N8P COA E . -15.59 -4.24 -9.73
C7P COA E . -16.17 -3.28 -8.80
C6P COA E . -17.57 -2.72 -9.15
C5P COA E . -17.42 -1.20 -9.37
O5P COA E . -17.53 -0.69 -10.44
N4P COA E . -17.12 -0.38 -8.16
C3P COA E . -16.96 1.08 -8.30
C2P COA E . -15.42 1.28 -8.17
S1P COA E . -14.52 0.26 -9.37
N1A COA F . -55.06 32.01 -25.52
C2A COA F . -54.56 32.54 -26.63
N3A COA F . -53.29 32.35 -26.98
C4A COA F . -52.48 31.61 -26.20
C5A COA F . -52.95 31.05 -25.05
C6A COA F . -54.31 31.27 -24.72
N6A COA F . -54.86 30.70 -23.52
N7A COA F . -51.94 30.37 -24.48
C8A COA F . -50.86 30.51 -25.26
N9A COA F . -51.17 31.26 -26.30
C1B COA F . -50.28 31.64 -27.39
C2B COA F . -49.84 33.25 -27.29
O2B COA F . -50.93 34.21 -27.52
C3B COA F . -48.91 33.32 -28.13
O3B COA F . -49.36 32.79 -29.48
P3B COA F . -50.44 33.64 -30.40
O7A COA F . -51.84 33.27 -29.98
O8A COA F . -50.19 33.30 -31.87
O9A COA F . -50.19 35.09 -30.13
C4B COA F . -48.08 32.11 -27.60
O4B COA F . -49.16 31.02 -27.32
C5B COA F . -47.41 32.41 -26.45
O5B COA F . -46.11 31.95 -26.70
P1A COA F . -45.71 30.34 -26.62
O1A COA F . -45.90 29.95 -25.18
O2A COA F . -46.58 29.48 -27.49
O3A COA F . -44.16 30.19 -27.07
P2A COA F . -42.95 31.14 -26.49
O4A COA F . -41.97 31.48 -27.60
O5A COA F . -43.56 32.43 -26.00
O6A COA F . -42.20 30.36 -25.26
CBP COA F . -41.66 31.71 -23.30
CCP COA F . -41.11 30.93 -24.55
CDP COA F . -43.05 31.17 -22.95
CEP COA F . -41.83 33.20 -23.63
CAP COA F . -40.72 31.61 -22.04
OAP COA F . -41.17 30.64 -21.19
C9P COA F . -39.24 31.32 -22.34
O9P COA F . -38.64 31.90 -23.20
N8P COA F . -38.54 30.31 -21.51
C7P COA F . -37.13 30.01 -21.75
C6P COA F . -36.78 28.51 -21.98
C5P COA F . -35.86 28.13 -20.80
O5P COA F . -36.16 27.32 -19.97
N4P COA F . -34.57 28.85 -20.75
C3P COA F . -33.67 28.55 -19.65
C2P COA F . -33.67 29.88 -18.85
S1P COA F . -35.34 30.47 -18.45
N1A COA G . 35.08 -52.17 18.28
C2A COA G . 35.61 -52.23 19.50
N3A COA G . 35.42 -51.26 20.38
C4A COA G . 34.70 -50.17 20.06
C5A COA G . 34.16 -50.07 18.80
C6A COA G . 34.37 -51.12 17.90
N6A COA G . 33.81 -51.04 16.56
N7A COA G . 33.50 -48.89 18.74
C8A COA G . 33.63 -48.28 19.93
N9A COA G . 34.36 -49.04 20.73
C1B COA G . 34.71 -48.71 22.12
C2B COA G . 35.98 -47.65 22.32
O2B COA G . 37.30 -48.19 21.91
C3B COA G . 35.95 -47.47 23.57
O3B COA G . 36.43 -48.74 24.23
P3B COA G . 35.67 -49.39 25.56
O7A COA G . 35.21 -48.30 26.51
O8A COA G . 36.67 -50.29 26.27
O9A COA G . 34.48 -50.19 25.09
C4B COA G . 34.41 -47.34 23.85
O4B COA G . 33.74 -48.06 22.65
C5B COA G . 33.98 -46.04 24.05
O5B COA G . 34.05 -45.34 22.81
P1A COA G . 32.69 -45.05 21.90
O1A COA G . 33.07 -45.43 20.50
O2A COA G . 31.54 -45.92 22.34
O3A COA G . 32.27 -43.47 22.02
P2A COA G . 32.29 -42.62 23.44
O4A COA G . 31.25 -43.21 24.39
O5A COA G . 33.66 -42.77 24.05
O6A COA G . 31.92 -41.02 23.26
CBP COA G . 33.70 -39.79 22.17
CCP COA G . 32.21 -40.29 22.09
CDP COA G . 34.51 -40.80 21.38
CEP COA G . 34.22 -39.80 23.63
CAP COA G . 33.91 -38.36 21.56
OAP COA G . 33.91 -38.40 20.20
C9P COA G . 32.88 -37.29 22.00
O9P COA G . 32.40 -37.30 23.09
N8P COA G . 32.52 -36.20 21.05
C7P COA G . 31.56 -35.18 21.45
C6P COA G . 30.22 -35.10 20.65
C5P COA G . 30.07 -33.66 20.09
O5P COA G . 29.93 -33.43 18.93
N4P COA G . 30.11 -32.56 21.09
C3P COA G . 29.98 -31.17 20.63
C2P COA G . 31.47 -30.72 20.54
S1P COA G . 32.26 -31.39 19.03
N1A COA H . -12.51 -17.17 -7.26
C2A COA H . -11.95 -17.09 -8.46
N3A COA H . -10.62 -17.13 -8.62
C4A COA H . -9.81 -17.23 -7.55
C5A COA H . -10.36 -17.30 -6.29
C6A COA H . -11.77 -17.27 -6.16
N6A COA H . -12.37 -17.34 -4.85
N7A COA H . -9.35 -17.40 -5.41
C8A COA H . -8.20 -17.39 -6.10
N9A COA H . -8.46 -17.28 -7.39
C1B COA H . -7.47 -17.23 -8.47
C2B COA H . -7.58 -15.82 -9.36
O2B COA H . -8.83 -15.72 -10.14
C3B COA H . -6.60 -15.97 -10.11
O3B COA H . -6.89 -17.16 -11.01
P3B COA H . -6.72 -16.92 -12.64
O7A COA H . -5.86 -15.72 -12.88
O8A COA H . -8.10 -16.77 -13.27
O9A COA H . -6.04 -18.15 -13.19
C4B COA H . -5.48 -16.43 -9.11
O4B COA H . -6.28 -17.16 -7.99
C5B COA H . -4.73 -15.36 -8.62
O5B COA H . -3.37 -15.78 -8.65
P1A COA H . -2.48 -16.13 -7.26
O1A COA H . -3.49 -16.11 -6.15
O2A COA H . -1.90 -17.52 -7.32
O3A COA H . -1.31 -15.01 -7.04
P2A COA H . 0.33 -15.12 -7.31
O4A COA H . 0.68 -16.24 -8.27
O5A COA H . 0.83 -13.80 -7.86
O6A COA H . 1.10 -15.43 -5.91
CBP COA H . 1.32 -13.54 -4.44
CCP COA H . 2.06 -14.54 -5.40
CDP COA H . -0.07 -14.08 -4.13
CEP COA H . 1.12 -12.18 -5.15
CAP COA H . 2.10 -13.37 -3.09
OAP COA H . 2.09 -14.54 -2.39
C9P COA H . 3.56 -12.89 -3.22
O9P COA H . 3.97 -12.37 -4.22
N8P COA H . 4.47 -13.10 -2.06
C7P COA H . 5.85 -12.67 -2.09
C6P COA H . 6.94 -13.74 -2.40
C5P COA H . 7.26 -14.51 -1.09
O5P COA H . 6.61 -15.42 -0.70
N4P COA H . 8.44 -14.07 -0.32
C3P COA H . 9.25 -12.95 -0.81
C2P COA H . 9.28 -12.03 0.45
S1P COA H . 7.68 -11.20 0.65
#